data_3U2Z
#
_entry.id   3U2Z
#
_cell.length_a   80.762
_cell.length_b   151.163
_cell.length_c   93.213
_cell.angle_alpha   90.000
_cell.angle_beta   102.940
_cell.angle_gamma   90.000
#
_symmetry.space_group_name_H-M   'P 1 21 1'
#
loop_
_entity.id
_entity.type
_entity.pdbx_description
1 polymer 'Pyruvate kinase isozymes M1/M2'
2 non-polymer 1,6-di-O-phosphono-beta-D-fructofuranose
3 non-polymer 'UNKNOWN ATOM OR ION'
4 non-polymer "6-(3-aminobenzyl)-4-methyl-2-methylsulfinyl-4,6-dihydro-5H-thieno[2',3':4,5]pyrrolo[2,3-d]pyridazin-5-one"
5 water water
#
_entity_poly.entity_id   1
_entity_poly.type   'polypeptide(L)'
_entity_poly.pdbx_seq_one_letter_code
;GSMSKPHSEAGTAFIQTQQLHAAMADTFLEHMCRLDIDSPPITARNTGIICTIGPASRSVETLKEMIKSGMNVARLNFSH
GTHEYHAETIKNVRTATESFASDPILYRPVAVALDTKGPEIRTGLIKGSGTAEVELKKGATLKITLDNAYMEKCDENILW
LDYKNICKVVEVGSKIYVDDGLISLQVKQKGADFLVTEVENGGSLGSKKGVNLPGAAVDLPAVSEKDIQDLKFGVEQDVD
MVFASFIRKASDVHEVRKVLGEKGKNIKIISKIENHEGVRRFDEILEASDGIMVARGDLGIEIPAEKVFLAQKMMIGRCN
RAGKPVICATQMLESMIKKPRPTRAEGSDVANAVLDGADCIMLSGETAKGDYPLEAVRMQHLIAREAEAAIYHLQLFEEL
RRLAPITSDPTEATAVGAVEASFKCCSGAIIVLTKSGRSAHQVARYRPRAPIIAVTRNPQTARQAHLYRGIFPVLCKDPV
QEAWAEDVDLRVNFAMNVGKARGFFKKGDVVIVLTGWRPGSGFTNTMRVVPVP
;
_entity_poly.pdbx_strand_id   A,B,C,D
#
# COMPACT_ATOMS: atom_id res chain seq x y z
N ILE A 15 -13.92 -20.13 -0.63
CA ILE A 15 -13.70 -19.18 0.51
C ILE A 15 -12.96 -19.90 1.63
N GLN A 16 -13.52 -21.05 2.02
CA GLN A 16 -13.06 -21.82 3.17
C GLN A 16 -12.18 -23.01 2.77
N THR A 17 -11.37 -22.83 1.72
CA THR A 17 -10.29 -23.75 1.40
C THR A 17 -9.11 -22.91 1.01
N GLN A 18 -7.93 -23.52 1.07
CA GLN A 18 -6.69 -22.89 0.63
C GLN A 18 -6.40 -21.51 1.28
N GLN A 19 -6.92 -21.27 2.48
CA GLN A 19 -6.73 -19.98 3.17
C GLN A 19 -7.13 -18.80 2.25
N LEU A 20 -8.14 -18.99 1.39
CA LEU A 20 -8.66 -17.89 0.56
C LEU A 20 -9.32 -16.75 1.35
N HIS A 21 -9.86 -16.99 2.53
CA HIS A 21 -10.34 -15.88 3.38
C HIS A 21 -9.13 -14.98 3.80
N ALA A 22 -8.03 -15.61 4.24
CA ALA A 22 -6.77 -14.90 4.49
C ALA A 22 -6.22 -14.22 3.26
N ALA A 23 -6.35 -14.88 2.12
CA ALA A 23 -5.75 -14.38 0.86
C ALA A 23 -6.29 -13.00 0.50
N MET A 24 -7.56 -12.78 0.79
CA MET A 24 -8.24 -11.54 0.46
C MET A 24 -8.09 -10.37 1.47
N ALA A 25 -7.34 -10.56 2.57
CA ALA A 25 -7.17 -9.49 3.56
C ALA A 25 -6.45 -8.29 2.96
N ASP A 26 -6.90 -7.10 3.31
CA ASP A 26 -6.29 -5.84 2.85
C ASP A 26 -4.95 -5.48 3.55
N THR A 27 -4.66 -6.14 4.70
CA THR A 27 -3.41 -5.94 5.43
C THR A 27 -2.77 -7.28 5.76
N PHE A 28 -1.47 -7.26 5.95
CA PHE A 28 -0.76 -8.46 6.36
C PHE A 28 -1.22 -8.87 7.74
N LEU A 29 -1.48 -7.90 8.61
CA LEU A 29 -1.91 -8.22 9.95
C LEU A 29 -3.26 -8.95 9.91
N GLU A 30 -4.21 -8.40 9.16
CA GLU A 30 -5.51 -9.07 9.02
C GLU A 30 -5.39 -10.44 8.33
N HIS A 31 -4.51 -10.53 7.35
CA HIS A 31 -4.20 -11.80 6.74
C HIS A 31 -3.79 -12.89 7.78
N MET A 32 -2.81 -12.57 8.64
CA MET A 32 -2.42 -13.47 9.74
C MET A 32 -3.63 -13.86 10.60
N CYS A 33 -4.45 -12.87 10.95
CA CYS A 33 -5.62 -13.05 11.81
C CYS A 33 -6.67 -14.00 11.23
N ARG A 34 -6.67 -14.15 9.92
CA ARG A 34 -7.63 -15.01 9.20
C ARG A 34 -7.05 -16.39 8.90
N LEU A 35 -5.77 -16.60 9.13
CA LEU A 35 -5.23 -17.95 8.90
C LEU A 35 -6.08 -18.99 9.67
N ASP A 36 -6.46 -20.07 9.01
CA ASP A 36 -7.49 -20.97 9.53
C ASP A 36 -7.10 -22.46 9.47
N ILE A 37 -6.99 -23.09 10.65
CA ILE A 37 -6.57 -24.49 10.71
C ILE A 37 -7.62 -25.43 10.10
N ASP A 38 -8.87 -24.99 10.06
CA ASP A 38 -9.92 -25.73 9.37
C ASP A 38 -10.06 -25.35 7.90
N SER A 39 -9.04 -24.72 7.29
CA SER A 39 -9.09 -24.41 5.85
C SER A 39 -8.10 -25.31 5.11
N PRO A 40 -8.59 -26.40 4.50
CA PRO A 40 -7.75 -27.39 3.84
C PRO A 40 -7.02 -26.94 2.56
N PRO A 41 -5.77 -27.33 2.41
CA PRO A 41 -5.03 -27.00 1.19
C PRO A 41 -5.48 -27.80 -0.05
N ILE A 42 -5.09 -27.33 -1.25
CA ILE A 42 -5.16 -28.13 -2.50
C ILE A 42 -4.20 -29.32 -2.47
N THR A 43 -4.35 -30.19 -3.46
CA THR A 43 -3.48 -31.37 -3.58
C THR A 43 -2.03 -31.02 -3.92
N ALA A 44 -1.81 -30.04 -4.79
CA ALA A 44 -0.51 -29.85 -5.40
C ALA A 44 0.44 -29.22 -4.36
N ARG A 45 1.63 -29.77 -4.22
CA ARG A 45 2.64 -29.17 -3.37
C ARG A 45 3.72 -28.55 -4.24
N ASN A 46 4.00 -27.26 -4.03
CA ASN A 46 4.85 -26.50 -4.95
C ASN A 46 6.32 -26.53 -4.57
N THR A 47 6.59 -26.68 -3.29
CA THR A 47 7.96 -26.57 -2.82
C THR A 47 8.66 -27.90 -3.01
N GLY A 48 9.78 -27.88 -3.71
CA GLY A 48 10.53 -29.11 -3.98
C GLY A 48 11.19 -29.64 -2.73
N ILE A 49 11.28 -30.95 -2.65
CA ILE A 49 11.88 -31.62 -1.52
C ILE A 49 13.14 -32.39 -1.95
N ILE A 50 14.27 -32.04 -1.36
CA ILE A 50 15.55 -32.66 -1.64
C ILE A 50 15.92 -33.57 -0.49
N CYS A 51 16.14 -34.86 -0.78
CA CYS A 51 16.47 -35.84 0.27
C CYS A 51 17.87 -36.36 0.08
N THR A 52 18.64 -36.34 1.16
CA THR A 52 19.96 -36.96 1.17
C THR A 52 19.80 -38.47 1.34
N ILE A 53 20.40 -39.20 0.40
CA ILE A 53 20.35 -40.66 0.40
C ILE A 53 21.56 -41.25 1.16
N GLY A 54 21.33 -42.25 1.97
CA GLY A 54 22.41 -42.90 2.69
C GLY A 54 21.91 -44.25 3.12
N PRO A 55 22.53 -44.83 4.15
CA PRO A 55 22.20 -46.19 4.50
C PRO A 55 20.70 -46.42 4.73
N ALA A 56 20.02 -45.49 5.42
CA ALA A 56 18.60 -45.70 5.73
C ALA A 56 17.70 -45.62 4.50
N SER A 57 18.20 -45.09 3.40
CA SER A 57 17.29 -44.82 2.29
C SER A 57 17.76 -45.24 0.90
N ARG A 58 18.87 -45.97 0.78
CA ARG A 58 19.44 -46.25 -0.53
C ARG A 58 18.97 -47.55 -1.21
N SER A 59 18.17 -48.37 -0.53
CA SER A 59 17.56 -49.53 -1.20
C SER A 59 16.51 -49.08 -2.23
N VAL A 60 16.40 -49.81 -3.33
CA VAL A 60 15.33 -49.59 -4.30
C VAL A 60 13.97 -49.56 -3.62
N GLU A 61 13.70 -50.53 -2.75
CA GLU A 61 12.42 -50.62 -2.05
C GLU A 61 12.06 -49.32 -1.34
N THR A 62 13.00 -48.79 -0.56
CA THR A 62 12.77 -47.58 0.20
C THR A 62 12.71 -46.39 -0.72
N LEU A 63 13.53 -46.37 -1.77
CA LEU A 63 13.57 -45.21 -2.66
C LEU A 63 12.21 -45.08 -3.37
N LYS A 64 11.63 -46.19 -3.77
CA LYS A 64 10.28 -46.17 -4.32
C LYS A 64 9.28 -45.46 -3.39
N GLU A 65 9.36 -45.73 -2.09
CA GLU A 65 8.45 -45.14 -1.14
C GLU A 65 8.77 -43.65 -0.93
N MET A 66 10.05 -43.27 -1.07
CA MET A 66 10.45 -41.86 -1.00
C MET A 66 9.84 -41.06 -2.15
N ILE A 67 9.84 -41.63 -3.33
CA ILE A 67 9.23 -41.02 -4.50
C ILE A 67 7.72 -40.90 -4.27
N LYS A 68 7.09 -41.95 -3.78
CA LYS A 68 5.64 -41.87 -3.51
C LYS A 68 5.30 -40.84 -2.43
N SER A 69 6.20 -40.67 -1.46
CA SER A 69 6.01 -39.76 -0.34
C SER A 69 6.33 -38.31 -0.68
N GLY A 70 7.11 -38.06 -1.74
CA GLY A 70 7.25 -36.75 -2.29
C GLY A 70 8.65 -36.32 -2.70
N MET A 71 9.65 -37.20 -2.58
CA MET A 71 11.03 -36.80 -2.92
C MET A 71 11.18 -36.37 -4.39
N ASN A 72 11.78 -35.19 -4.64
CA ASN A 72 11.99 -34.69 -6.00
C ASN A 72 13.44 -34.75 -6.48
N VAL A 73 14.37 -34.60 -5.54
CA VAL A 73 15.79 -34.62 -5.81
C VAL A 73 16.45 -35.56 -4.79
N ALA A 74 17.36 -36.39 -5.28
CA ALA A 74 18.17 -37.26 -4.44
C ALA A 74 19.55 -36.63 -4.36
N ARG A 75 19.93 -36.25 -3.15
CA ARG A 75 21.25 -35.67 -2.88
C ARG A 75 22.23 -36.71 -2.38
N LEU A 76 23.43 -36.68 -2.93
CA LEU A 76 24.53 -37.52 -2.52
C LEU A 76 25.61 -36.65 -1.96
N ASN A 77 26.01 -36.96 -0.74
CA ASN A 77 26.96 -36.19 0.01
C ASN A 77 28.34 -36.79 -0.16
N PHE A 78 29.19 -36.11 -0.94
CA PHE A 78 30.54 -36.64 -1.22
C PHE A 78 31.59 -36.39 -0.12
N SER A 79 31.16 -35.85 1.03
CA SER A 79 32.05 -35.84 2.20
C SER A 79 32.36 -37.25 2.66
N HIS A 80 31.49 -38.21 2.36
CA HIS A 80 31.71 -39.61 2.70
C HIS A 80 31.44 -40.50 1.52
N GLY A 81 32.01 -41.71 1.57
CA GLY A 81 31.69 -42.81 0.67
C GLY A 81 32.57 -42.81 -0.57
N THR A 82 32.77 -43.99 -1.14
CA THR A 82 33.56 -44.16 -2.35
C THR A 82 32.71 -43.92 -3.60
N HIS A 83 33.39 -43.83 -4.75
CA HIS A 83 32.72 -43.68 -6.03
C HIS A 83 31.85 -44.89 -6.36
N GLU A 84 32.36 -46.08 -6.07
CA GLU A 84 31.56 -47.29 -6.18
C GLU A 84 30.28 -47.22 -5.34
N TYR A 85 30.38 -46.76 -4.11
CA TYR A 85 29.22 -46.68 -3.23
C TYR A 85 28.17 -45.73 -3.82
N HIS A 86 28.61 -44.53 -4.20
CA HIS A 86 27.71 -43.54 -4.78
C HIS A 86 27.15 -43.95 -6.15
N ALA A 87 27.94 -44.65 -6.96
CA ALA A 87 27.46 -45.20 -8.24
C ALA A 87 26.29 -46.15 -8.07
N GLU A 88 26.37 -47.01 -7.06
CA GLU A 88 25.30 -47.93 -6.77
C GLU A 88 24.06 -47.21 -6.20
N THR A 89 24.25 -46.22 -5.35
CA THR A 89 23.13 -45.44 -4.83
C THR A 89 22.38 -44.84 -6.01
N ILE A 90 23.13 -44.24 -6.93
CA ILE A 90 22.60 -43.61 -8.12
C ILE A 90 21.84 -44.58 -9.03
N LYS A 91 22.39 -45.77 -9.19
CA LYS A 91 21.72 -46.81 -9.94
C LYS A 91 20.41 -47.19 -9.27
N ASN A 92 20.42 -47.34 -7.95
CA ASN A 92 19.19 -47.67 -7.23
C ASN A 92 18.17 -46.54 -7.37
N VAL A 93 18.61 -45.29 -7.40
CA VAL A 93 17.68 -44.19 -7.52
C VAL A 93 16.99 -44.27 -8.88
N ARG A 94 17.79 -44.47 -9.92
CA ARG A 94 17.28 -44.65 -11.27
C ARG A 94 16.39 -45.89 -11.43
N THR A 95 16.73 -46.99 -10.79
CA THR A 95 15.86 -48.17 -10.81
C THR A 95 14.50 -47.91 -10.14
N ALA A 96 14.49 -47.27 -8.99
CA ALA A 96 13.23 -46.91 -8.31
C ALA A 96 12.41 -45.90 -9.17
N THR A 97 13.08 -44.90 -9.73
CA THR A 97 12.40 -43.89 -10.54
C THR A 97 11.79 -44.48 -11.79
N GLU A 98 12.56 -45.27 -12.53
CA GLU A 98 12.06 -45.93 -13.74
C GLU A 98 11.05 -47.05 -13.48
N SER A 99 10.88 -47.49 -12.25
CA SER A 99 9.84 -48.54 -12.00
C SER A 99 8.43 -47.99 -12.26
N PHE A 100 8.29 -46.66 -12.20
CA PHE A 100 7.03 -45.96 -12.48
C PHE A 100 6.84 -45.45 -13.95
N ALA A 101 7.81 -45.69 -14.83
CA ALA A 101 7.82 -45.14 -16.22
C ALA A 101 6.80 -45.75 -17.21
N SER A 102 6.31 -46.94 -16.94
CA SER A 102 5.33 -47.63 -17.82
C SER A 102 4.11 -46.76 -18.16
N ASP A 103 3.62 -45.98 -17.19
CA ASP A 103 2.57 -44.97 -17.45
C ASP A 103 3.14 -43.56 -17.38
N PRO A 104 3.43 -42.96 -18.53
CA PRO A 104 4.03 -41.62 -18.53
C PRO A 104 3.21 -40.56 -17.82
N ILE A 105 1.89 -40.75 -17.74
CA ILE A 105 1.00 -39.84 -17.02
C ILE A 105 1.29 -39.76 -15.52
N LEU A 106 1.73 -40.86 -14.92
CA LEU A 106 2.00 -40.90 -13.48
C LEU A 106 3.50 -40.92 -13.11
N TYR A 107 4.37 -41.06 -14.11
CA TYR A 107 5.81 -40.98 -13.90
C TYR A 107 6.19 -39.67 -13.24
N ARG A 108 6.94 -39.75 -12.14
CA ARG A 108 7.50 -38.56 -11.50
C ARG A 108 9.00 -38.51 -11.76
N PRO A 109 9.48 -37.47 -12.47
CA PRO A 109 10.94 -37.33 -12.60
C PRO A 109 11.65 -37.10 -11.25
N VAL A 110 12.84 -37.67 -11.07
CA VAL A 110 13.66 -37.44 -9.88
C VAL A 110 15.07 -37.03 -10.34
N ALA A 111 15.55 -35.91 -9.80
CA ALA A 111 16.87 -35.39 -10.12
C ALA A 111 17.93 -36.00 -9.20
N VAL A 112 19.18 -35.97 -9.65
CA VAL A 112 20.32 -36.44 -8.85
C VAL A 112 21.25 -35.28 -8.66
N ALA A 113 21.52 -34.98 -7.40
CA ALA A 113 22.39 -33.88 -7.02
C ALA A 113 23.63 -34.41 -6.35
N LEU A 114 24.77 -33.87 -6.76
CA LEU A 114 26.07 -34.15 -6.18
C LEU A 114 26.51 -33.00 -5.28
N ASP A 115 26.58 -33.25 -3.97
CA ASP A 115 27.01 -32.23 -3.00
C ASP A 115 28.51 -32.42 -2.74
N THR A 116 29.33 -31.47 -3.19
CA THR A 116 30.78 -31.64 -3.11
C THR A 116 31.28 -31.57 -1.66
N LYS A 117 32.42 -32.19 -1.40
CA LYS A 117 33.05 -32.12 -0.09
C LYS A 117 33.58 -30.72 0.20
N GLY A 118 34.34 -30.19 -0.77
CA GLY A 118 34.81 -28.83 -0.68
C GLY A 118 35.91 -28.67 0.33
N PRO A 119 36.21 -27.43 0.72
CA PRO A 119 37.34 -27.22 1.60
C PRO A 119 36.98 -27.52 3.07
N GLU A 120 36.91 -28.80 3.41
CA GLU A 120 36.58 -29.30 4.76
C GLU A 120 37.79 -29.60 5.61
N ILE A 121 37.57 -29.50 6.91
CA ILE A 121 38.49 -30.01 7.89
C ILE A 121 37.74 -31.14 8.63
N ARG A 122 38.36 -32.32 8.68
CA ARG A 122 37.74 -33.49 9.27
C ARG A 122 38.67 -34.10 10.29
N THR A 123 38.08 -34.70 11.33
CA THR A 123 38.82 -35.43 12.32
C THR A 123 39.06 -36.85 11.82
N GLY A 124 39.87 -37.59 12.56
CA GLY A 124 40.23 -38.96 12.21
C GLY A 124 39.25 -39.98 12.79
N LEU A 125 39.68 -41.24 12.78
CA LEU A 125 38.92 -42.34 13.37
C LEU A 125 39.20 -42.43 14.85
N ILE A 126 38.13 -42.58 15.62
CA ILE A 126 38.25 -42.92 17.03
C ILE A 126 38.74 -44.35 17.19
N LYS A 127 39.89 -44.50 17.85
CA LYS A 127 40.49 -45.80 18.14
C LYS A 127 40.49 -46.76 16.93
N GLY A 128 40.67 -46.20 15.74
CA GLY A 128 40.75 -47.01 14.52
C GLY A 128 39.42 -47.47 13.95
N SER A 129 38.31 -47.04 14.57
CA SER A 129 36.99 -47.40 14.11
C SER A 129 36.18 -46.17 13.71
N GLY A 130 35.42 -46.31 12.63
CA GLY A 130 34.56 -45.25 12.15
C GLY A 130 33.31 -45.08 13.00
N THR A 131 32.99 -46.09 13.81
CA THR A 131 31.79 -46.09 14.63
C THR A 131 32.08 -45.87 16.13
N ALA A 132 33.35 -46.03 16.51
CA ALA A 132 33.80 -45.78 17.89
C ALA A 132 33.59 -44.33 18.32
N GLU A 133 33.31 -44.15 19.60
CA GLU A 133 33.12 -42.81 20.17
C GLU A 133 33.73 -42.78 21.58
N VAL A 134 34.17 -41.60 22.00
CA VAL A 134 34.50 -41.32 23.40
C VAL A 134 33.59 -40.18 23.88
N GLU A 135 33.09 -40.27 25.12
CA GLU A 135 32.35 -39.14 25.72
C GLU A 135 33.36 -38.32 26.52
N LEU A 136 33.47 -37.03 26.21
CA LEU A 136 34.42 -36.11 26.88
C LEU A 136 33.73 -35.21 27.93
N LYS A 137 34.50 -34.75 28.92
CA LYS A 137 33.98 -33.89 29.99
C LYS A 137 34.57 -32.48 29.94
N LYS A 138 33.74 -31.49 30.33
CA LYS A 138 34.14 -30.06 30.39
C LYS A 138 35.35 -29.86 31.31
N GLY A 139 36.32 -29.07 30.87
CA GLY A 139 37.52 -28.78 31.65
C GLY A 139 38.65 -29.81 31.53
N ALA A 140 38.59 -30.65 30.49
CA ALA A 140 39.65 -31.62 30.21
C ALA A 140 40.69 -31.01 29.29
N THR A 141 41.76 -31.76 29.06
CA THR A 141 42.82 -31.37 28.12
C THR A 141 42.71 -32.26 26.89
N LEU A 142 42.89 -31.67 25.71
CA LEU A 142 42.88 -32.43 24.47
C LEU A 142 43.97 -31.88 23.53
N LYS A 143 44.93 -32.74 23.21
CA LYS A 143 45.95 -32.41 22.24
C LYS A 143 45.41 -32.69 20.83
N ILE A 144 45.54 -31.73 19.93
CA ILE A 144 45.27 -31.94 18.52
C ILE A 144 46.61 -32.16 17.81
N THR A 145 46.59 -32.95 16.73
CA THR A 145 47.83 -33.31 16.01
C THR A 145 47.60 -33.41 14.49
N LEU A 146 48.65 -33.17 13.71
CA LEU A 146 48.61 -33.41 12.26
C LEU A 146 49.48 -34.62 11.90
N ASP A 147 50.19 -35.17 12.88
CA ASP A 147 50.98 -36.38 12.69
C ASP A 147 50.08 -37.53 12.23
N ASN A 148 50.07 -37.74 10.91
CA ASN A 148 49.32 -38.84 10.27
C ASN A 148 49.49 -40.23 10.91
N ALA A 149 50.50 -40.41 11.76
CA ALA A 149 50.60 -41.65 12.54
C ALA A 149 49.44 -41.80 13.53
N TYR A 150 48.73 -40.72 13.82
CA TYR A 150 47.61 -40.77 14.77
C TYR A 150 46.26 -40.65 14.10
N MET A 151 46.23 -40.69 12.77
CA MET A 151 44.99 -40.37 12.04
C MET A 151 43.87 -41.37 12.32
N GLU A 152 44.23 -42.57 12.78
CA GLU A 152 43.24 -43.57 13.18
C GLU A 152 43.44 -43.98 14.64
N LYS A 153 44.03 -43.11 15.46
CA LYS A 153 44.19 -43.37 16.89
C LYS A 153 43.69 -42.17 17.70
N CYS A 154 42.62 -41.52 17.22
CA CYS A 154 41.99 -40.44 17.97
C CYS A 154 41.32 -41.01 19.22
N ASP A 155 41.52 -40.37 20.38
CA ASP A 155 40.84 -40.77 21.62
C ASP A 155 40.63 -39.59 22.57
N GLU A 156 40.31 -39.86 23.83
CA GLU A 156 40.13 -38.83 24.86
C GLU A 156 41.24 -37.74 24.89
N ASN A 157 42.46 -38.11 24.54
CA ASN A 157 43.63 -37.23 24.71
C ASN A 157 44.21 -36.63 23.42
N ILE A 158 44.23 -37.42 22.35
CA ILE A 158 44.84 -37.02 21.09
C ILE A 158 43.77 -36.96 20.01
N LEU A 159 43.77 -35.90 19.21
CA LEU A 159 42.80 -35.78 18.12
C LEU A 159 43.55 -35.40 16.83
N TRP A 160 43.40 -36.21 15.78
CA TRP A 160 44.03 -35.90 14.47
C TRP A 160 43.09 -35.12 13.53
N LEU A 161 43.67 -34.16 12.82
CA LEU A 161 42.97 -33.37 11.84
C LEU A 161 43.68 -33.43 10.50
N ASP A 162 42.91 -33.30 9.43
CA ASP A 162 43.45 -33.36 8.08
C ASP A 162 43.88 -32.00 7.52
N TYR A 163 43.66 -30.90 8.25
CA TYR A 163 44.09 -29.58 7.73
C TYR A 163 45.56 -29.35 8.03
N LYS A 164 46.41 -29.62 7.05
CA LYS A 164 47.89 -29.55 7.20
C LYS A 164 48.41 -28.15 7.55
N ASN A 165 47.69 -27.09 7.19
CA ASN A 165 48.14 -25.73 7.50
C ASN A 165 47.53 -25.14 8.81
N ILE A 166 47.00 -26.02 9.66
CA ILE A 166 46.20 -25.63 10.84
C ILE A 166 46.89 -24.59 11.73
N CYS A 167 48.18 -24.73 11.90
CA CYS A 167 48.92 -23.88 12.83
C CYS A 167 49.25 -22.49 12.25
N LYS A 168 49.30 -22.38 10.93
CA LYS A 168 49.61 -21.11 10.26
CA VAL A 169 46.47 -20.17 10.39
C VAL A 169 45.63 -19.87 11.64
N VAL A 170 46.08 -20.37 12.79
CA VAL A 170 45.38 -20.24 14.09
C VAL A 170 46.23 -19.50 15.12
N GLU A 171 45.59 -19.02 16.18
CA GLU A 171 46.26 -18.27 17.25
C GLU A 171 45.81 -18.73 18.64
N VAL A 172 46.70 -18.61 19.62
CA VAL A 172 46.38 -18.95 21.02
C VAL A 172 45.11 -18.22 21.45
N GLY A 173 44.26 -18.91 22.23
CA GLY A 173 42.97 -18.37 22.65
C GLY A 173 41.86 -18.58 21.63
N SER A 174 42.22 -18.97 20.41
CA SER A 174 41.22 -19.25 19.38
C SER A 174 40.35 -20.40 19.80
N LYS A 175 39.11 -20.36 19.30
CA LYS A 175 38.14 -21.40 19.53
C LYS A 175 38.06 -22.29 18.27
N ILE A 176 38.14 -23.59 18.53
CA ILE A 176 38.01 -24.65 17.54
C ILE A 176 36.75 -25.43 17.85
N TYR A 177 35.94 -25.69 16.83
CA TYR A 177 34.66 -26.34 17.01
C TYR A 177 34.63 -27.65 16.26
N VAL A 178 34.15 -28.68 16.94
CA VAL A 178 34.08 -30.02 16.40
C VAL A 178 32.64 -30.53 16.44
N ASP A 179 32.21 -31.12 15.33
CA ASP A 179 30.93 -31.86 15.22
C ASP A 179 29.78 -30.89 15.26
N ASP A 180 29.58 -30.20 14.13
CA ASP A 180 28.45 -29.34 13.99
C ASP A 180 28.45 -28.38 15.19
N GLY A 181 29.64 -27.92 15.59
CA GLY A 181 29.77 -26.90 16.61
C GLY A 181 29.46 -27.34 18.02
N LEU A 182 29.17 -28.62 18.24
CA LEU A 182 28.66 -29.04 19.54
C LEU A 182 29.78 -29.19 20.55
N ILE A 183 30.97 -29.58 20.11
CA ILE A 183 32.13 -29.58 20.99
C ILE A 183 32.99 -28.35 20.72
N SER A 184 33.44 -27.73 21.79
CA SER A 184 34.18 -26.48 21.74
C SER A 184 35.54 -26.68 22.42
N LEU A 185 36.61 -26.32 21.73
CA LEU A 185 37.95 -26.36 22.28
C LEU A 185 38.57 -24.96 22.27
N GLN A 186 39.47 -24.69 23.20
CA GLN A 186 40.14 -23.40 23.27
C GLN A 186 41.66 -23.61 23.26
N VAL A 187 42.37 -22.91 22.36
CA VAL A 187 43.82 -23.10 22.23
C VAL A 187 44.63 -22.48 23.38
N LYS A 188 45.15 -23.33 24.26
CA LYS A 188 46.02 -22.91 25.34
C LYS A 188 47.49 -22.67 24.88
N GLN A 189 47.95 -23.40 23.87
CA GLN A 189 49.35 -23.32 23.41
C GLN A 189 49.53 -23.91 22.00
N LYS A 190 50.32 -23.23 21.15
CA LYS A 190 50.59 -23.69 19.78
C LYS A 190 51.83 -24.58 19.71
N GLY A 191 52.20 -25.00 18.50
CA GLY A 191 53.32 -25.94 18.31
C GLY A 191 53.74 -26.13 16.86
N ALA A 192 54.70 -27.03 16.64
CA ALA A 192 55.21 -27.31 15.28
C ALA A 192 54.11 -27.88 14.38
N ASP A 193 53.51 -28.99 14.81
CA ASP A 193 52.36 -29.61 14.13
C ASP A 193 51.35 -30.14 15.15
N PHE A 194 51.20 -29.41 16.27
CA PHE A 194 50.28 -29.80 17.35
C PHE A 194 49.73 -28.59 18.11
N LEU A 195 48.46 -28.68 18.51
CA LEU A 195 47.84 -27.70 19.40
C LEU A 195 47.47 -28.40 20.71
N VAL A 196 47.46 -27.64 21.81
CA VAL A 196 47.04 -28.13 23.13
C VAL A 196 45.81 -27.34 23.55
N THR A 197 44.73 -28.04 23.93
CA THR A 197 43.43 -27.38 24.17
C THR A 197 42.74 -27.80 25.46
N GLU A 198 41.76 -27.00 25.88
CA GLU A 198 40.85 -27.35 26.98
C GLU A 198 39.42 -27.55 26.42
N VAL A 199 38.79 -28.67 26.79
CA VAL A 199 37.40 -28.91 26.40
C VAL A 199 36.48 -27.89 27.09
N GLU A 200 36.09 -26.85 26.35
CA GLU A 200 35.20 -25.79 26.84
C GLU A 200 33.76 -26.34 26.96
N ASN A 201 33.32 -27.10 25.96
CA ASN A 201 32.05 -27.81 26.03
C ASN A 201 32.19 -29.29 25.69
N GLY A 202 31.79 -30.14 26.63
CA GLY A 202 31.84 -31.60 26.45
C GLY A 202 30.71 -32.17 25.62
N GLY A 203 30.76 -33.50 25.43
CA GLY A 203 29.81 -34.23 24.60
C GLY A 203 30.49 -35.52 24.13
N SER A 204 29.79 -36.32 23.34
CA SER A 204 30.39 -37.52 22.74
C SER A 204 31.10 -37.19 21.41
N LEU A 205 32.43 -37.35 21.39
CA LEU A 205 33.28 -37.12 20.21
C LEU A 205 33.38 -38.39 19.37
N GLY A 206 33.04 -38.29 18.10
CA GLY A 206 33.08 -39.42 17.15
C GLY A 206 34.17 -39.29 16.08
N SER A 207 34.14 -40.19 15.09
CA SER A 207 35.12 -40.20 14.02
C SER A 207 34.69 -39.29 12.86
N LYS A 208 35.67 -38.88 12.07
CA LYS A 208 35.43 -38.08 10.83
C LYS A 208 34.38 -37.01 11.01
N LYS A 209 34.55 -36.19 12.04
CA LYS A 209 33.63 -35.07 12.31
C LYS A 209 34.14 -33.75 11.73
N GLY A 210 33.21 -32.87 11.37
CA GLY A 210 33.54 -31.57 10.80
C GLY A 210 34.12 -30.63 11.85
N VAL A 211 35.12 -29.84 11.44
CA VAL A 211 35.85 -28.93 12.35
C VAL A 211 35.75 -27.53 11.78
N ASN A 212 35.44 -26.55 12.62
CA ASN A 212 35.32 -25.18 12.16
C ASN A 212 36.27 -24.27 12.89
N LEU A 213 36.77 -23.29 12.15
CA LEU A 213 37.67 -22.28 12.67
C LEU A 213 37.10 -20.91 12.31
N PRO A 214 36.04 -20.49 13.05
N PRO A 214 36.04 -20.48 13.03
CA PRO A 214 35.48 -19.17 12.81
CA PRO A 214 35.28 -19.28 12.63
C PRO A 214 36.44 -18.10 13.34
C PRO A 214 36.11 -18.00 12.57
N GLY A 215 36.72 -17.12 12.50
N GLY A 215 37.15 -17.89 13.39
CA GLY A 215 37.69 -16.11 12.84
CA GLY A 215 37.93 -16.65 13.48
C GLY A 215 39.09 -16.50 12.42
C GLY A 215 39.13 -16.61 12.55
N ALA A 216 39.21 -17.57 11.63
CA ALA A 216 40.49 -17.93 10.98
C ALA A 216 40.38 -17.93 9.46
N ALA A 217 41.50 -17.60 8.80
CA ALA A 217 41.55 -17.46 7.36
C ALA A 217 41.97 -18.78 6.70
N VAL A 218 40.98 -19.65 6.46
CA VAL A 218 41.21 -20.99 5.88
C VAL A 218 41.54 -20.93 4.38
N ASP A 219 42.82 -21.12 4.05
CA ASP A 219 43.36 -20.90 2.69
C ASP A 219 43.29 -22.12 1.77
N LEU A 220 42.40 -23.06 2.09
CA LEU A 220 42.21 -24.28 1.32
C LEU A 220 41.61 -23.96 -0.04
N PRO A 221 42.01 -24.74 -1.07
CA PRO A 221 41.54 -24.41 -2.41
C PRO A 221 40.04 -24.49 -2.51
N ALA A 222 39.50 -23.68 -3.41
CA ALA A 222 38.09 -23.68 -3.74
C ALA A 222 37.65 -25.08 -4.19
N VAL A 223 38.45 -25.64 -5.11
CA VAL A 223 38.21 -26.95 -5.67
C VAL A 223 39.49 -27.80 -5.49
N SER A 224 39.44 -28.73 -4.52
CA SER A 224 40.54 -29.66 -4.25
C SER A 224 40.59 -30.72 -5.30
N GLU A 225 41.68 -31.49 -5.31
CA GLU A 225 41.83 -32.59 -6.26
C GLU A 225 40.72 -33.61 -6.03
N LYS A 226 40.33 -33.84 -4.78
CA LYS A 226 39.20 -34.74 -4.54
C LYS A 226 37.94 -34.20 -5.17
N ASP A 227 37.66 -32.92 -4.97
CA ASP A 227 36.52 -32.30 -5.65
C ASP A 227 36.59 -32.49 -7.16
N ILE A 228 37.79 -32.40 -7.76
CA ILE A 228 37.92 -32.58 -9.20
C ILE A 228 37.61 -34.02 -9.59
N GLN A 229 38.15 -34.96 -8.83
CA GLN A 229 37.79 -36.36 -9.02
C GLN A 229 36.27 -36.53 -8.94
N ASP A 230 35.65 -35.93 -7.94
CA ASP A 230 34.19 -36.09 -7.74
C ASP A 230 33.33 -35.44 -8.83
N LEU A 231 33.73 -34.25 -9.29
CA LEU A 231 33.01 -33.56 -10.37
C LEU A 231 33.08 -34.32 -11.70
N LYS A 232 34.23 -34.95 -11.97
CA LYS A 232 34.41 -35.79 -13.14
C LYS A 232 33.46 -36.97 -13.08
N PHE A 233 33.38 -37.61 -11.92
CA PHE A 233 32.41 -38.68 -11.65
C PHE A 233 30.98 -38.22 -11.88
N GLY A 234 30.62 -37.06 -11.36
CA GLY A 234 29.27 -36.52 -11.55
C GLY A 234 28.92 -36.37 -13.03
N VAL A 235 29.85 -35.85 -13.82
CA VAL A 235 29.67 -35.77 -15.27
C VAL A 235 29.45 -37.17 -15.86
N GLU A 236 30.33 -38.10 -15.54
CA GLU A 236 30.22 -39.45 -16.08
C GLU A 236 28.90 -40.10 -15.72
N GLN A 237 28.40 -39.76 -14.54
CA GLN A 237 27.20 -40.41 -14.03
C GLN A 237 25.93 -39.65 -14.44
N ASP A 238 26.11 -38.54 -15.15
CA ASP A 238 24.99 -37.75 -15.68
C ASP A 238 24.09 -37.13 -14.61
N VAL A 239 24.72 -36.55 -13.57
CA VAL A 239 23.98 -35.84 -12.54
C VAL A 239 23.37 -34.56 -13.09
N ASP A 240 22.32 -34.09 -12.42
CA ASP A 240 21.58 -32.93 -12.85
C ASP A 240 22.07 -31.62 -12.27
N MET A 241 22.65 -31.70 -11.08
CA MET A 241 23.09 -30.52 -10.41
C MET A 241 24.22 -30.81 -9.45
N VAL A 242 24.99 -29.77 -9.17
CA VAL A 242 26.08 -29.83 -8.24
C VAL A 242 25.81 -28.77 -7.19
N PHE A 243 25.89 -29.17 -5.91
CA PHE A 243 25.80 -28.27 -4.78
C PHE A 243 27.24 -28.08 -4.37
N ALA A 244 27.78 -26.89 -4.66
CA ALA A 244 29.20 -26.62 -4.44
C ALA A 244 29.44 -26.05 -3.03
N SER A 245 30.23 -26.75 -2.22
CA SER A 245 30.43 -26.37 -0.81
C SER A 245 31.33 -25.19 -0.63
N PHE A 246 30.99 -24.38 0.37
CA PHE A 246 31.82 -23.28 0.83
C PHE A 246 32.24 -22.27 -0.25
N ILE A 247 31.31 -21.89 -1.10
CA ILE A 247 31.55 -20.85 -2.09
C ILE A 247 31.74 -19.49 -1.39
N ARG A 248 32.87 -18.83 -1.66
CA ARG A 248 33.25 -17.60 -0.96
C ARG A 248 33.20 -16.34 -1.82
N LYS A 249 33.22 -16.51 -3.14
CA LYS A 249 33.28 -15.43 -4.09
C LYS A 249 32.94 -15.92 -5.51
N ALA A 250 32.74 -15.00 -6.44
CA ALA A 250 32.30 -15.38 -7.80
C ALA A 250 33.34 -16.27 -8.53
N SER A 251 34.62 -16.01 -8.31
CA SER A 251 35.68 -16.81 -8.96
C SER A 251 35.66 -18.28 -8.51
N ASP A 252 35.17 -18.56 -7.30
CA ASP A 252 34.93 -19.94 -6.87
C ASP A 252 33.88 -20.60 -7.79
N VAL A 253 32.77 -19.91 -8.05
CA VAL A 253 31.73 -20.44 -8.94
C VAL A 253 32.24 -20.61 -10.36
N HIS A 254 33.02 -19.65 -10.84
CA HIS A 254 33.57 -19.75 -12.19
C HIS A 254 34.52 -20.95 -12.29
N GLU A 255 35.28 -21.21 -11.23
CA GLU A 255 36.17 -22.36 -11.20
C GLU A 255 35.41 -23.67 -11.35
N VAL A 256 34.34 -23.84 -10.60
CA VAL A 256 33.54 -25.04 -10.75
C VAL A 256 32.96 -25.17 -12.16
N ARG A 257 32.44 -24.06 -12.68
CA ARG A 257 31.89 -24.05 -14.03
C ARG A 257 32.97 -24.42 -15.07
N LYS A 258 34.19 -23.93 -14.93
CA LYS A 258 35.24 -24.26 -15.90
C LYS A 258 35.73 -25.70 -15.71
N VAL A 259 35.76 -26.20 -14.45
CA VAL A 259 36.08 -27.60 -14.20
C VAL A 259 35.01 -28.51 -14.83
N LEU A 260 33.74 -28.21 -14.65
CA LEU A 260 32.69 -28.98 -15.35
C LEU A 260 32.85 -28.93 -16.89
N GLY A 261 33.34 -27.79 -17.41
CA GLY A 261 33.71 -27.64 -18.85
C GLY A 261 32.53 -27.89 -19.79
N GLU A 262 32.84 -28.30 -21.01
CA GLU A 262 31.84 -28.53 -22.06
C GLU A 262 30.93 -29.72 -21.73
N LYS A 263 31.53 -30.82 -21.32
CA LYS A 263 30.78 -32.03 -21.03
C LYS A 263 29.75 -31.76 -19.91
N GLY A 264 30.06 -30.85 -19.00
CA GLY A 264 29.17 -30.55 -17.88
C GLY A 264 28.43 -29.22 -18.02
N LYS A 265 28.39 -28.65 -19.21
CA LYS A 265 27.86 -27.30 -19.39
C LYS A 265 26.37 -27.19 -19.07
N ASN A 266 25.62 -28.29 -19.12
CA ASN A 266 24.19 -28.26 -18.77
C ASN A 266 23.89 -28.63 -17.31
N ILE A 267 24.92 -29.03 -16.57
CA ILE A 267 24.74 -29.26 -15.13
C ILE A 267 24.52 -27.95 -14.36
N LYS A 268 23.48 -27.88 -13.52
CA LYS A 268 23.19 -26.65 -12.77
C LYS A 268 24.13 -26.52 -11.55
N ILE A 269 24.68 -25.34 -11.32
CA ILE A 269 25.57 -25.15 -10.19
C ILE A 269 24.87 -24.37 -9.12
N ILE A 270 24.60 -25.02 -7.98
CA ILE A 270 24.01 -24.38 -6.81
C ILE A 270 25.10 -24.06 -5.83
N SER A 271 25.32 -22.79 -5.54
CA SER A 271 26.41 -22.40 -4.65
C SER A 271 25.94 -22.46 -3.18
N LYS A 272 26.67 -23.17 -2.31
CA LYS A 272 26.37 -23.25 -0.87
C LYS A 272 27.07 -22.12 -0.14
N ILE A 273 26.28 -21.34 0.57
CA ILE A 273 26.77 -20.17 1.30
C ILE A 273 26.88 -20.64 2.72
N GLU A 274 28.10 -20.69 3.21
CA GLU A 274 28.38 -21.38 4.45
C GLU A 274 29.31 -20.62 5.31
N ASN A 275 29.64 -19.37 4.96
CA ASN A 275 30.52 -18.60 5.79
C ASN A 275 30.37 -17.11 5.57
N HIS A 276 31.13 -16.35 6.33
CA HIS A 276 30.96 -14.93 6.41
C HIS A 276 31.27 -14.26 5.08
N GLU A 277 32.39 -14.65 4.45
CA GLU A 277 32.75 -14.07 3.16
C GLU A 277 31.67 -14.37 2.08
N GLY A 278 31.09 -15.57 2.08
CA GLY A 278 30.03 -15.91 1.13
C GLY A 278 28.78 -15.02 1.29
N VAL A 279 28.44 -14.68 2.54
CA VAL A 279 27.32 -13.78 2.79
C VAL A 279 27.67 -12.39 2.30
N ARG A 280 28.81 -11.85 2.71
CA ARG A 280 29.25 -10.55 2.26
C ARG A 280 29.29 -10.42 0.75
N ARG A 281 29.77 -11.46 0.05
CA ARG A 281 29.95 -11.33 -1.40
C ARG A 281 28.79 -11.97 -2.13
N PHE A 282 27.62 -11.99 -1.48
CA PHE A 282 26.52 -12.77 -2.00
C PHE A 282 26.09 -12.35 -3.40
N ASP A 283 26.05 -11.06 -3.67
CA ASP A 283 25.51 -10.62 -4.95
C ASP A 283 26.34 -11.16 -6.12
N GLU A 284 27.66 -11.13 -6.03
CA GLU A 284 28.47 -11.60 -7.17
C GLU A 284 28.40 -13.13 -7.28
N ILE A 285 28.17 -13.81 -6.16
CA ILE A 285 28.02 -15.25 -6.18
C ILE A 285 26.71 -15.60 -6.88
N LEU A 286 25.62 -14.93 -6.50
CA LEU A 286 24.32 -15.16 -7.13
C LEU A 286 24.36 -14.94 -8.65
N GLU A 287 24.92 -13.81 -9.06
CA GLU A 287 25.06 -13.50 -10.47
C GLU A 287 25.73 -14.67 -11.19
N ALA A 288 26.74 -15.30 -10.56
CA ALA A 288 27.54 -16.33 -11.19
C ALA A 288 26.90 -17.72 -11.19
N SER A 289 25.97 -17.95 -10.26
CA SER A 289 25.41 -19.27 -10.01
C SER A 289 24.09 -19.53 -10.71
N ASP A 290 23.67 -20.79 -10.74
CA ASP A 290 22.34 -21.14 -11.22
C ASP A 290 21.35 -21.11 -10.06
N GLY A 291 21.83 -21.10 -8.84
CA GLY A 291 20.96 -21.11 -7.68
C GLY A 291 21.83 -21.10 -6.46
N ILE A 292 21.17 -21.10 -5.30
CA ILE A 292 21.81 -20.91 -4.01
C ILE A 292 21.26 -21.94 -3.01
N MET A 293 22.15 -22.47 -2.17
CA MET A 293 21.71 -23.22 -1.01
C MET A 293 22.12 -22.43 0.22
N VAL A 294 21.14 -22.17 1.08
CA VAL A 294 21.39 -21.63 2.39
C VAL A 294 21.78 -22.79 3.32
N ALA A 295 23.09 -22.93 3.54
CA ALA A 295 23.70 -24.11 4.22
C ALA A 295 23.91 -23.79 5.69
N ARG A 296 22.81 -23.87 6.42
CA ARG A 296 22.71 -23.29 7.75
C ARG A 296 23.58 -23.97 8.79
N GLY A 297 23.93 -25.22 8.56
CA GLY A 297 24.78 -25.99 9.49
C GLY A 297 26.11 -25.31 9.73
N ASP A 298 26.93 -25.26 8.68
CA ASP A 298 28.21 -24.61 8.73
C ASP A 298 28.04 -23.12 8.98
N LEU A 299 27.06 -22.52 8.34
CA LEU A 299 26.81 -21.08 8.48
C LEU A 299 26.68 -20.64 9.92
N GLY A 300 25.90 -21.39 10.70
CA GLY A 300 25.63 -21.04 12.06
C GLY A 300 26.71 -21.44 13.02
N ILE A 301 27.82 -21.96 12.47
CA ILE A 301 29.05 -22.09 13.22
C ILE A 301 30.02 -20.99 12.77
N GLU A 302 30.07 -20.68 11.50
CA GLU A 302 31.00 -19.65 11.00
C GLU A 302 30.61 -18.23 11.43
N ILE A 303 29.31 -17.98 11.58
CA ILE A 303 28.80 -16.72 12.15
C ILE A 303 27.93 -17.08 13.38
N PRO A 304 27.74 -16.13 14.31
CA PRO A 304 26.84 -16.41 15.46
C PRO A 304 25.51 -17.04 15.07
N ALA A 305 25.12 -18.09 15.77
CA ALA A 305 23.89 -18.77 15.47
C ALA A 305 22.67 -17.80 15.44
N GLU A 306 22.69 -16.75 16.21
CA GLU A 306 21.53 -15.86 16.27
C GLU A 306 21.34 -15.00 15.04
N LYS A 307 22.29 -15.02 14.12
CA LYS A 307 22.25 -14.21 12.92
C LYS A 307 21.90 -15.01 11.69
N VAL A 308 21.76 -16.32 11.85
CA VAL A 308 21.48 -17.21 10.70
C VAL A 308 20.15 -16.84 10.02
N PHE A 309 19.08 -16.54 10.79
CA PHE A 309 17.78 -16.20 10.18
C PHE A 309 17.88 -14.95 9.29
N LEU A 310 18.74 -14.01 9.65
CA LEU A 310 18.94 -12.79 8.89
C LEU A 310 19.53 -13.15 7.55
N ALA A 311 20.61 -13.92 7.57
CA ALA A 311 21.27 -14.36 6.34
C ALA A 311 20.32 -15.21 5.52
N GLN A 312 19.56 -16.10 6.15
CA GLN A 312 18.58 -16.88 5.43
C GLN A 312 17.54 -16.01 4.70
N LYS A 313 16.99 -15.04 5.41
CA LYS A 313 15.94 -14.22 4.81
C LYS A 313 16.52 -13.28 3.74
N MET A 314 17.71 -12.72 3.97
CA MET A 314 18.40 -11.90 2.91
C MET A 314 18.62 -12.71 1.62
N MET A 315 19.11 -13.94 1.74
CA MET A 315 19.37 -14.74 0.54
C MET A 315 18.13 -15.24 -0.15
N ILE A 316 17.10 -15.65 0.61
CA ILE A 316 15.87 -16.01 -0.04
C ILE A 316 15.27 -14.76 -0.77
N GLY A 317 15.30 -13.62 -0.10
CA GLY A 317 14.78 -12.39 -0.71
C GLY A 317 15.51 -12.09 -2.02
N ARG A 318 16.85 -12.12 -1.98
CA ARG A 318 17.61 -11.73 -3.17
C ARG A 318 17.50 -12.72 -4.33
N CYS A 319 17.42 -14.00 -4.01
CA CYS A 319 17.14 -15.00 -5.00
C CYS A 319 15.76 -14.85 -5.67
N ASN A 320 14.72 -14.63 -4.84
CA ASN A 320 13.38 -14.42 -5.34
C ASN A 320 13.40 -13.22 -6.29
N ARG A 321 14.04 -12.15 -5.86
CA ARG A 321 14.16 -10.95 -6.70
C ARG A 321 14.94 -11.22 -8.01
N ALA A 322 15.83 -12.19 -8.00
CA ALA A 322 16.64 -12.48 -9.17
C ALA A 322 16.00 -13.56 -10.00
N GLY A 323 14.98 -14.22 -9.46
CA GLY A 323 14.39 -15.40 -10.11
C GLY A 323 15.31 -16.60 -10.18
N LYS A 324 16.15 -16.79 -9.17
CA LYS A 324 17.01 -17.97 -9.18
C LYS A 324 16.62 -18.83 -8.00
N PRO A 325 16.71 -20.16 -8.16
CA PRO A 325 16.24 -21.02 -7.08
C PRO A 325 17.10 -20.88 -5.81
N VAL A 326 16.45 -20.99 -4.66
CA VAL A 326 17.11 -21.03 -3.36
C VAL A 326 16.56 -22.21 -2.56
N ILE A 327 17.49 -22.94 -1.95
CA ILE A 327 17.21 -24.10 -1.09
C ILE A 327 17.54 -23.72 0.34
N CYS A 328 16.66 -24.07 1.24
CA CYS A 328 16.93 -23.96 2.64
C CYS A 328 17.30 -25.36 3.10
N ALA A 329 18.42 -25.44 3.80
CA ALA A 329 19.01 -26.71 4.16
C ALA A 329 19.38 -26.73 5.62
N THR A 330 19.31 -27.95 6.19
CA THR A 330 20.04 -28.40 7.36
C THR A 330 19.23 -28.25 8.64
N GLN A 331 18.98 -29.40 9.28
CA GLN A 331 18.32 -29.56 10.58
C GLN A 331 16.84 -29.17 10.65
N MET A 332 16.15 -29.24 9.51
CA MET A 332 14.79 -28.77 9.42
C MET A 332 13.86 -29.66 10.24
N LEU A 333 14.19 -30.97 10.28
CA LEU A 333 13.39 -31.95 11.03
C LEU A 333 14.32 -32.89 11.79
N GLU A 334 15.38 -32.29 12.33
CA GLU A 334 16.49 -33.02 12.92
C GLU A 334 16.04 -34.08 13.89
N SER A 335 15.10 -33.76 14.80
CA SER A 335 14.65 -34.73 15.81
C SER A 335 14.04 -35.99 15.18
N MET A 336 13.61 -35.91 13.93
CA MET A 336 13.01 -37.07 13.26
C MET A 336 14.04 -38.16 12.87
N ILE A 337 15.34 -37.87 13.04
CA ILE A 337 16.37 -38.92 12.98
C ILE A 337 16.07 -40.04 14.01
N LYS A 338 15.60 -39.66 15.21
CA LYS A 338 15.34 -40.65 16.28
C LYS A 338 13.86 -40.80 16.61
N LYS A 339 13.03 -39.88 16.14
CA LYS A 339 11.60 -39.85 16.50
C LYS A 339 10.67 -39.76 15.28
N PRO A 340 9.50 -40.41 15.39
CA PRO A 340 8.51 -40.50 14.32
C PRO A 340 7.75 -39.18 14.05
N ARG A 341 7.85 -38.24 15.00
CA ARG A 341 7.16 -36.96 14.95
C ARG A 341 8.20 -35.84 15.21
N PRO A 342 8.12 -34.70 14.51
CA PRO A 342 9.09 -33.63 14.76
C PRO A 342 8.72 -32.76 15.96
N THR A 343 9.63 -31.83 16.31
CA THR A 343 9.33 -30.87 17.39
C THR A 343 8.55 -29.71 16.86
N ARG A 344 7.98 -28.92 17.75
CA ARG A 344 7.19 -27.76 17.28
C ARG A 344 8.06 -26.75 16.58
N ALA A 345 9.30 -26.59 17.03
CA ALA A 345 10.26 -25.68 16.34
C ALA A 345 10.53 -26.13 14.92
N GLU A 346 10.54 -27.43 14.71
CA GLU A 346 10.83 -27.98 13.39
C GLU A 346 9.66 -27.79 12.43
N GLY A 347 8.42 -28.03 12.91
CA GLY A 347 7.21 -27.63 12.18
C GLY A 347 7.28 -26.19 11.71
N SER A 348 7.56 -25.30 12.63
CA SER A 348 7.68 -23.86 12.35
C SER A 348 8.75 -23.58 11.32
N ASP A 349 9.92 -24.20 11.51
CA ASP A 349 11.11 -23.93 10.62
C ASP A 349 10.77 -24.25 9.19
N VAL A 350 10.15 -25.41 8.96
CA VAL A 350 9.79 -25.78 7.58
C VAL A 350 8.76 -24.75 7.01
N ALA A 351 7.69 -24.50 7.75
CA ALA A 351 6.64 -23.56 7.32
C ALA A 351 7.21 -22.21 7.05
N ASN A 352 8.10 -21.74 7.91
CA ASN A 352 8.68 -20.40 7.72
C ASN A 352 9.65 -20.30 6.59
N ALA A 353 10.37 -21.40 6.28
CA ALA A 353 11.19 -21.40 5.05
C ALA A 353 10.34 -21.19 3.79
N VAL A 354 9.21 -21.86 3.73
CA VAL A 354 8.30 -21.75 2.59
C VAL A 354 7.71 -20.33 2.49
N LEU A 355 7.25 -19.80 3.63
CA LEU A 355 6.74 -18.45 3.69
C LEU A 355 7.80 -17.39 3.34
N ASP A 356 9.06 -17.63 3.70
CA ASP A 356 10.15 -16.74 3.36
C ASP A 356 10.28 -16.62 1.83
N GLY A 357 9.97 -17.71 1.11
CA GLY A 357 10.17 -17.78 -0.35
C GLY A 357 11.13 -18.87 -0.87
N ALA A 358 11.55 -19.80 -0.03
CA ALA A 358 12.44 -20.86 -0.47
C ALA A 358 11.85 -21.72 -1.57
N ASP A 359 12.55 -21.89 -2.68
CA ASP A 359 12.07 -22.82 -3.73
C ASP A 359 11.99 -24.29 -3.34
N CYS A 360 12.94 -24.72 -2.51
CA CYS A 360 13.10 -26.12 -2.10
C CYS A 360 13.52 -26.17 -0.64
N ILE A 361 13.18 -27.28 -0.01
CA ILE A 361 13.57 -27.58 1.36
C ILE A 361 14.28 -28.94 1.34
N MET A 362 15.19 -29.14 2.28
CA MET A 362 16.08 -30.26 2.23
C MET A 362 16.05 -31.09 3.53
N LEU A 363 16.30 -32.38 3.35
CA LEU A 363 16.54 -33.31 4.43
C LEU A 363 17.89 -33.92 4.27
N SER A 364 18.62 -34.02 5.39
CA SER A 364 19.94 -34.65 5.46
C SER A 364 19.93 -35.96 6.26
N GLY A 365 20.38 -35.93 7.51
CA GLY A 365 20.42 -37.11 8.34
C GLY A 365 19.05 -37.73 8.51
N GLU A 366 18.00 -36.88 8.51
CA GLU A 366 16.61 -37.35 8.61
C GLU A 366 16.32 -38.46 7.60
N THR A 367 16.85 -38.31 6.38
CA THR A 367 16.68 -39.31 5.34
C THR A 367 17.92 -40.19 5.11
N ALA A 368 19.12 -39.65 5.28
CA ALA A 368 20.35 -40.43 5.06
C ALA A 368 20.57 -41.60 6.04
N LYS A 369 20.33 -41.38 7.32
CA LYS A 369 20.67 -42.37 8.31
C LYS A 369 19.68 -42.49 9.46
N GLY A 370 18.54 -41.80 9.41
CA GLY A 370 17.67 -41.81 10.56
C GLY A 370 16.74 -43.00 10.58
N ASP A 371 16.04 -43.18 11.70
CA ASP A 371 15.07 -44.27 11.83
C ASP A 371 13.75 -44.07 11.09
N TYR A 372 13.42 -42.84 10.69
CA TYR A 372 12.09 -42.54 10.08
C TYR A 372 12.16 -41.67 8.82
N PRO A 373 12.95 -42.09 7.80
CA PRO A 373 13.12 -41.32 6.56
C PRO A 373 11.82 -41.03 5.78
N LEU A 374 10.91 -42.00 5.73
CA LEU A 374 9.64 -41.83 5.01
C LEU A 374 8.73 -40.83 5.73
N GLU A 375 8.62 -40.96 7.05
CA GLU A 375 7.86 -40.04 7.87
C GLU A 375 8.41 -38.62 7.75
N ALA A 376 9.71 -38.48 7.59
CA ALA A 376 10.29 -37.13 7.43
C ALA A 376 9.94 -36.51 6.08
N VAL A 377 10.04 -37.31 5.02
CA VAL A 377 9.62 -36.82 3.71
C VAL A 377 8.15 -36.48 3.74
N ARG A 378 7.30 -37.33 4.32
CA ARG A 378 5.87 -37.05 4.35
C ARG A 378 5.53 -35.73 5.10
N MET A 379 6.20 -35.51 6.23
CA MET A 379 5.95 -34.36 7.07
C MET A 379 6.35 -33.07 6.36
N GLN A 380 7.48 -33.09 5.63
CA GLN A 380 7.85 -31.95 4.79
C GLN A 380 6.81 -31.69 3.72
N HIS A 381 6.29 -32.74 3.13
CA HIS A 381 5.26 -32.58 2.13
C HIS A 381 4.04 -31.88 2.76
N LEU A 382 3.61 -32.36 3.92
CA LEU A 382 2.42 -31.83 4.57
C LEU A 382 2.55 -30.39 5.00
N ILE A 383 3.69 -30.02 5.58
CA ILE A 383 3.87 -28.66 6.09
C ILE A 383 4.00 -27.71 4.91
N ALA A 384 4.81 -28.08 3.92
CA ALA A 384 5.00 -27.26 2.71
C ALA A 384 3.66 -26.86 2.10
N ARG A 385 2.77 -27.84 2.00
CA ARG A 385 1.49 -27.63 1.38
C ARG A 385 0.61 -26.73 2.24
N GLU A 386 0.59 -26.93 3.56
CA GLU A 386 -0.11 -25.97 4.42
C GLU A 386 0.49 -24.55 4.29
N ALA A 387 1.82 -24.46 4.27
CA ALA A 387 2.47 -23.15 4.27
C ALA A 387 2.27 -22.41 2.95
N GLU A 388 2.20 -23.16 1.86
CA GLU A 388 2.05 -22.53 0.55
C GLU A 388 0.69 -21.79 0.40
N ALA A 389 -0.35 -22.36 1.01
CA ALA A 389 -1.67 -21.75 0.98
C ALA A 389 -1.68 -20.48 1.85
N ALA A 390 -0.83 -20.42 2.88
CA ALA A 390 -0.73 -19.27 3.79
C ALA A 390 0.09 -18.08 3.32
N ILE A 391 0.78 -18.19 2.19
CA ILE A 391 1.53 -17.08 1.65
C ILE A 391 0.59 -15.93 1.33
N TYR A 392 0.99 -14.69 1.60
CA TYR A 392 0.21 -13.50 1.22
C TYR A 392 0.54 -13.08 -0.22
N HIS A 393 -0.02 -13.85 -1.17
CA HIS A 393 0.21 -13.66 -2.59
C HIS A 393 -0.16 -12.23 -3.01
N LEU A 394 -1.17 -11.63 -2.40
CA LEU A 394 -1.62 -10.30 -2.83
C LEU A 394 -0.46 -9.29 -2.81
N GLN A 395 0.27 -9.23 -1.68
CA GLN A 395 1.42 -8.31 -1.59
C GLN A 395 2.64 -8.86 -2.35
N LEU A 396 2.88 -10.15 -2.23
CA LEU A 396 4.03 -10.77 -2.89
C LEU A 396 4.05 -10.51 -4.39
N PHE A 397 2.93 -10.76 -5.04
CA PHE A 397 2.86 -10.58 -6.48
C PHE A 397 2.98 -9.10 -6.88
N GLU A 398 2.33 -8.23 -6.11
CA GLU A 398 2.48 -6.79 -6.30
C GLU A 398 3.93 -6.37 -6.26
N GLU A 399 4.67 -6.89 -5.29
CA GLU A 399 6.04 -6.48 -5.10
C GLU A 399 6.98 -7.07 -6.13
N LEU A 400 6.75 -8.32 -6.51
CA LEU A 400 7.57 -8.91 -7.59
C LEU A 400 7.34 -8.20 -8.92
N ARG A 401 6.11 -7.80 -9.19
CA ARG A 401 5.82 -7.02 -10.38
C ARG A 401 6.50 -5.65 -10.38
N ARG A 402 6.35 -4.95 -9.25
CA ARG A 402 6.95 -3.63 -9.09
C ARG A 402 8.47 -3.68 -9.18
N LEU A 403 9.06 -4.74 -8.62
CA LEU A 403 10.51 -4.82 -8.52
C LEU A 403 11.17 -5.33 -9.80
N ALA A 404 10.38 -5.78 -10.77
CA ALA A 404 10.97 -6.33 -11.99
C ALA A 404 10.97 -5.26 -13.07
N PRO A 405 12.05 -5.18 -13.84
CA PRO A 405 12.13 -4.12 -14.87
C PRO A 405 11.11 -4.25 -16.02
N ILE A 406 10.82 -3.11 -16.65
CA ILE A 406 9.91 -3.04 -17.77
C ILE A 406 10.73 -3.33 -19.01
N THR A 407 10.64 -4.58 -19.50
CA THR A 407 11.48 -5.11 -20.57
C THR A 407 10.70 -5.41 -21.84
N SER A 408 11.44 -5.51 -22.93
CA SER A 408 10.89 -5.80 -24.25
C SER A 408 10.76 -7.31 -24.50
N ASP A 409 11.22 -8.11 -23.55
CA ASP A 409 11.23 -9.55 -23.73
C ASP A 409 9.78 -10.07 -23.80
N PRO A 410 9.39 -10.72 -24.91
CA PRO A 410 8.02 -11.17 -25.08
C PRO A 410 7.65 -12.30 -24.14
N THR A 411 8.62 -13.18 -23.86
CA THR A 411 8.36 -14.31 -22.98
CA THR A 411 8.48 -14.30 -22.97
C THR A 411 8.11 -13.84 -21.56
N GLU A 412 8.75 -12.76 -21.14
CA GLU A 412 8.60 -12.27 -19.80
C GLU A 412 7.20 -11.63 -19.60
N ALA A 413 6.77 -10.85 -20.59
CA ALA A 413 5.42 -10.29 -20.65
C ALA A 413 4.31 -11.37 -20.62
N THR A 414 4.51 -12.48 -21.34
CA THR A 414 3.57 -13.61 -21.36
C THR A 414 3.52 -14.29 -20.00
N ALA A 415 4.69 -14.45 -19.37
CA ALA A 415 4.78 -15.05 -18.06
C ALA A 415 3.97 -14.30 -17.00
N VAL A 416 4.17 -13.01 -16.90
CA VAL A 416 3.45 -12.20 -15.94
C VAL A 416 1.93 -12.17 -16.27
N GLY A 417 1.60 -12.01 -17.54
CA GLY A 417 0.21 -12.11 -18.02
C GLY A 417 -0.42 -13.43 -17.56
N ALA A 418 0.31 -14.54 -17.71
CA ALA A 418 -0.20 -15.85 -17.29
C ALA A 418 -0.51 -15.90 -15.81
N VAL A 419 0.42 -15.37 -15.00
CA VAL A 419 0.27 -15.47 -13.57
C VAL A 419 -0.85 -14.56 -13.14
N GLU A 420 -0.91 -13.37 -13.74
CA GLU A 420 -2.03 -12.49 -13.46
C GLU A 420 -3.36 -13.20 -13.76
N ALA A 421 -3.46 -13.77 -14.96
CA ALA A 421 -4.67 -14.51 -15.35
C ALA A 421 -4.94 -15.66 -14.36
N SER A 422 -3.91 -16.38 -13.95
CA SER A 422 -4.08 -17.48 -12.97
C SER A 422 -4.69 -17.04 -11.62
N PHE A 423 -4.32 -15.87 -11.12
CA PHE A 423 -4.98 -15.35 -9.91
C PHE A 423 -6.45 -14.96 -10.15
N LYS A 424 -6.69 -14.30 -11.27
CA LYS A 424 -8.01 -13.85 -11.64
C LYS A 424 -9.07 -14.96 -11.72
N CYS A 425 -8.70 -16.13 -12.21
CA CYS A 425 -9.67 -17.22 -12.32
C CYS A 425 -9.36 -18.36 -11.34
N CYS A 426 -8.49 -18.10 -10.36
CA CYS A 426 -8.07 -19.15 -9.41
C CYS A 426 -7.82 -20.46 -10.17
N SER A 427 -6.89 -20.43 -11.12
CA SER A 427 -6.76 -21.49 -12.10
C SER A 427 -6.23 -22.78 -11.49
N GLY A 428 -6.65 -23.91 -12.05
CA GLY A 428 -6.17 -25.21 -11.60
C GLY A 428 -4.71 -25.46 -11.87
N ALA A 429 -4.17 -24.85 -12.93
CA ALA A 429 -2.76 -25.03 -13.26
C ALA A 429 -2.32 -23.96 -14.22
N ILE A 430 -1.02 -23.77 -14.36
CA ILE A 430 -0.47 -23.11 -15.55
C ILE A 430 0.36 -24.16 -16.26
N ILE A 431 -0.03 -24.50 -17.49
CA ILE A 431 0.65 -25.47 -18.30
C ILE A 431 1.63 -24.77 -19.27
N VAL A 432 2.88 -25.19 -19.24
CA VAL A 432 3.90 -24.50 -20.01
C VAL A 432 4.69 -25.54 -20.80
N LEU A 433 4.80 -25.35 -22.12
CA LEU A 433 5.67 -26.14 -22.97
C LEU A 433 7.07 -25.54 -22.92
N THR A 434 8.06 -26.37 -22.60
CA THR A 434 9.41 -25.89 -22.50
C THR A 434 10.46 -26.96 -22.91
N LYS A 435 11.46 -26.55 -23.68
CA LYS A 435 12.57 -27.46 -24.06
C LYS A 435 13.69 -27.41 -23.04
N SER A 436 14.10 -26.18 -22.69
CA SER A 436 15.16 -25.90 -21.71
C SER A 436 14.67 -25.72 -20.25
N GLY A 437 13.37 -25.44 -20.06
CA GLY A 437 12.80 -25.16 -18.75
C GLY A 437 12.54 -23.68 -18.57
N ARG A 438 13.26 -22.87 -19.33
CA ARG A 438 13.27 -21.44 -19.09
C ARG A 438 11.88 -20.77 -19.01
N SER A 439 11.00 -21.07 -19.97
CA SER A 439 9.68 -20.47 -19.99
C SER A 439 8.95 -20.80 -18.69
N ALA A 440 9.16 -21.99 -18.16
CA ALA A 440 8.53 -22.40 -16.89
C ALA A 440 9.19 -21.68 -15.71
N HIS A 441 10.50 -21.45 -15.78
CA HIS A 441 11.22 -20.69 -14.75
C HIS A 441 10.71 -19.28 -14.71
N GLN A 442 10.47 -18.68 -15.87
CA GLN A 442 9.97 -17.30 -15.94
C GLN A 442 8.58 -17.13 -15.31
N VAL A 443 7.75 -18.17 -15.34
CA VAL A 443 6.47 -18.15 -14.66
C VAL A 443 6.64 -18.32 -13.15
N ALA A 444 7.52 -19.22 -12.74
CA ALA A 444 7.76 -19.57 -11.33
C ALA A 444 8.21 -18.37 -10.50
N ARG A 445 8.95 -17.51 -11.15
CA ARG A 445 9.49 -16.29 -10.58
C ARG A 445 8.45 -15.31 -10.03
N TYR A 446 7.23 -15.37 -10.58
CA TYR A 446 6.18 -14.48 -10.17
C TYR A 446 5.28 -15.14 -9.17
N ARG A 447 5.63 -16.35 -8.78
CA ARG A 447 5.02 -17.04 -7.65
C ARG A 447 3.51 -17.20 -7.71
N PRO A 448 3.01 -17.85 -8.78
CA PRO A 448 1.58 -18.15 -8.78
C PRO A 448 1.16 -19.11 -7.64
N ARG A 449 -0.10 -19.03 -7.27
CA ARG A 449 -0.69 -20.01 -6.38
CA ARG A 449 -0.70 -20.01 -6.38
C ARG A 449 -0.83 -21.34 -7.15
N ALA A 450 -1.29 -21.26 -8.39
CA ALA A 450 -1.51 -22.46 -9.21
C ALA A 450 -0.21 -23.22 -9.45
N PRO A 451 -0.28 -24.57 -9.46
CA PRO A 451 0.89 -25.35 -9.86
C PRO A 451 1.24 -25.11 -11.33
N ILE A 452 2.52 -25.10 -11.64
CA ILE A 452 2.98 -24.95 -13.02
C ILE A 452 3.35 -26.31 -13.58
N ILE A 453 2.62 -26.78 -14.58
CA ILE A 453 2.89 -28.09 -15.17
C ILE A 453 3.77 -27.86 -16.38
N ALA A 454 5.05 -28.18 -16.25
CA ALA A 454 6.06 -27.98 -17.30
C ALA A 454 6.20 -29.26 -18.12
N VAL A 455 5.75 -29.21 -19.36
CA VAL A 455 5.77 -30.35 -20.22
C VAL A 455 6.98 -30.22 -21.14
N THR A 456 7.89 -31.19 -21.04
CA THR A 456 9.07 -31.23 -21.89
C THR A 456 9.31 -32.65 -22.42
N ARG A 457 10.13 -32.75 -23.47
CA ARG A 457 10.63 -34.03 -23.93
C ARG A 457 12.09 -34.27 -23.51
N ASN A 458 12.71 -33.25 -22.91
CA ASN A 458 14.10 -33.32 -22.48
C ASN A 458 14.12 -33.83 -21.04
N PRO A 459 14.61 -35.05 -20.82
CA PRO A 459 14.53 -35.62 -19.47
C PRO A 459 15.40 -34.85 -18.45
N GLN A 460 16.45 -34.17 -18.92
CA GLN A 460 17.25 -33.39 -18.00
C GLN A 460 16.50 -32.16 -17.49
N THR A 461 15.94 -31.39 -18.40
CA THR A 461 15.04 -30.29 -18.07
C THR A 461 13.97 -30.73 -17.09
N ALA A 462 13.38 -31.91 -17.32
CA ALA A 462 12.36 -32.45 -16.41
C ALA A 462 12.92 -32.55 -14.99
N ARG A 463 14.10 -33.15 -14.85
CA ARG A 463 14.68 -33.36 -13.53
C ARG A 463 15.11 -32.05 -12.90
N GLN A 464 15.70 -31.14 -13.69
CA GLN A 464 16.23 -29.87 -13.16
C GLN A 464 15.15 -28.86 -12.79
N ALA A 465 14.02 -28.91 -13.48
CA ALA A 465 12.88 -28.07 -13.15
C ALA A 465 12.34 -28.19 -11.72
N HIS A 466 12.67 -29.29 -11.01
CA HIS A 466 12.28 -29.38 -9.59
C HIS A 466 12.90 -28.34 -8.66
N LEU A 467 13.98 -27.69 -9.10
CA LEU A 467 14.58 -26.62 -8.29
C LEU A 467 13.66 -25.40 -8.09
N TYR A 468 12.56 -25.31 -8.86
CA TYR A 468 11.77 -24.09 -8.92
C TYR A 468 10.44 -24.28 -8.26
N ARG A 469 10.13 -23.38 -7.33
CA ARG A 469 8.85 -23.41 -6.66
C ARG A 469 7.76 -23.50 -7.68
N GLY A 470 6.89 -24.47 -7.47
CA GLY A 470 5.62 -24.53 -8.16
C GLY A 470 5.67 -25.31 -9.46
N ILE A 471 6.86 -25.68 -9.92
CA ILE A 471 6.98 -26.42 -11.15
C ILE A 471 6.86 -27.93 -10.92
N PHE A 472 5.89 -28.51 -11.61
CA PHE A 472 5.67 -29.95 -11.65
CA PHE A 472 5.66 -29.95 -11.63
C PHE A 472 6.06 -30.39 -13.04
N PRO A 473 7.25 -30.97 -13.19
CA PRO A 473 7.71 -31.36 -14.52
C PRO A 473 7.11 -32.70 -14.93
N VAL A 474 6.72 -32.81 -16.21
CA VAL A 474 6.19 -34.05 -16.74
C VAL A 474 6.92 -34.32 -18.04
N LEU A 475 7.30 -35.57 -18.24
CA LEU A 475 8.15 -35.93 -19.36
C LEU A 475 7.29 -36.62 -20.43
N CYS A 476 7.14 -35.95 -21.56
CA CYS A 476 6.33 -36.47 -22.63
C CYS A 476 7.12 -37.52 -23.39
N LYS A 477 6.52 -38.68 -23.58
CA LYS A 477 7.18 -39.79 -24.26
C LYS A 477 6.66 -39.98 -25.67
N ASP A 478 5.46 -39.47 -25.96
CA ASP A 478 4.88 -39.64 -27.29
C ASP A 478 5.89 -39.23 -28.38
N PRO A 479 5.86 -39.92 -29.53
CA PRO A 479 6.73 -39.47 -30.62
C PRO A 479 6.28 -38.11 -31.17
N VAL A 480 7.20 -37.42 -31.84
CA VAL A 480 6.89 -36.13 -32.47
C VAL A 480 5.91 -36.32 -33.63
N GLN A 481 4.82 -35.54 -33.68
CA GLN A 481 3.87 -35.62 -34.81
C GLN A 481 4.44 -34.79 -35.95
N GLU A 482 4.13 -35.17 -37.19
CA GLU A 482 4.63 -34.47 -38.38
C GLU A 482 4.15 -33.03 -38.43
N ALA A 483 2.93 -32.77 -37.96
CA ALA A 483 2.40 -31.41 -37.98
C ALA A 483 2.68 -30.75 -36.62
N TRP A 484 3.29 -29.58 -36.65
CA TRP A 484 3.82 -29.03 -35.42
C TRP A 484 2.66 -28.61 -34.48
N ALA A 485 1.63 -27.98 -35.01
CA ALA A 485 0.45 -27.63 -34.19
C ALA A 485 -0.14 -28.87 -33.49
N GLU A 486 -0.19 -30.02 -34.17
CA GLU A 486 -0.71 -31.26 -33.58
C GLU A 486 0.22 -31.75 -32.49
N ASP A 487 1.53 -31.57 -32.71
CA ASP A 487 2.51 -31.93 -31.72
C ASP A 487 2.41 -31.10 -30.44
N VAL A 488 2.21 -29.79 -30.59
CA VAL A 488 1.94 -28.90 -29.48
C VAL A 488 0.67 -29.34 -28.74
N ASP A 489 -0.42 -29.55 -29.47
CA ASP A 489 -1.68 -29.94 -28.87
C ASP A 489 -1.58 -31.28 -28.16
N LEU A 490 -0.77 -32.18 -28.71
CA LEU A 490 -0.56 -33.47 -28.07
C LEU A 490 0.05 -33.25 -26.68
N ARG A 491 1.03 -32.37 -26.59
CA ARG A 491 1.68 -32.12 -25.32
C ARG A 491 0.77 -31.43 -24.31
N VAL A 492 -0.01 -30.47 -24.77
CA VAL A 492 -0.97 -29.79 -23.93
C VAL A 492 -1.94 -30.83 -23.32
N ASN A 493 -2.46 -31.72 -24.14
CA ASN A 493 -3.39 -32.75 -23.67
C ASN A 493 -2.79 -33.74 -22.67
N PHE A 494 -1.50 -34.05 -22.85
CA PHE A 494 -0.77 -34.86 -21.91
C PHE A 494 -0.76 -34.21 -20.53
N ALA A 495 -0.47 -32.90 -20.50
CA ALA A 495 -0.52 -32.09 -19.28
C ALA A 495 -1.91 -32.12 -18.67
N MET A 496 -2.94 -31.98 -19.49
CA MET A 496 -4.33 -32.09 -19.01
C MET A 496 -4.55 -33.42 -18.32
N ASN A 497 -4.03 -34.47 -18.94
CA ASN A 497 -4.21 -35.81 -18.41
C ASN A 497 -3.49 -36.00 -17.09
N VAL A 498 -2.31 -35.41 -16.97
CA VAL A 498 -1.51 -35.54 -15.75
C VAL A 498 -2.18 -34.85 -14.56
N GLY A 499 -2.61 -33.61 -14.76
CA GLY A 499 -3.32 -32.88 -13.73
C GLY A 499 -4.54 -33.63 -13.21
N LYS A 500 -5.35 -34.17 -14.12
CA LYS A 500 -6.55 -34.90 -13.73
C LYS A 500 -6.25 -36.20 -12.99
N ALA A 501 -5.21 -36.92 -13.41
CA ALA A 501 -4.86 -38.16 -12.72
C ALA A 501 -4.35 -37.83 -11.33
N ARG A 502 -3.74 -36.68 -11.16
CA ARG A 502 -3.16 -36.31 -9.87
C ARG A 502 -4.12 -35.58 -8.95
N GLY A 503 -5.30 -35.25 -9.45
CA GLY A 503 -6.27 -34.46 -8.67
C GLY A 503 -5.95 -32.97 -8.55
N PHE A 504 -5.15 -32.42 -9.47
CA PHE A 504 -4.94 -30.98 -9.51
C PHE A 504 -6.16 -30.24 -10.01
N PHE A 505 -6.93 -30.90 -10.89
CA PHE A 505 -8.12 -30.31 -11.48
C PHE A 505 -8.98 -31.37 -12.16
N LYS A 506 -10.21 -31.01 -12.45
CA LYS A 506 -11.14 -31.90 -13.14
C LYS A 506 -11.72 -31.23 -14.39
N LYS A 507 -12.43 -32.03 -15.18
CA LYS A 507 -13.16 -31.56 -16.38
C LYS A 507 -13.96 -30.31 -16.06
N GLY A 508 -13.78 -29.26 -16.85
CA GLY A 508 -14.53 -28.00 -16.65
C GLY A 508 -13.88 -26.96 -15.74
N ASP A 509 -12.77 -27.31 -15.08
CA ASP A 509 -11.92 -26.33 -14.42
C ASP A 509 -11.14 -25.58 -15.51
N VAL A 510 -10.73 -24.36 -15.20
CA VAL A 510 -10.00 -23.52 -16.16
C VAL A 510 -8.51 -23.54 -15.87
N VAL A 511 -7.69 -23.68 -16.93
CA VAL A 511 -6.25 -23.70 -16.80
C VAL A 511 -5.65 -22.73 -17.80
N ILE A 512 -4.44 -22.28 -17.50
CA ILE A 512 -3.74 -21.36 -18.36
C ILE A 512 -2.74 -22.18 -19.14
N VAL A 513 -2.60 -21.91 -20.42
CA VAL A 513 -1.69 -22.69 -21.25
C VAL A 513 -0.72 -21.76 -21.99
N LEU A 514 0.59 -22.02 -21.82
CA LEU A 514 1.61 -21.21 -22.46
C LEU A 514 2.39 -21.95 -23.54
N THR A 515 2.41 -21.38 -24.74
CA THR A 515 3.11 -21.97 -25.88
C THR A 515 3.82 -20.86 -26.64
N GLY A 516 4.55 -21.25 -27.68
CA GLY A 516 5.21 -20.29 -28.53
C GLY A 516 4.66 -20.32 -29.93
N TRP A 517 5.20 -19.45 -30.77
CA TRP A 517 4.68 -19.28 -32.10
C TRP A 517 5.48 -20.05 -33.14
N ARG A 518 6.62 -20.60 -32.75
CA ARG A 518 7.39 -21.47 -33.64
C ARG A 518 8.20 -22.49 -32.85
N PRO A 519 8.63 -23.59 -33.50
CA PRO A 519 9.44 -24.55 -32.78
C PRO A 519 10.75 -23.97 -32.27
N GLY A 520 11.30 -24.60 -31.24
CA GLY A 520 12.57 -24.20 -30.66
C GLY A 520 12.45 -23.27 -29.47
N SER A 521 13.52 -23.19 -28.68
CA SER A 521 13.59 -22.35 -27.50
C SER A 521 13.63 -20.85 -27.80
N GLY A 522 13.04 -20.08 -26.88
CA GLY A 522 13.11 -18.62 -26.88
C GLY A 522 11.89 -17.89 -27.48
N PHE A 523 10.90 -18.66 -27.94
CA PHE A 523 9.73 -18.13 -28.64
C PHE A 523 8.39 -18.17 -27.89
N THR A 524 8.37 -18.44 -26.58
CA THR A 524 7.12 -18.47 -25.84
C THR A 524 6.51 -17.06 -25.87
N ASN A 525 5.31 -16.95 -26.43
CA ASN A 525 4.61 -15.65 -26.57
C ASN A 525 3.06 -15.72 -26.51
N THR A 526 2.52 -16.90 -26.24
CA THR A 526 1.12 -17.18 -26.38
C THR A 526 0.56 -17.73 -25.08
N MET A 527 -0.40 -17.03 -24.54
CA MET A 527 -1.13 -17.49 -23.39
C MET A 527 -2.60 -17.74 -23.79
N ARG A 528 -3.11 -18.91 -23.46
CA ARG A 528 -4.51 -19.24 -23.68
C ARG A 528 -5.15 -19.68 -22.39
N VAL A 529 -6.40 -19.28 -22.19
CA VAL A 529 -7.18 -19.70 -21.03
C VAL A 529 -8.23 -20.71 -21.51
N VAL A 530 -8.06 -21.96 -21.11
CA VAL A 530 -8.78 -23.09 -21.72
C VAL A 530 -9.44 -23.91 -20.62
N PRO A 531 -10.68 -24.40 -20.88
CA PRO A 531 -11.28 -25.26 -19.87
C PRO A 531 -10.71 -26.66 -19.99
N VAL A 532 -10.68 -27.40 -18.90
CA VAL A 532 -10.13 -28.72 -18.88
C VAL A 532 -11.14 -29.68 -19.50
N PRO A 533 -10.73 -30.44 -20.54
CA PRO A 533 -11.65 -31.35 -21.25
C PRO A 533 -12.03 -32.62 -20.47
N GLN B 16 23.47 1.81 9.35
CA GLN B 16 24.37 0.63 9.47
C GLN B 16 24.26 -0.09 10.84
N THR B 17 23.34 0.32 11.69
CA THR B 17 23.04 -0.44 12.93
C THR B 17 21.56 -0.69 12.97
N GLN B 18 21.13 -1.66 13.76
CA GLN B 18 19.72 -1.85 14.02
C GLN B 18 18.88 -2.23 12.78
N GLN B 19 19.51 -2.74 11.74
CA GLN B 19 18.84 -3.00 10.46
C GLN B 19 18.13 -1.75 9.93
N LEU B 20 18.74 -0.59 10.17
CA LEU B 20 18.11 0.69 9.79
C LEU B 20 17.99 0.83 8.28
N HIS B 21 18.94 0.28 7.53
CA HIS B 21 18.84 0.24 6.07
C HIS B 21 17.61 -0.55 5.61
N ALA B 22 17.41 -1.75 6.15
CA ALA B 22 16.25 -2.57 5.81
C ALA B 22 14.95 -1.89 6.25
N ALA B 23 15.05 -1.11 7.32
CA ALA B 23 13.89 -0.45 7.89
C ALA B 23 13.31 0.59 6.92
N MET B 24 14.14 1.18 6.08
CA MET B 24 13.75 2.23 5.12
CA MET B 24 13.68 2.23 5.15
C MET B 24 13.17 1.70 3.81
N ALA B 25 13.12 0.38 3.63
CA ALA B 25 12.73 -0.15 2.31
C ALA B 25 11.25 0.12 2.06
N ASP B 26 10.94 0.43 0.80
CA ASP B 26 9.57 0.71 0.31
C ASP B 26 8.70 -0.56 0.24
N THR B 27 9.34 -1.74 0.22
CA THR B 27 8.62 -3.01 0.06
C THR B 27 9.13 -4.05 1.05
N PHE B 28 8.31 -5.04 1.34
CA PHE B 28 8.74 -6.10 2.23
C PHE B 28 9.83 -6.97 1.61
N LEU B 29 9.72 -7.24 0.32
CA LEU B 29 10.75 -8.01 -0.37
C LEU B 29 12.11 -7.31 -0.27
N GLU B 30 12.15 -6.03 -0.63
CA GLU B 30 13.39 -5.24 -0.48
C GLU B 30 13.86 -5.13 0.98
N HIS B 31 12.94 -5.07 1.90
CA HIS B 31 13.31 -5.14 3.31
C HIS B 31 14.11 -6.44 3.63
N MET B 32 13.61 -7.58 3.12
CA MET B 32 14.23 -8.88 3.37
C MET B 32 15.63 -8.86 2.77
N CYS B 33 15.74 -8.34 1.54
CA CYS B 33 16.99 -8.31 0.80
C CYS B 33 18.03 -7.42 1.44
N ARG B 34 17.60 -6.52 2.30
CA ARG B 34 18.53 -5.61 2.95
C ARG B 34 18.95 -6.12 4.30
N LEU B 35 18.35 -7.17 4.84
CA LEU B 35 18.77 -7.65 6.15
C LEU B 35 20.29 -7.99 6.15
N ASP B 36 20.97 -7.58 7.20
CA ASP B 36 22.44 -7.52 7.20
C ASP B 36 23.00 -8.07 8.50
N ILE B 37 23.69 -9.20 8.40
CA ILE B 37 24.36 -9.82 9.57
C ILE B 37 25.46 -8.94 10.21
N ASP B 38 25.97 -7.94 9.47
CA ASP B 38 26.96 -6.98 10.00
C ASP B 38 26.37 -5.67 10.58
N SER B 39 25.04 -5.62 10.75
CA SER B 39 24.37 -4.44 11.29
C SER B 39 24.01 -4.78 12.71
N PRO B 40 24.74 -4.22 13.68
CA PRO B 40 24.49 -4.73 15.04
C PRO B 40 23.26 -4.15 15.70
N PRO B 41 22.58 -4.95 16.54
CA PRO B 41 21.41 -4.50 17.28
C PRO B 41 21.74 -3.49 18.38
N ILE B 42 20.77 -2.69 18.83
CA ILE B 42 20.90 -1.90 20.07
C ILE B 42 21.14 -2.85 21.22
N THR B 43 21.42 -2.28 22.37
CA THR B 43 21.53 -3.11 23.57
C THR B 43 20.18 -3.69 24.02
N ALA B 44 19.10 -2.92 23.93
CA ALA B 44 17.85 -3.31 24.61
C ALA B 44 17.10 -4.42 23.89
N ARG B 45 16.74 -5.46 24.64
CA ARG B 45 15.95 -6.58 24.14
C ARG B 45 14.53 -6.41 24.65
N ASN B 46 13.55 -6.38 23.74
CA ASN B 46 12.12 -6.07 24.05
C ASN B 46 11.21 -7.26 24.41
N THR B 47 11.56 -8.44 23.92
CA THR B 47 10.74 -9.63 24.09
C THR B 47 11.06 -10.25 25.45
N GLY B 48 10.04 -10.39 26.29
CA GLY B 48 10.22 -11.00 27.58
C GLY B 48 10.61 -12.47 27.48
N ILE B 49 11.43 -12.93 28.41
CA ILE B 49 11.82 -14.35 28.47
C ILE B 49 11.24 -14.97 29.72
N ILE B 50 10.50 -16.08 29.53
CA ILE B 50 9.85 -16.83 30.59
C ILE B 50 10.62 -18.14 30.74
N CYS B 51 11.11 -18.42 31.94
CA CYS B 51 11.86 -19.64 32.19
C CYS B 51 11.15 -20.47 33.20
N THR B 52 10.96 -21.72 32.85
CA THR B 52 10.41 -22.71 33.75
C THR B 52 11.51 -23.09 34.71
N ILE B 53 11.18 -23.18 35.99
CA ILE B 53 12.17 -23.52 36.97
C ILE B 53 12.03 -25.00 37.36
N GLY B 54 13.14 -25.70 37.50
CA GLY B 54 13.11 -27.08 37.96
C GLY B 54 14.47 -27.43 38.49
N PRO B 55 14.79 -28.73 38.61
CA PRO B 55 16.04 -29.15 39.26
C PRO B 55 17.31 -28.50 38.71
N ALA B 56 17.32 -28.18 37.42
CA ALA B 56 18.47 -27.57 36.76
C ALA B 56 18.68 -26.11 37.17
N SER B 57 17.65 -25.45 37.69
CA SER B 57 17.65 -23.98 37.76
C SER B 57 17.15 -23.39 39.07
N ARG B 58 16.90 -24.25 40.05
CA ARG B 58 16.19 -23.93 41.28
C ARG B 58 17.02 -23.26 42.39
N SER B 59 18.32 -23.52 42.42
CA SER B 59 19.18 -22.94 43.45
C SER B 59 19.26 -21.42 43.31
N VAL B 60 19.51 -20.77 44.43
CA VAL B 60 19.63 -19.32 44.46
C VAL B 60 20.76 -18.86 43.57
N GLU B 61 21.88 -19.57 43.60
CA GLU B 61 23.05 -19.20 42.81
C GLU B 61 22.78 -19.30 41.31
N THR B 62 22.03 -20.31 40.87
CA THR B 62 21.71 -20.45 39.44
C THR B 62 20.70 -19.43 39.03
N LEU B 63 19.67 -19.25 39.85
CA LEU B 63 18.68 -18.22 39.63
C LEU B 63 19.32 -16.85 39.45
N LYS B 64 20.35 -16.52 40.21
CA LYS B 64 21.04 -15.25 40.07
C LYS B 64 21.61 -15.09 38.67
N GLU B 65 22.24 -16.15 38.17
CA GLU B 65 22.81 -16.16 36.82
C GLU B 65 21.77 -16.15 35.68
N MET B 66 20.64 -16.82 35.92
CA MET B 66 19.47 -16.78 35.03
C MET B 66 18.99 -15.35 34.86
N ILE B 67 18.88 -14.61 35.97
CA ILE B 67 18.46 -13.22 35.94
C ILE B 67 19.46 -12.39 35.17
N LYS B 68 20.74 -12.58 35.46
CA LYS B 68 21.79 -11.88 34.72
C LYS B 68 21.77 -12.24 33.22
N SER B 69 21.40 -13.49 32.90
CA SER B 69 21.41 -13.96 31.52
C SER B 69 20.15 -13.44 30.75
N GLY B 70 19.10 -13.04 31.45
CA GLY B 70 17.96 -12.37 30.85
C GLY B 70 16.57 -12.89 31.25
N MET B 71 16.46 -13.82 32.20
CA MET B 71 15.14 -14.28 32.63
C MET B 71 14.31 -13.11 33.19
N ASN B 72 13.07 -12.97 32.73
CA ASN B 72 12.17 -11.93 33.20
C ASN B 72 11.06 -12.49 34.07
N VAL B 73 10.69 -13.74 33.80
CA VAL B 73 9.56 -14.38 34.47
C VAL B 73 9.97 -15.79 34.82
N ALA B 74 9.75 -16.17 36.07
CA ALA B 74 10.00 -17.54 36.51
C ALA B 74 8.67 -18.27 36.51
N ARG B 75 8.60 -19.35 35.72
CA ARG B 75 7.39 -20.15 35.60
C ARG B 75 7.47 -21.42 36.44
N LEU B 76 6.43 -21.67 37.20
CA LEU B 76 6.33 -22.87 38.00
C LEU B 76 5.22 -23.76 37.48
N ASN B 77 5.59 -24.94 37.02
CA ASN B 77 4.64 -25.90 36.49
C ASN B 77 4.05 -26.74 37.62
N PHE B 78 2.79 -26.49 37.95
CA PHE B 78 2.05 -27.23 38.99
C PHE B 78 1.47 -28.60 38.59
N SER B 79 1.81 -29.09 37.40
CA SER B 79 1.42 -30.47 37.02
C SER B 79 1.99 -31.43 38.03
N HIS B 80 3.18 -31.10 38.53
CA HIS B 80 3.81 -31.93 39.58
C HIS B 80 4.33 -31.07 40.72
N GLY B 81 4.60 -31.72 41.85
CA GLY B 81 5.26 -31.08 42.99
C GLY B 81 4.28 -30.56 44.05
N THR B 82 4.69 -30.65 45.30
CA THR B 82 3.90 -30.18 46.43
C THR B 82 3.99 -28.68 46.60
N HIS B 83 3.02 -28.14 47.32
CA HIS B 83 3.01 -26.72 47.64
C HIS B 83 4.27 -26.34 48.43
N GLU B 84 4.70 -27.24 49.31
CA GLU B 84 5.94 -27.07 50.06
C GLU B 84 7.10 -26.81 49.08
N TYR B 85 7.25 -27.67 48.10
CA TYR B 85 8.29 -27.54 47.08
C TYR B 85 8.22 -26.24 46.33
N HIS B 86 7.03 -25.88 45.83
CA HIS B 86 6.92 -24.68 45.01
C HIS B 86 7.09 -23.42 45.84
N ALA B 87 6.64 -23.46 47.09
CA ALA B 87 6.87 -22.33 48.01
C ALA B 87 8.38 -22.05 48.14
N GLU B 88 9.14 -23.12 48.32
CA GLU B 88 10.57 -23.00 48.39
C GLU B 88 11.15 -22.48 47.08
N THR B 89 10.61 -22.94 45.96
CA THR B 89 11.11 -22.40 44.71
C THR B 89 10.88 -20.91 44.67
N ILE B 90 9.69 -20.48 45.06
CA ILE B 90 9.33 -19.07 44.99
C ILE B 90 10.22 -18.21 45.90
N LYS B 91 10.50 -18.76 47.07
CA LYS B 91 11.40 -18.12 48.03
C LYS B 91 12.80 -17.94 47.41
N ASN B 92 13.25 -18.97 46.68
CA ASN B 92 14.56 -18.93 46.08
C ASN B 92 14.61 -17.88 45.01
N VAL B 93 13.54 -17.81 44.20
CA VAL B 93 13.43 -16.80 43.16
C VAL B 93 13.49 -15.40 43.74
N ARG B 94 12.76 -15.19 44.83
CA ARG B 94 12.76 -13.88 45.49
C ARG B 94 14.09 -13.51 46.13
N THR B 95 14.74 -14.47 46.77
CA THR B 95 16.07 -14.22 47.30
C THR B 95 17.06 -13.81 46.20
N ALA B 96 16.99 -14.49 45.05
CA ALA B 96 17.91 -14.22 43.95
C ALA B 96 17.66 -12.83 43.38
N THR B 97 16.38 -12.52 43.19
CA THR B 97 15.99 -11.24 42.62
C THR B 97 16.43 -10.08 43.50
N GLU B 98 16.21 -10.22 44.80
CA GLU B 98 16.44 -9.13 45.74
C GLU B 98 17.90 -8.95 46.10
N SER B 99 18.76 -9.88 45.68
CA SER B 99 20.20 -9.73 45.88
C SER B 99 20.71 -8.56 45.04
N PHE B 100 19.96 -8.20 44.00
CA PHE B 100 20.32 -7.03 43.18
C PHE B 100 19.64 -5.74 43.61
N ALA B 101 18.90 -5.77 44.71
CA ALA B 101 18.00 -4.69 45.12
C ALA B 101 18.75 -3.44 45.53
N SER B 102 19.96 -3.64 46.04
CA SER B 102 20.76 -2.55 46.62
C SER B 102 21.11 -1.44 45.62
N ASP B 103 21.12 -1.76 44.32
CA ASP B 103 21.38 -0.79 43.25
C ASP B 103 20.12 -0.66 42.41
N PRO B 104 19.21 0.24 42.81
CA PRO B 104 17.91 0.28 42.16
C PRO B 104 17.95 0.73 40.71
N ILE B 105 19.02 1.42 40.30
CA ILE B 105 19.21 1.77 38.89
C ILE B 105 19.41 0.53 38.00
N LEU B 106 20.04 -0.52 38.54
CA LEU B 106 20.32 -1.74 37.78
C LEU B 106 19.36 -2.91 38.13
N TYR B 107 18.58 -2.77 39.19
CA TYR B 107 17.63 -3.80 39.60
C TYR B 107 16.64 -4.19 38.50
N ARG B 108 16.51 -5.50 38.25
CA ARG B 108 15.55 -6.02 37.28
C ARG B 108 14.43 -6.73 38.02
N PRO B 109 13.18 -6.29 37.80
CA PRO B 109 12.09 -7.03 38.43
C PRO B 109 11.99 -8.41 37.81
N VAL B 110 11.57 -9.38 38.60
CA VAL B 110 11.37 -10.75 38.07
C VAL B 110 10.01 -11.23 38.51
N ALA B 111 9.17 -11.66 37.57
CA ALA B 111 7.80 -12.05 37.90
C ALA B 111 7.71 -13.54 38.24
N VAL B 112 6.73 -13.91 39.04
CA VAL B 112 6.41 -15.33 39.30
C VAL B 112 5.08 -15.70 38.64
N ALA B 113 5.10 -16.73 37.80
CA ALA B 113 3.93 -17.24 37.09
C ALA B 113 3.62 -18.65 37.54
N LEU B 114 2.36 -18.93 37.81
CA LEU B 114 1.89 -20.24 38.30
C LEU B 114 1.13 -20.88 37.11
N ASP B 115 1.59 -22.03 36.64
CA ASP B 115 1.01 -22.66 35.47
C ASP B 115 0.27 -23.84 36.00
N THR B 116 -1.03 -23.89 35.83
CA THR B 116 -1.86 -24.87 36.53
C THR B 116 -1.78 -26.24 35.86
N LYS B 117 -2.09 -27.29 36.62
CA LYS B 117 -2.18 -28.65 36.08
C LYS B 117 -3.34 -28.68 35.12
N GLY B 118 -4.50 -28.23 35.59
CA GLY B 118 -5.67 -28.14 34.73
C GLY B 118 -6.28 -29.50 34.59
N PRO B 119 -7.44 -29.57 33.93
CA PRO B 119 -8.15 -30.84 33.94
C PRO B 119 -7.50 -31.82 32.98
N GLU B 120 -7.51 -33.10 33.35
CA GLU B 120 -6.86 -34.15 32.58
C GLU B 120 -7.77 -35.39 32.47
N ILE B 121 -7.58 -36.14 31.39
CA ILE B 121 -8.11 -37.47 31.25
C ILE B 121 -6.93 -38.38 31.46
N ARG B 122 -7.10 -39.41 32.29
CA ARG B 122 -6.03 -40.33 32.66
C ARG B 122 -6.52 -41.76 32.59
N THR B 123 -5.66 -42.67 32.16
CA THR B 123 -5.93 -44.12 32.32
C THR B 123 -5.64 -44.58 33.76
N GLY B 124 -5.95 -45.84 34.06
CA GLY B 124 -5.73 -46.41 35.40
C GLY B 124 -4.47 -47.24 35.51
N LEU B 125 -4.43 -48.17 36.46
CA LEU B 125 -3.27 -49.04 36.66
C LEU B 125 -3.31 -50.27 35.75
N ILE B 126 -2.23 -50.49 35.01
CA ILE B 126 -2.03 -51.73 34.23
C ILE B 126 -1.86 -52.95 35.16
N LYS B 127 -2.42 -54.09 34.74
CA LYS B 127 -2.27 -55.40 35.42
C LYS B 127 -2.20 -55.33 36.94
N ALA B 132 4.39 -51.02 35.84
CA ALA B 132 4.01 -52.04 34.86
C ALA B 132 3.67 -51.43 33.48
N GLU B 133 3.92 -52.20 32.42
CA GLU B 133 3.55 -51.78 31.05
C GLU B 133 3.01 -52.96 30.24
N VAL B 134 2.40 -52.66 29.09
CA VAL B 134 1.92 -53.68 28.14
C VAL B 134 2.12 -53.19 26.71
N GLU B 135 2.18 -54.12 25.75
CA GLU B 135 2.40 -53.77 24.34
C GLU B 135 1.07 -53.76 23.59
N LEU B 136 0.85 -52.68 22.84
CA LEU B 136 -0.30 -52.57 21.92
C LEU B 136 0.21 -52.61 20.48
N LYS B 137 -0.36 -53.53 19.70
CA LYS B 137 0.10 -53.80 18.34
C LYS B 137 -0.85 -53.16 17.31
N LYS B 138 -0.26 -52.58 16.26
CA LYS B 138 -1.03 -51.97 15.18
C LYS B 138 -2.10 -52.93 14.63
N GLY B 139 -3.35 -52.46 14.57
CA GLY B 139 -4.46 -53.25 14.03
C GLY B 139 -5.32 -54.02 15.02
N ALA B 140 -4.87 -54.12 16.27
CA ALA B 140 -5.58 -54.91 17.30
C ALA B 140 -6.86 -54.22 17.79
N THR B 141 -7.71 -54.98 18.47
CA THR B 141 -8.91 -54.45 19.13
C THR B 141 -8.61 -54.15 20.60
N LEU B 142 -9.35 -53.21 21.17
CA LEU B 142 -9.03 -52.67 22.49
C LEU B 142 -10.22 -51.88 23.06
N LYS B 143 -10.95 -52.49 23.97
CA LYS B 143 -12.12 -51.85 24.58
C LYS B 143 -11.70 -50.81 25.64
N ILE B 144 -12.43 -49.70 25.68
CA ILE B 144 -12.37 -48.76 26.79
C ILE B 144 -13.63 -48.94 27.63
N THR B 145 -13.50 -48.80 28.95
CA THR B 145 -14.61 -48.89 29.88
C THR B 145 -14.45 -47.79 30.91
N LEU B 146 -15.57 -47.38 31.50
CA LEU B 146 -15.58 -46.45 32.62
C LEU B 146 -15.93 -47.20 33.89
N ASP B 147 -16.20 -48.50 33.74
CA ASP B 147 -16.47 -49.36 34.88
C ASP B 147 -15.26 -49.36 35.83
N ASN B 148 -15.36 -48.54 36.88
CA ASN B 148 -14.35 -48.45 37.94
C ASN B 148 -13.87 -49.79 38.53
N ALA B 149 -14.56 -50.89 38.26
CA ALA B 149 -14.03 -52.22 38.63
C ALA B 149 -12.79 -52.61 37.81
N TYR B 150 -12.54 -51.93 36.69
CA TYR B 150 -11.37 -52.20 35.84
C TYR B 150 -10.29 -51.13 36.01
N MET B 151 -10.50 -50.29 37.02
CA MET B 151 -9.64 -49.15 37.38
C MET B 151 -8.19 -49.55 37.65
N GLU B 152 -8.05 -50.70 38.31
CA GLU B 152 -6.77 -51.29 38.68
C GLU B 152 -6.37 -52.47 37.77
N LYS B 153 -7.15 -52.75 36.73
CA LYS B 153 -6.96 -53.98 35.92
C LYS B 153 -6.90 -53.74 34.40
N CYS B 154 -6.32 -52.62 33.98
CA CYS B 154 -6.08 -52.32 32.55
C CYS B 154 -5.12 -53.31 31.91
N ASP B 155 -5.37 -53.72 30.66
CA ASP B 155 -4.48 -54.66 29.96
C ASP B 155 -4.49 -54.52 28.41
N GLU B 156 -4.01 -55.56 27.72
CA GLU B 156 -3.92 -55.57 26.27
C GLU B 156 -5.28 -55.50 25.57
N ASN B 157 -6.31 -56.04 26.21
CA ASN B 157 -7.67 -56.10 25.65
C ASN B 157 -8.62 -55.01 26.17
N ILE B 158 -8.28 -54.42 27.32
CA ILE B 158 -9.17 -53.53 28.06
C ILE B 158 -8.42 -52.35 28.71
N LEU B 159 -9.04 -51.16 28.69
CA LEU B 159 -8.45 -49.92 29.22
C LEU B 159 -9.50 -49.03 29.92
N TRP B 160 -9.24 -48.69 31.18
CA TRP B 160 -10.14 -47.83 31.95
C TRP B 160 -9.70 -46.39 31.79
N LEU B 161 -10.66 -45.48 31.90
CA LEU B 161 -10.42 -44.03 31.84
C LEU B 161 -11.19 -43.34 32.94
N ASP B 162 -10.71 -42.18 33.37
CA ASP B 162 -11.32 -41.47 34.50
C ASP B 162 -12.34 -40.41 34.10
N TYR B 163 -12.53 -40.20 32.79
CA TYR B 163 -13.44 -39.19 32.26
C TYR B 163 -14.81 -39.84 32.00
N LYS B 164 -15.73 -39.62 32.93
CA LYS B 164 -17.03 -40.31 32.96
C LYS B 164 -17.89 -40.01 31.71
N ASN B 165 -17.77 -38.80 31.18
CA ASN B 165 -18.62 -38.34 30.08
C ASN B 165 -18.02 -38.51 28.68
N ILE B 166 -17.19 -39.52 28.47
CA ILE B 166 -16.42 -39.59 27.22
C ILE B 166 -17.27 -39.99 26.03
N CYS B 167 -18.24 -40.87 26.26
CA CYS B 167 -19.14 -41.34 25.21
C CYS B 167 -20.08 -40.26 24.68
N LYS B 168 -20.27 -39.22 25.47
CA LYS B 168 -21.13 -38.12 25.09
C LYS B 168 -20.40 -37.23 24.12
N VAL B 169 -19.07 -37.18 24.25
CA VAL B 169 -18.24 -36.18 23.59
C VAL B 169 -17.40 -36.71 22.42
N VAL B 170 -17.58 -37.99 22.08
CA VAL B 170 -16.89 -38.61 20.94
C VAL B 170 -17.83 -39.54 20.18
N GLU B 171 -17.62 -39.63 18.87
CA GLU B 171 -18.54 -40.34 17.97
C GLU B 171 -17.83 -41.54 17.35
N VAL B 172 -18.62 -42.44 16.77
CA VAL B 172 -18.06 -43.53 15.96
C VAL B 172 -17.18 -42.90 14.89
N GLY B 173 -16.00 -43.46 14.67
CA GLY B 173 -15.04 -42.94 13.68
C GLY B 173 -14.08 -41.90 14.23
N SER B 174 -14.27 -41.47 15.47
CA SER B 174 -13.42 -40.44 16.10
C SER B 174 -12.05 -41.00 16.44
N LYS B 175 -11.11 -40.13 16.80
CA LYS B 175 -9.75 -40.55 17.18
C LYS B 175 -9.53 -40.27 18.66
N ILE B 176 -8.82 -41.19 19.33
CA ILE B 176 -8.41 -41.03 20.74
C ILE B 176 -6.90 -41.21 20.89
N TYR B 177 -6.23 -40.20 21.42
CA TYR B 177 -4.78 -40.26 21.62
C TYR B 177 -4.47 -40.57 23.09
N VAL B 178 -3.50 -41.45 23.30
CA VAL B 178 -3.07 -41.87 24.65
C VAL B 178 -1.56 -41.69 24.83
N ASP B 179 -1.17 -41.20 26.00
CA ASP B 179 0.22 -41.01 26.40
C ASP B 179 0.90 -39.98 25.49
N ASP B 180 0.54 -38.73 25.73
CA ASP B 180 1.02 -37.59 24.94
C ASP B 180 1.16 -37.96 23.47
N GLY B 181 0.11 -38.55 22.90
CA GLY B 181 0.04 -38.82 21.47
C GLY B 181 0.83 -40.00 20.91
N LEU B 182 1.51 -40.77 21.76
CA LEU B 182 2.30 -41.89 21.27
C LEU B 182 1.37 -42.91 20.62
N ILE B 183 0.21 -43.09 21.26
CA ILE B 183 -0.77 -44.09 20.86
C ILE B 183 -2.00 -43.42 20.21
N SER B 184 -2.54 -44.08 19.18
CA SER B 184 -3.66 -43.58 18.39
C SER B 184 -4.75 -44.66 18.26
N LEU B 185 -5.98 -44.37 18.66
CA LEU B 185 -7.10 -45.31 18.52
C LEU B 185 -8.21 -44.74 17.63
N GLN B 186 -9.11 -45.62 17.20
CA GLN B 186 -10.30 -45.20 16.45
C GLN B 186 -11.57 -45.85 17.00
N VAL B 187 -12.58 -45.03 17.32
CA VAL B 187 -13.82 -45.51 17.93
C VAL B 187 -14.73 -46.19 16.90
N LYS B 188 -15.06 -47.45 17.15
CA LYS B 188 -15.87 -48.28 16.23
C LYS B 188 -17.27 -48.55 16.76
N GLN B 189 -17.36 -48.95 18.02
CA GLN B 189 -18.63 -49.10 18.70
C GLN B 189 -18.71 -48.03 19.79
N LYS B 190 -19.90 -47.49 20.00
CA LYS B 190 -20.16 -46.47 21.02
C LYS B 190 -21.37 -46.96 21.83
N GLY B 191 -21.11 -47.54 23.00
CA GLY B 191 -22.17 -48.16 23.80
C GLY B 191 -22.79 -47.25 24.84
N ALA B 192 -22.91 -47.74 26.06
CA ALA B 192 -23.48 -46.97 27.17
C ALA B 192 -22.37 -46.42 28.07
N ASP B 193 -21.55 -47.32 28.59
CA ASP B 193 -20.41 -46.97 29.43
C ASP B 193 -19.10 -47.55 28.85
N PHE B 194 -19.00 -47.61 27.52
CA PHE B 194 -17.87 -48.28 26.84
C PHE B 194 -17.70 -47.86 25.38
N LEU B 195 -16.47 -48.05 24.87
CA LEU B 195 -16.13 -47.84 23.46
C LEU B 195 -15.27 -48.99 22.95
N VAL B 196 -15.57 -49.49 21.74
CA VAL B 196 -14.72 -50.51 21.10
C VAL B 196 -13.87 -49.83 20.04
N THR B 197 -12.55 -50.02 20.10
CA THR B 197 -11.63 -49.30 19.24
C THR B 197 -10.61 -50.21 18.57
N GLU B 198 -10.11 -49.76 17.42
CA GLU B 198 -8.96 -50.37 16.74
C GLU B 198 -7.72 -49.51 16.98
N VAL B 199 -6.57 -50.14 17.18
CA VAL B 199 -5.33 -49.45 17.47
C VAL B 199 -4.61 -49.00 16.20
N GLU B 200 -4.64 -47.69 15.93
CA GLU B 200 -3.92 -47.12 14.78
C GLU B 200 -2.41 -47.12 15.07
N ASN B 201 -1.99 -46.35 16.06
CA ASN B 201 -0.56 -46.21 16.37
C ASN B 201 -0.19 -47.02 17.61
N GLY B 202 0.37 -48.20 17.40
CA GLY B 202 0.73 -49.10 18.51
C GLY B 202 1.99 -48.69 19.25
N GLY B 203 2.22 -49.31 20.40
CA GLY B 203 3.40 -49.04 21.24
C GLY B 203 3.28 -49.54 22.67
N SER B 204 4.14 -49.04 23.55
CA SER B 204 4.14 -49.40 24.97
C SER B 204 3.07 -48.64 25.78
N LEU B 205 2.09 -49.37 26.33
CA LEU B 205 1.07 -48.74 27.19
C LEU B 205 1.35 -48.89 28.68
N GLY B 206 1.66 -47.77 29.32
CA GLY B 206 1.87 -47.73 30.76
C GLY B 206 0.58 -47.44 31.52
N SER B 207 0.73 -47.09 32.79
CA SER B 207 -0.38 -46.76 33.67
C SER B 207 -0.54 -45.25 33.81
N LYS B 208 -1.75 -44.83 34.14
CA LYS B 208 -2.00 -43.44 34.47
C LYS B 208 -1.49 -42.46 33.41
N LYS B 209 -1.63 -42.83 32.13
CA LYS B 209 -1.20 -41.96 31.05
C LYS B 209 -2.26 -40.91 30.69
N GLY B 210 -1.80 -39.80 30.13
CA GLY B 210 -2.68 -38.72 29.65
C GLY B 210 -3.36 -39.09 28.32
N VAL B 211 -4.61 -38.67 28.17
CA VAL B 211 -5.41 -39.00 26.99
C VAL B 211 -5.86 -37.69 26.35
N ASN B 212 -5.66 -37.57 25.04
CA ASN B 212 -6.22 -36.47 24.24
C ASN B 212 -7.31 -36.95 23.30
N LEU B 213 -8.25 -36.04 23.06
CA LEU B 213 -9.44 -36.28 22.24
C LEU B 213 -9.55 -35.16 21.19
N PRO B 214 -8.83 -35.31 20.06
CA PRO B 214 -8.78 -34.26 19.02
C PRO B 214 -10.14 -33.96 18.47
N GLY B 215 -10.46 -32.68 18.31
CA GLY B 215 -11.77 -32.27 17.81
C GLY B 215 -12.96 -32.38 18.77
N ALA B 216 -12.79 -33.06 19.91
CA ALA B 216 -13.92 -33.23 20.82
C ALA B 216 -14.16 -31.99 21.69
N ALA B 217 -15.42 -31.72 22.02
CA ALA B 217 -15.76 -30.67 22.98
C ALA B 217 -15.71 -31.27 24.39
N VAL B 218 -14.53 -31.25 25.01
CA VAL B 218 -14.35 -31.87 26.34
C VAL B 218 -15.10 -31.05 27.38
N ASP B 219 -15.96 -31.70 28.16
CA ASP B 219 -16.82 -31.01 29.11
C ASP B 219 -16.30 -31.06 30.56
N LEU B 220 -15.04 -31.44 30.72
CA LEU B 220 -14.42 -31.43 32.04
C LEU B 220 -14.50 -30.01 32.63
N PRO B 221 -14.59 -29.89 33.96
CA PRO B 221 -14.70 -28.58 34.61
C PRO B 221 -13.62 -27.61 34.17
N ALA B 222 -13.92 -26.31 34.26
CA ALA B 222 -12.97 -25.26 33.89
C ALA B 222 -11.74 -25.30 34.78
N VAL B 223 -11.93 -25.68 36.03
CA VAL B 223 -10.84 -25.83 37.00
C VAL B 223 -11.08 -27.09 37.85
N SER B 224 -10.02 -27.88 38.06
CA SER B 224 -10.11 -29.13 38.87
C SER B 224 -10.08 -28.81 40.36
N GLU B 225 -10.40 -29.81 41.18
CA GLU B 225 -10.24 -29.73 42.64
C GLU B 225 -8.83 -29.26 43.04
N LYS B 226 -7.81 -29.86 42.42
CA LYS B 226 -6.42 -29.50 42.65
C LYS B 226 -6.08 -28.09 42.13
N ASP B 227 -6.57 -27.70 40.94
CA ASP B 227 -6.37 -26.33 40.45
C ASP B 227 -6.90 -25.32 41.46
N ILE B 228 -8.06 -25.61 42.04
CA ILE B 228 -8.69 -24.73 43.03
C ILE B 228 -7.71 -24.47 44.17
N GLN B 229 -7.28 -25.52 44.85
CA GLN B 229 -6.28 -25.36 45.90
C GLN B 229 -5.04 -24.60 45.37
N ASP B 230 -4.63 -24.93 44.15
CA ASP B 230 -3.39 -24.36 43.57
C ASP B 230 -3.48 -22.85 43.36
N LEU B 231 -4.64 -22.38 42.92
CA LEU B 231 -4.85 -20.95 42.68
C LEU B 231 -4.94 -20.17 44.02
N LYS B 232 -5.58 -20.77 45.01
CA LYS B 232 -5.57 -20.20 46.35
C LYS B 232 -4.14 -20.05 46.89
N PHE B 233 -3.32 -21.08 46.69
CA PHE B 233 -1.89 -21.01 46.98
C PHE B 233 -1.21 -19.87 46.20
N GLY B 234 -1.55 -19.71 44.92
CA GLY B 234 -1.00 -18.59 44.13
C GLY B 234 -1.23 -17.23 44.75
N VAL B 235 -2.44 -17.03 45.30
CA VAL B 235 -2.83 -15.75 45.89
C VAL B 235 -2.07 -15.56 47.19
N GLU B 236 -2.08 -16.57 48.05
CA GLU B 236 -1.29 -16.58 49.28
C GLU B 236 0.18 -16.21 49.04
N GLN B 237 0.75 -16.72 47.96
CA GLN B 237 2.18 -16.56 47.66
C GLN B 237 2.45 -15.30 46.85
N ASP B 238 1.40 -14.54 46.57
CA ASP B 238 1.49 -13.26 45.87
C ASP B 238 2.11 -13.43 44.46
N VAL B 239 1.68 -14.46 43.71
CA VAL B 239 2.20 -14.64 42.34
C VAL B 239 1.68 -13.49 41.46
N ASP B 240 2.38 -13.22 40.37
CA ASP B 240 2.07 -12.12 39.46
C ASP B 240 1.08 -12.45 38.35
N MET B 241 1.00 -13.71 37.98
CA MET B 241 0.20 -14.13 36.84
C MET B 241 -0.07 -15.62 36.95
N VAL B 242 -1.15 -16.04 36.32
CA VAL B 242 -1.53 -17.45 36.27
C VAL B 242 -1.64 -17.87 34.81
N PHE B 243 -1.01 -18.99 34.46
CA PHE B 243 -1.15 -19.60 33.16
C PHE B 243 -2.19 -20.73 33.29
N ALA B 244 -3.42 -20.43 32.88
CA ALA B 244 -4.57 -21.33 33.10
C ALA B 244 -4.59 -22.36 31.99
N SER B 245 -4.58 -23.63 32.36
CA SER B 245 -4.44 -24.71 31.40
C SER B 245 -5.76 -25.05 30.73
N PHE B 246 -5.64 -25.39 29.45
CA PHE B 246 -6.70 -26.06 28.71
C PHE B 246 -8.00 -25.22 28.69
N ILE B 247 -7.84 -23.93 28.41
CA ILE B 247 -9.00 -23.04 28.28
C ILE B 247 -9.71 -23.27 26.94
N ARG B 248 -11.00 -23.55 26.99
CA ARG B 248 -11.81 -23.92 25.84
C ARG B 248 -12.87 -22.90 25.46
N LYS B 249 -13.29 -22.08 26.42
CA LYS B 249 -14.35 -21.13 26.22
C LYS B 249 -14.20 -19.97 27.22
N ALA B 250 -14.87 -18.85 26.93
CA ALA B 250 -14.85 -17.68 27.80
C ALA B 250 -15.21 -18.00 29.23
N SER B 251 -16.17 -18.89 29.43
CA SER B 251 -16.66 -19.21 30.78
C SER B 251 -15.62 -19.98 31.59
N ASP B 252 -14.62 -20.56 30.94
CA ASP B 252 -13.55 -21.18 31.69
C ASP B 252 -12.67 -20.08 32.28
N VAL B 253 -12.45 -18.99 31.52
CA VAL B 253 -11.67 -17.87 32.02
C VAL B 253 -12.37 -17.24 33.24
N HIS B 254 -13.68 -17.02 33.13
CA HIS B 254 -14.48 -16.50 34.26
C HIS B 254 -14.42 -17.36 35.51
N GLU B 255 -14.53 -18.68 35.36
CA GLU B 255 -14.41 -19.57 36.51
C GLU B 255 -13.03 -19.42 37.18
N VAL B 256 -11.98 -19.24 36.39
CA VAL B 256 -10.63 -19.00 36.94
C VAL B 256 -10.59 -17.66 37.67
N ARG B 257 -11.15 -16.63 37.03
CA ARG B 257 -11.20 -15.30 37.61
C ARG B 257 -11.97 -15.26 38.94
N LYS B 258 -13.01 -16.08 39.05
CA LYS B 258 -13.87 -16.09 40.21
C LYS B 258 -13.19 -16.85 41.36
N VAL B 259 -12.37 -17.84 41.01
CA VAL B 259 -11.58 -18.59 41.99
C VAL B 259 -10.46 -17.71 42.56
N LEU B 260 -9.79 -16.91 41.71
CA LEU B 260 -8.83 -15.91 42.17
C LEU B 260 -9.50 -14.88 43.13
N GLY B 261 -10.66 -14.34 42.75
CA GLY B 261 -11.49 -13.55 43.66
C GLY B 261 -10.97 -12.16 43.93
N GLU B 262 -11.44 -11.52 45.01
CA GLU B 262 -11.00 -10.14 45.33
C GLU B 262 -9.52 -10.08 45.73
N LYS B 263 -9.05 -11.09 46.47
CA LYS B 263 -7.65 -11.10 46.90
C LYS B 263 -6.73 -11.28 45.69
N GLY B 264 -7.18 -12.09 44.71
CA GLY B 264 -6.42 -12.29 43.47
C GLY B 264 -6.78 -11.40 42.30
N LYS B 265 -7.69 -10.46 42.50
CA LYS B 265 -8.18 -9.64 41.36
C LYS B 265 -7.11 -8.96 40.52
N ASN B 266 -5.93 -8.66 41.07
CA ASN B 266 -4.85 -8.04 40.23
C ASN B 266 -3.90 -9.04 39.58
N ILE B 267 -4.19 -10.32 39.77
CA ILE B 267 -3.38 -11.37 39.15
C ILE B 267 -3.80 -11.52 37.67
N LYS B 268 -2.83 -11.37 36.78
CA LYS B 268 -3.07 -11.53 35.35
C LYS B 268 -3.37 -12.97 35.01
N ILE B 269 -4.50 -13.20 34.31
CA ILE B 269 -4.85 -14.52 33.79
C ILE B 269 -4.45 -14.63 32.30
N ILE B 270 -3.49 -15.50 32.01
CA ILE B 270 -3.08 -15.81 30.65
C ILE B 270 -3.71 -17.16 30.28
N SER B 271 -4.53 -17.17 29.24
CA SER B 271 -5.22 -18.39 28.81
C SER B 271 -4.36 -19.23 27.87
N LYS B 272 -4.19 -20.50 28.24
CA LYS B 272 -3.46 -21.46 27.44
C LYS B 272 -4.39 -22.16 26.47
N ILE B 273 -4.12 -21.97 25.19
CA ILE B 273 -4.91 -22.57 24.11
C ILE B 273 -4.22 -23.86 23.69
N GLU B 274 -4.92 -24.97 23.85
CA GLU B 274 -4.30 -26.30 23.77
C GLU B 274 -5.03 -27.31 22.90
N ASN B 275 -6.17 -26.92 22.34
CA ASN B 275 -6.99 -27.81 21.53
C ASN B 275 -7.81 -27.07 20.51
N HIS B 276 -8.51 -27.84 19.65
CA HIS B 276 -9.27 -27.26 18.54
C HIS B 276 -10.34 -26.28 19.00
N GLU B 277 -11.11 -26.64 20.02
CA GLU B 277 -12.17 -25.79 20.54
C GLU B 277 -11.61 -24.47 21.03
N GLY B 278 -10.48 -24.48 21.71
CA GLY B 278 -9.87 -23.24 22.15
C GLY B 278 -9.48 -22.34 20.97
N VAL B 279 -8.97 -22.95 19.90
CA VAL B 279 -8.67 -22.19 18.66
C VAL B 279 -9.95 -21.66 17.99
N ARG B 280 -10.98 -22.49 17.92
CA ARG B 280 -12.25 -22.10 17.35
C ARG B 280 -12.90 -20.93 18.10
N ARG B 281 -12.84 -20.97 19.42
CA ARG B 281 -13.52 -19.99 20.24
C ARG B 281 -12.53 -18.98 20.75
N PHE B 282 -11.46 -18.80 19.99
CA PHE B 282 -10.39 -17.94 20.40
C PHE B 282 -10.84 -16.53 20.76
N ASP B 283 -11.72 -15.95 19.94
CA ASP B 283 -12.11 -14.55 20.13
C ASP B 283 -12.79 -14.29 21.47
N GLU B 284 -13.68 -15.19 21.89
CA GLU B 284 -14.31 -15.01 23.20
C GLU B 284 -13.30 -15.22 24.32
N ILE B 285 -12.40 -16.19 24.15
CA ILE B 285 -11.37 -16.42 25.16
C ILE B 285 -10.47 -15.20 25.33
N LEU B 286 -10.01 -14.65 24.21
CA LEU B 286 -9.16 -13.45 24.23
C LEU B 286 -9.83 -12.28 24.97
N GLU B 287 -11.10 -12.03 24.64
CA GLU B 287 -11.85 -10.93 25.23
C GLU B 287 -11.93 -11.12 26.75
N ALA B 288 -12.09 -12.36 27.23
CA ALA B 288 -12.19 -12.61 28.71
C ALA B 288 -10.82 -12.69 29.40
N SER B 289 -9.72 -12.77 28.66
CA SER B 289 -8.39 -12.99 29.28
C SER B 289 -7.56 -11.72 29.35
N ASP B 290 -6.51 -11.74 30.19
CA ASP B 290 -5.48 -10.68 30.20
C ASP B 290 -4.40 -10.89 29.14
N GLY B 291 -4.25 -12.13 28.68
CA GLY B 291 -3.35 -12.48 27.60
C GLY B 291 -3.46 -13.96 27.28
N ILE B 292 -2.61 -14.41 26.37
CA ILE B 292 -2.76 -15.74 25.75
C ILE B 292 -1.42 -16.48 25.67
N MET B 293 -1.45 -17.79 25.85
CA MET B 293 -0.30 -18.61 25.56
C MET B 293 -0.69 -19.60 24.49
N VAL B 294 0.10 -19.61 23.43
CA VAL B 294 -0.03 -20.63 22.40
C VAL B 294 0.71 -21.87 22.90
N ALA B 295 -0.01 -22.78 23.57
CA ALA B 295 0.59 -23.97 24.15
C ALA B 295 0.80 -25.04 23.08
N ARG B 296 1.89 -24.87 22.30
CA ARG B 296 2.12 -25.66 21.09
C ARG B 296 2.32 -27.15 21.31
N GLY B 297 2.83 -27.51 22.49
CA GLY B 297 3.02 -28.92 22.88
C GLY B 297 1.73 -29.67 22.76
N ASP B 298 0.80 -29.35 23.67
CA ASP B 298 -0.51 -29.99 23.68
C ASP B 298 -1.33 -29.69 22.40
N LEU B 299 -1.21 -28.49 21.87
CA LEU B 299 -1.94 -28.15 20.65
C LEU B 299 -1.55 -29.10 19.48
N GLY B 300 -0.28 -29.41 19.34
CA GLY B 300 0.16 -30.34 18.29
C GLY B 300 -0.11 -31.81 18.55
N ILE B 301 -0.63 -32.15 19.73
CA ILE B 301 -1.15 -33.50 19.92
C ILE B 301 -2.57 -33.46 19.40
N GLU B 302 -3.28 -32.35 19.65
CA GLU B 302 -4.72 -32.29 19.36
C GLU B 302 -5.06 -31.96 17.92
N ILE B 303 -4.24 -31.14 17.26
CA ILE B 303 -4.44 -30.80 15.84
C ILE B 303 -3.23 -31.33 15.02
N PRO B 304 -3.41 -31.59 13.71
CA PRO B 304 -2.22 -32.03 12.97
C PRO B 304 -1.02 -31.11 13.18
N ALA B 305 0.14 -31.72 13.46
CA ALA B 305 1.37 -30.95 13.71
C ALA B 305 1.68 -29.95 12.58
N GLU B 306 1.33 -30.28 11.35
CA GLU B 306 1.55 -29.34 10.22
C GLU B 306 0.63 -28.08 10.22
N LYS B 307 -0.36 -28.06 11.10
CA LYS B 307 -1.26 -26.92 11.21
C LYS B 307 -0.91 -25.98 12.38
N VAL B 308 0.09 -26.35 13.19
CA VAL B 308 0.37 -25.58 14.38
C VAL B 308 0.82 -24.19 14.04
N PHE B 309 1.65 -24.01 13.00
CA PHE B 309 2.16 -22.67 12.67
C PHE B 309 1.00 -21.70 12.30
N LEU B 310 -0.07 -22.23 11.73
CA LEU B 310 -1.24 -21.47 11.32
C LEU B 310 -1.94 -20.92 12.55
N ALA B 311 -2.19 -21.81 13.49
CA ALA B 311 -2.83 -21.47 14.72
C ALA B 311 -1.98 -20.46 15.47
N GLN B 312 -0.66 -20.67 15.49
CA GLN B 312 0.24 -19.74 16.16
C GLN B 312 0.17 -18.35 15.53
N LYS B 313 0.31 -18.28 14.21
CA LYS B 313 0.29 -16.98 13.53
C LYS B 313 -1.07 -16.30 13.71
N MET B 314 -2.14 -17.08 13.69
CA MET B 314 -3.46 -16.54 13.85
C MET B 314 -3.62 -15.93 15.21
N MET B 315 -3.19 -16.64 16.25
CA MET B 315 -3.37 -16.16 17.60
C MET B 315 -2.46 -14.97 17.89
N ILE B 316 -1.26 -14.96 17.35
CA ILE B 316 -0.38 -13.82 17.57
C ILE B 316 -0.96 -12.56 16.91
N GLY B 317 -1.43 -12.69 15.66
CA GLY B 317 -2.08 -11.58 14.94
C GLY B 317 -3.26 -11.01 15.70
N ARG B 318 -4.14 -11.88 16.18
CA ARG B 318 -5.36 -11.43 16.89
C ARG B 318 -5.02 -10.73 18.22
N CYS B 319 -4.03 -11.27 18.94
CA CYS B 319 -3.52 -10.64 20.13
C CYS B 319 -2.88 -9.28 19.89
N ASN B 320 -2.07 -9.17 18.86
CA ASN B 320 -1.51 -7.89 18.49
C ASN B 320 -2.66 -6.91 18.13
N ARG B 321 -3.65 -7.38 17.40
CA ARG B 321 -4.77 -6.53 16.98
C ARG B 321 -5.53 -6.02 18.22
N ALA B 322 -5.72 -6.88 19.23
CA ALA B 322 -6.43 -6.52 20.46
C ALA B 322 -5.52 -5.80 21.44
N GLY B 323 -4.22 -5.84 21.22
CA GLY B 323 -3.31 -5.23 22.18
C GLY B 323 -3.19 -6.00 23.48
N LYS B 324 -3.28 -7.32 23.40
CA LYS B 324 -3.13 -8.22 24.55
C LYS B 324 -1.86 -9.13 24.42
N PRO B 325 -1.12 -9.32 25.52
CA PRO B 325 0.12 -10.09 25.45
C PRO B 325 -0.11 -11.52 24.94
N VAL B 326 0.80 -11.98 24.10
CA VAL B 326 0.79 -13.36 23.64
C VAL B 326 2.20 -14.00 23.86
N ILE B 327 2.20 -15.22 24.41
CA ILE B 327 3.40 -15.98 24.70
C ILE B 327 3.47 -17.11 23.73
N CYS B 328 4.64 -17.30 23.07
CA CYS B 328 4.89 -18.48 22.28
C CYS B 328 5.69 -19.51 23.11
N ALA B 329 5.18 -20.73 23.18
CA ALA B 329 5.68 -21.72 24.13
C ALA B 329 5.97 -23.06 23.49
N THR B 330 7.00 -23.72 24.05
CA THR B 330 7.19 -25.16 23.99
C THR B 330 8.07 -25.59 22.83
N GLN B 331 9.19 -26.26 23.17
CA GLN B 331 10.14 -26.84 22.23
C GLN B 331 10.89 -25.81 21.36
N MET B 332 10.93 -24.55 21.78
CA MET B 332 11.60 -23.51 21.00
C MET B 332 13.11 -23.78 20.85
N LEU B 333 13.75 -24.26 21.92
CA LEU B 333 15.17 -24.61 21.90
C LEU B 333 15.37 -26.00 22.48
N GLU B 334 14.42 -26.90 22.19
CA GLU B 334 14.41 -28.25 22.76
C GLU B 334 15.77 -29.00 22.76
N SER B 335 16.51 -29.02 21.65
CA SER B 335 17.77 -29.78 21.63
C SER B 335 18.76 -29.28 22.72
N MET B 336 18.62 -28.04 23.17
CA MET B 336 19.48 -27.51 24.23
C MET B 336 19.29 -28.15 25.60
N ILE B 337 18.34 -29.07 25.73
CA ILE B 337 18.26 -29.91 26.90
C ILE B 337 19.53 -30.75 27.05
N LYS B 338 20.03 -31.25 25.93
CA LYS B 338 21.23 -32.05 25.87
C LYS B 338 22.46 -31.34 25.32
N LYS B 339 22.29 -30.21 24.63
CA LYS B 339 23.39 -29.63 23.83
C LYS B 339 23.64 -28.16 24.14
N PRO B 340 24.91 -27.72 24.05
CA PRO B 340 25.20 -26.32 24.43
C PRO B 340 24.77 -25.29 23.37
N ARG B 341 24.46 -25.74 22.17
CA ARG B 341 24.00 -24.88 21.07
C ARG B 341 22.70 -25.49 20.49
N PRO B 342 21.78 -24.64 19.97
CA PRO B 342 20.51 -25.13 19.39
C PRO B 342 20.67 -25.57 17.94
N THR B 343 19.68 -26.32 17.45
CA THR B 343 19.64 -26.65 16.04
C THR B 343 19.28 -25.41 15.23
N ARG B 344 19.48 -25.48 13.93
CA ARG B 344 19.12 -24.35 13.06
C ARG B 344 17.61 -24.12 13.03
N ALA B 345 16.82 -25.17 13.18
CA ALA B 345 15.36 -25.00 13.22
C ALA B 345 14.93 -24.20 14.44
N GLU B 346 15.63 -24.42 15.54
CA GLU B 346 15.31 -23.79 16.83
C GLU B 346 15.66 -22.29 16.82
N GLY B 347 16.83 -21.93 16.28
CA GLY B 347 17.18 -20.53 16.10
C GLY B 347 16.11 -19.81 15.28
N SER B 348 15.73 -20.45 14.17
CA SER B 348 14.67 -19.96 13.30
C SER B 348 13.30 -19.83 13.98
N ASP B 349 12.84 -20.86 14.67
CA ASP B 349 11.59 -20.81 15.41
C ASP B 349 11.54 -19.59 16.35
N VAL B 350 12.62 -19.33 17.10
CA VAL B 350 12.61 -18.22 18.04
C VAL B 350 12.55 -16.88 17.28
N ALA B 351 13.37 -16.74 16.26
CA ALA B 351 13.41 -15.51 15.53
C ALA B 351 12.03 -15.24 14.93
N ASN B 352 11.41 -16.26 14.33
CA ASN B 352 10.13 -16.12 13.66
C ASN B 352 8.95 -15.85 14.64
N ALA B 353 9.03 -16.33 15.87
CA ALA B 353 8.02 -15.97 16.87
C ALA B 353 8.04 -14.46 17.18
N VAL B 354 9.23 -13.89 17.25
CA VAL B 354 9.40 -12.47 17.50
C VAL B 354 8.96 -11.70 16.27
N LEU B 355 9.41 -12.12 15.10
CA LEU B 355 8.94 -11.49 13.86
C LEU B 355 7.40 -11.59 13.70
N ASP B 356 6.80 -12.72 14.06
CA ASP B 356 5.32 -12.88 14.05
C ASP B 356 4.60 -11.83 14.92
N GLY B 357 5.25 -11.43 16.02
CA GLY B 357 4.67 -10.48 16.92
C GLY B 357 4.54 -10.95 18.37
N ALA B 358 5.14 -12.07 18.75
CA ALA B 358 4.95 -12.62 20.10
C ALA B 358 5.55 -11.65 21.12
N ASP B 359 4.81 -11.39 22.19
CA ASP B 359 5.30 -10.52 23.29
C ASP B 359 6.36 -11.21 24.11
N CYS B 360 6.15 -12.49 24.41
CA CYS B 360 7.12 -13.29 25.17
C CYS B 360 7.39 -14.62 24.49
N ILE B 361 8.54 -15.18 24.82
CA ILE B 361 8.96 -16.51 24.38
C ILE B 361 9.30 -17.25 25.66
N MET B 362 9.17 -18.58 25.62
CA MET B 362 9.24 -19.40 26.81
C MET B 362 10.17 -20.58 26.65
N LEU B 363 10.81 -20.92 27.77
CA LEU B 363 11.60 -22.11 27.89
C LEU B 363 10.96 -23.04 28.91
N SER B 364 10.93 -24.33 28.61
CA SER B 364 10.40 -25.33 29.53
C SER B 364 11.52 -26.26 29.98
N GLY B 365 11.61 -27.46 29.41
CA GLY B 365 12.69 -28.41 29.76
C GLY B 365 14.08 -27.82 29.68
N GLU B 366 14.28 -26.88 28.75
CA GLU B 366 15.61 -26.27 28.49
C GLU B 366 16.17 -25.59 29.74
N THR B 367 15.26 -25.03 30.54
CA THR B 367 15.65 -24.41 31.77
C THR B 367 15.24 -25.23 32.98
N ALA B 368 14.17 -26.01 32.91
CA ALA B 368 13.78 -26.82 34.08
C ALA B 368 14.68 -28.01 34.38
N LYS B 369 15.02 -28.78 33.35
CA LYS B 369 15.76 -30.06 33.48
C LYS B 369 17.08 -30.13 32.71
N GLY B 370 17.30 -29.23 31.76
CA GLY B 370 18.40 -29.44 30.82
C GLY B 370 19.76 -29.19 31.41
N ASP B 371 20.79 -29.53 30.63
CA ASP B 371 22.18 -29.40 31.06
C ASP B 371 22.76 -28.01 30.85
N TYR B 372 22.09 -27.21 30.03
CA TYR B 372 22.56 -25.87 29.70
C TYR B 372 21.46 -24.79 29.86
N PRO B 373 20.92 -24.62 31.08
CA PRO B 373 19.85 -23.64 31.27
C PRO B 373 20.30 -22.19 31.03
N LEU B 374 21.52 -21.82 31.42
CA LEU B 374 22.00 -20.47 31.21
C LEU B 374 22.26 -20.23 29.73
N GLU B 375 22.78 -21.23 29.04
CA GLU B 375 23.01 -21.10 27.61
C GLU B 375 21.67 -20.95 26.87
N ALA B 376 20.64 -21.68 27.31
CA ALA B 376 19.32 -21.54 26.69
C ALA B 376 18.79 -20.11 26.86
N VAL B 377 18.90 -19.54 28.06
CA VAL B 377 18.42 -18.18 28.33
C VAL B 377 19.19 -17.15 27.51
N ARG B 378 20.51 -17.31 27.42
CA ARG B 378 21.35 -16.39 26.64
C ARG B 378 21.04 -16.40 25.16
N MET B 379 20.68 -17.57 24.64
CA MET B 379 20.41 -17.71 23.22
C MET B 379 19.08 -17.06 22.86
N GLN B 380 18.04 -17.28 23.67
CA GLN B 380 16.79 -16.57 23.45
C GLN B 380 16.98 -15.06 23.46
N HIS B 381 17.81 -14.57 24.37
CA HIS B 381 18.11 -13.12 24.48
C HIS B 381 18.84 -12.59 23.26
N LEU B 382 19.80 -13.36 22.79
CA LEU B 382 20.55 -12.97 21.62
C LEU B 382 19.71 -12.96 20.34
N ILE B 383 18.90 -13.98 20.16
CA ILE B 383 18.10 -14.11 18.96
C ILE B 383 17.00 -13.06 18.95
N ALA B 384 16.30 -12.94 20.08
CA ALA B 384 15.24 -11.94 20.21
C ALA B 384 15.73 -10.57 19.82
N ARG B 385 16.89 -10.21 20.32
CA ARG B 385 17.40 -8.91 20.08
C ARG B 385 17.69 -8.73 18.59
N GLU B 386 18.28 -9.73 17.94
CA GLU B 386 18.50 -9.62 16.50
C GLU B 386 17.17 -9.55 15.72
N ALA B 387 16.18 -10.33 16.15
CA ALA B 387 14.87 -10.39 15.48
C ALA B 387 14.09 -9.08 15.62
N GLU B 388 14.20 -8.42 16.76
CA GLU B 388 13.50 -7.15 16.98
C GLU B 388 13.97 -6.06 16.05
N ALA B 389 15.25 -6.06 15.74
CA ALA B 389 15.78 -5.08 14.79
C ALA B 389 15.29 -5.34 13.35
N ALA B 390 14.89 -6.57 13.06
CA ALA B 390 14.54 -6.99 11.70
C ALA B 390 13.04 -6.88 11.38
N ILE B 391 12.21 -6.53 12.35
CA ILE B 391 10.79 -6.26 12.11
C ILE B 391 10.65 -5.12 11.11
N TYR B 392 9.70 -5.26 10.17
CA TYR B 392 9.37 -4.20 9.23
C TYR B 392 8.39 -3.21 9.85
N HIS B 393 8.90 -2.40 10.78
CA HIS B 393 8.09 -1.43 11.51
C HIS B 393 7.30 -0.50 10.60
N LEU B 394 7.82 -0.17 9.43
CA LEU B 394 7.13 0.74 8.52
C LEU B 394 5.71 0.23 8.20
N GLN B 395 5.59 -1.07 7.86
CA GLN B 395 4.29 -1.58 7.51
C GLN B 395 3.55 -1.92 8.78
N LEU B 396 4.23 -2.46 9.79
CA LEU B 396 3.54 -2.86 11.02
C LEU B 396 2.85 -1.67 11.67
N PHE B 397 3.58 -0.57 11.84
CA PHE B 397 2.97 0.65 12.40
C PHE B 397 1.80 1.17 11.51
N GLU B 398 1.99 1.23 10.20
CA GLU B 398 0.87 1.71 9.37
C GLU B 398 -0.32 0.82 9.58
N GLU B 399 -0.12 -0.48 9.62
CA GLU B 399 -1.24 -1.39 9.73
C GLU B 399 -1.90 -1.29 11.09
N LEU B 400 -1.13 -1.19 12.15
CA LEU B 400 -1.70 -1.08 13.52
C LEU B 400 -2.55 0.20 13.71
N ARG B 401 -2.10 1.31 13.13
CA ARG B 401 -2.90 2.56 13.02
C ARG B 401 -4.26 2.31 12.31
N ARG B 402 -4.20 1.87 11.05
CA ARG B 402 -5.40 1.65 10.22
C ARG B 402 -6.42 0.77 10.89
N LEU B 403 -5.98 -0.27 11.59
CA LEU B 403 -6.94 -1.16 12.22
C LEU B 403 -7.37 -0.59 13.56
N ALA B 404 -6.72 0.51 13.97
CA ALA B 404 -7.00 1.20 15.23
C ALA B 404 -8.32 1.91 15.14
N PRO B 405 -9.25 1.64 16.09
CA PRO B 405 -10.48 2.43 16.16
C PRO B 405 -10.23 3.86 16.61
N ILE B 406 -10.96 4.79 16.00
CA ILE B 406 -10.96 6.16 16.44
C ILE B 406 -11.85 6.18 17.67
N THR B 407 -11.30 6.50 18.83
CA THR B 407 -12.09 6.73 20.05
C THR B 407 -11.73 8.08 20.69
N SER B 408 -12.32 8.34 21.85
CA SER B 408 -12.16 9.61 22.56
C SER B 408 -11.22 9.47 23.77
N ASP B 409 -10.62 8.29 23.97
CA ASP B 409 -9.74 8.02 25.15
C ASP B 409 -8.43 8.79 24.93
N PRO B 410 -8.12 9.72 25.84
CA PRO B 410 -6.95 10.59 25.66
C PRO B 410 -5.64 9.84 25.74
N THR B 411 -5.61 8.81 26.58
CA THR B 411 -4.38 8.04 26.74
CA THR B 411 -4.41 8.00 26.76
C THR B 411 -4.04 7.26 25.48
N GLU B 412 -5.06 6.80 24.74
CA GLU B 412 -4.82 6.08 23.51
C GLU B 412 -4.24 7.02 22.44
N ALA B 413 -4.83 8.18 22.28
CA ALA B 413 -4.31 9.19 21.34
C ALA B 413 -2.89 9.62 21.70
N THR B 414 -2.60 9.76 22.99
CA THR B 414 -1.26 10.13 23.45
C THR B 414 -0.27 9.02 23.13
N ALA B 415 -0.68 7.76 23.33
CA ALA B 415 0.17 6.63 23.04
C ALA B 415 0.57 6.58 21.58
N VAL B 416 -0.39 6.72 20.67
CA VAL B 416 -0.10 6.63 19.25
C VAL B 416 0.74 7.81 18.83
N GLY B 417 0.46 8.96 19.43
CA GLY B 417 1.24 10.15 19.22
C GLY B 417 2.70 9.97 19.65
N ALA B 418 2.91 9.33 20.79
CA ALA B 418 4.25 9.07 21.26
C ALA B 418 5.00 8.09 20.36
N VAL B 419 4.31 7.06 19.90
CA VAL B 419 4.98 6.08 19.09
C VAL B 419 5.39 6.71 17.74
N GLU B 420 4.48 7.46 17.11
CA GLU B 420 4.77 8.19 15.91
C GLU B 420 5.98 9.16 16.08
N ALA B 421 5.98 9.93 17.16
CA ALA B 421 7.09 10.82 17.47
C ALA B 421 8.39 10.05 17.61
N SER B 422 8.32 8.89 18.24
CA SER B 422 9.49 8.05 18.45
C SER B 422 10.09 7.59 17.13
N PHE B 423 9.25 7.29 16.14
CA PHE B 423 9.74 6.93 14.80
C PHE B 423 10.32 8.14 14.08
N LYS B 424 9.69 9.30 14.17
CA LYS B 424 10.18 10.50 13.51
C LYS B 424 11.59 10.98 13.97
N CYS B 425 11.90 10.77 15.24
CA CYS B 425 13.19 11.20 15.74
C CYS B 425 14.09 10.06 16.21
N CYS B 426 13.74 8.81 15.88
CA CYS B 426 14.48 7.61 16.34
CA CYS B 426 14.52 7.65 16.33
C CYS B 426 14.92 7.77 17.79
N SER B 427 13.94 7.99 18.69
CA SER B 427 14.31 8.21 20.07
C SER B 427 15.02 6.98 20.65
N GLY B 428 15.84 7.22 21.67
CA GLY B 428 16.45 6.13 22.41
C GLY B 428 15.46 5.39 23.28
N ALA B 429 14.30 6.00 23.55
CA ALA B 429 13.34 5.36 24.45
C ALA B 429 12.07 6.15 24.54
N ILE B 430 11.04 5.48 25.04
CA ILE B 430 9.81 6.14 25.44
C ILE B 430 9.65 5.87 26.94
N ILE B 431 9.69 6.93 27.73
CA ILE B 431 9.57 6.85 29.16
C ILE B 431 8.15 7.10 29.57
N VAL B 432 7.59 6.14 30.29
CA VAL B 432 6.21 6.22 30.68
C VAL B 432 6.09 6.01 32.19
N LEU B 433 5.56 7.01 32.86
CA LEU B 433 5.11 6.91 34.23
C LEU B 433 3.82 6.11 34.29
N THR B 434 3.78 5.09 35.14
CA THR B 434 2.60 4.24 35.23
C THR B 434 2.44 3.61 36.60
N LYS B 435 1.21 3.62 37.12
CA LYS B 435 0.88 2.99 38.43
C LYS B 435 0.45 1.55 38.24
N SER B 436 -0.49 1.34 37.32
CA SER B 436 -1.07 0.02 37.01
C SER B 436 -0.38 -0.69 35.86
N GLY B 437 0.40 0.06 35.10
CA GLY B 437 0.98 -0.46 33.88
C GLY B 437 0.24 -0.13 32.59
N ARG B 438 -1.04 0.23 32.69
CA ARG B 438 -1.89 0.42 31.49
C ARG B 438 -1.32 1.41 30.48
N SER B 439 -0.88 2.58 30.95
CA SER B 439 -0.33 3.61 30.04
C SER B 439 0.79 3.02 29.20
N ALA B 440 1.66 2.23 29.82
CA ALA B 440 2.77 1.60 29.12
C ALA B 440 2.32 0.49 28.13
N HIS B 441 1.30 -0.28 28.50
CA HIS B 441 0.68 -1.31 27.61
C HIS B 441 0.05 -0.68 26.40
N GLN B 442 -0.54 0.49 26.58
CA GLN B 442 -1.14 1.20 25.45
C GLN B 442 -0.08 1.71 24.47
N VAL B 443 1.10 2.04 24.97
CA VAL B 443 2.21 2.34 24.06
C VAL B 443 2.72 1.07 23.34
N ALA B 444 2.89 -0.01 24.09
CA ALA B 444 3.44 -1.26 23.56
C ALA B 444 2.61 -1.83 22.41
N ARG B 445 1.31 -1.66 22.51
CA ARG B 445 0.41 -2.17 21.47
C ARG B 445 0.71 -1.58 20.08
N TYR B 446 1.36 -0.40 19.99
CA TYR B 446 1.78 0.13 18.67
C TYR B 446 3.18 -0.21 18.23
N ARG B 447 3.85 -1.05 19.00
CA ARG B 447 5.11 -1.66 18.60
C ARG B 447 6.16 -0.68 18.13
N PRO B 448 6.53 0.29 18.98
CA PRO B 448 7.65 1.14 18.65
C PRO B 448 8.95 0.33 18.56
N ARG B 449 9.95 0.90 17.91
CA ARG B 449 11.29 0.31 17.88
CA ARG B 449 11.29 0.29 17.88
C ARG B 449 12.02 0.60 19.20
N ALA B 450 11.81 1.81 19.70
CA ALA B 450 12.41 2.31 20.94
C ALA B 450 11.90 1.53 22.17
N PRO B 451 12.79 1.22 23.13
CA PRO B 451 12.35 0.60 24.37
C PRO B 451 11.45 1.51 25.15
N ILE B 452 10.46 0.93 25.83
CA ILE B 452 9.54 1.67 26.62
C ILE B 452 9.93 1.50 28.09
N ILE B 453 10.49 2.54 28.70
CA ILE B 453 10.95 2.41 30.08
C ILE B 453 9.76 2.82 30.94
N ALA B 454 9.13 1.84 31.58
CA ALA B 454 7.98 2.06 32.41
C ALA B 454 8.44 2.26 33.84
N VAL B 455 8.31 3.47 34.35
CA VAL B 455 8.77 3.80 35.69
C VAL B 455 7.57 3.71 36.62
N THR B 456 7.67 2.85 37.63
CA THR B 456 6.59 2.68 38.60
C THR B 456 7.15 2.52 40.01
N ARG B 457 6.33 2.87 41.01
CA ARG B 457 6.62 2.53 42.40
C ARG B 457 5.89 1.28 42.86
N ASN B 458 5.05 0.72 42.02
CA ASN B 458 4.28 -0.45 42.36
C ASN B 458 5.08 -1.70 41.92
N PRO B 459 5.54 -2.48 42.90
CA PRO B 459 6.43 -3.61 42.56
C PRO B 459 5.76 -4.66 41.66
N GLN B 460 4.45 -4.89 41.83
CA GLN B 460 3.73 -5.88 41.03
C GLN B 460 3.58 -5.42 39.59
N THR B 461 3.21 -4.16 39.42
CA THR B 461 3.21 -3.57 38.08
C THR B 461 4.55 -3.77 37.37
N ALA B 462 5.66 -3.48 38.05
CA ALA B 462 7.00 -3.69 37.52
C ALA B 462 7.20 -5.16 37.03
N ARG B 463 6.73 -6.11 37.85
CA ARG B 463 6.84 -7.53 37.52
C ARG B 463 5.95 -7.89 36.31
N GLN B 464 4.72 -7.43 36.32
CA GLN B 464 3.76 -7.78 35.28
C GLN B 464 4.07 -7.13 33.93
N ALA B 465 4.76 -5.99 33.93
CA ALA B 465 5.15 -5.28 32.68
C ALA B 465 5.91 -6.14 31.69
N HIS B 466 6.62 -7.15 32.18
CA HIS B 466 7.39 -8.05 31.36
C HIS B 466 6.56 -8.81 30.31
N LEU B 467 5.27 -8.95 30.54
CA LEU B 467 4.41 -9.66 29.59
C LEU B 467 4.31 -8.89 28.26
N TYR B 468 4.65 -7.60 28.23
CA TYR B 468 4.37 -6.75 27.09
C TYR B 468 5.64 -6.41 26.32
N ARG B 469 5.59 -6.71 25.03
CA ARG B 469 6.71 -6.47 24.16
C ARG B 469 7.20 -5.03 24.32
N GLY B 470 8.51 -4.83 24.49
CA GLY B 470 9.11 -3.46 24.44
C GLY B 470 9.18 -2.78 25.79
N ILE B 471 8.46 -3.31 26.78
CA ILE B 471 8.44 -2.69 28.10
C ILE B 471 9.62 -3.15 28.96
N PHE B 472 10.39 -2.16 29.41
CA PHE B 472 11.52 -2.35 30.28
C PHE B 472 11.11 -1.67 31.62
N PRO B 473 10.56 -2.44 32.55
CA PRO B 473 10.07 -1.85 33.78
C PRO B 473 11.20 -1.48 34.72
N VAL B 474 11.04 -0.36 35.40
CA VAL B 474 11.99 0.01 36.45
C VAL B 474 11.22 0.45 37.68
N LEU B 475 11.68 -0.03 38.84
CA LEU B 475 11.01 0.19 40.11
C LEU B 475 11.68 1.32 40.88
N CYS B 476 11.01 2.46 40.94
CA CYS B 476 11.50 3.62 41.65
C CYS B 476 11.22 3.42 43.14
N LYS B 477 12.27 3.55 43.96
CA LYS B 477 12.17 3.38 45.40
C LYS B 477 12.36 4.73 46.12
N ASP B 478 12.68 5.78 45.36
CA ASP B 478 12.87 7.12 45.92
C ASP B 478 11.60 7.54 46.66
N PRO B 479 11.75 8.22 47.82
CA PRO B 479 10.59 8.71 48.56
C PRO B 479 9.72 9.67 47.74
N VAL B 480 8.45 9.75 48.10
CA VAL B 480 7.52 10.59 47.39
C VAL B 480 7.75 12.05 47.78
N GLN B 481 8.02 12.93 46.82
CA GLN B 481 8.22 14.35 47.13
C GLN B 481 6.88 15.01 47.44
N GLU B 482 6.91 16.07 48.24
CA GLU B 482 5.70 16.79 48.63
C GLU B 482 5.01 17.53 47.49
N ALA B 483 5.81 18.13 46.60
CA ALA B 483 5.29 18.76 45.40
C ALA B 483 5.22 17.70 44.27
N TRP B 484 4.04 17.53 43.71
CA TRP B 484 3.81 16.48 42.75
C TRP B 484 4.65 16.67 41.48
N ALA B 485 4.80 17.90 41.01
CA ALA B 485 5.62 18.16 39.81
C ALA B 485 7.08 17.70 40.02
N GLU B 486 7.60 17.86 41.25
CA GLU B 486 8.95 17.41 41.57
C GLU B 486 9.03 15.90 41.64
N ASP B 487 8.00 15.27 42.20
CA ASP B 487 7.94 13.81 42.26
C ASP B 487 7.86 13.18 40.86
N VAL B 488 7.18 13.86 39.95
CA VAL B 488 7.15 13.46 38.56
C VAL B 488 8.55 13.61 37.91
N ASP B 489 9.18 14.76 38.11
CA ASP B 489 10.51 15.02 37.51
C ASP B 489 11.55 14.07 38.10
N LEU B 490 11.37 13.72 39.37
CA LEU B 490 12.24 12.76 40.04
C LEU B 490 12.19 11.43 39.33
N ARG B 491 10.98 10.96 39.00
CA ARG B 491 10.85 9.66 38.36
C ARG B 491 11.29 9.68 36.89
N VAL B 492 11.01 10.75 36.14
CA VAL B 492 11.58 10.90 34.80
C VAL B 492 13.13 10.83 34.87
N ASN B 493 13.73 11.54 35.82
CA ASN B 493 15.20 11.56 35.89
C ASN B 493 15.77 10.21 36.23
N PHE B 494 15.08 9.49 37.11
CA PHE B 494 15.43 8.10 37.41
C PHE B 494 15.47 7.26 36.15
N ALA B 495 14.45 7.45 35.30
CA ALA B 495 14.44 6.74 34.04
C ALA B 495 15.61 7.14 33.14
N MET B 496 16.02 8.39 33.13
CA MET B 496 17.18 8.84 32.36
C MET B 496 18.45 8.15 32.86
N ASN B 497 18.59 8.05 34.18
CA ASN B 497 19.74 7.36 34.80
C ASN B 497 19.78 5.86 34.47
N VAL B 498 18.61 5.21 34.47
CA VAL B 498 18.55 3.81 34.06
C VAL B 498 19.04 3.65 32.60
N GLY B 499 18.55 4.51 31.73
CA GLY B 499 18.92 4.48 30.33
C GLY B 499 20.39 4.74 30.10
N LYS B 500 20.92 5.79 30.72
CA LYS B 500 22.35 6.08 30.62
C LYS B 500 23.20 4.90 31.12
N ALA B 501 22.81 4.31 32.24
CA ALA B 501 23.59 3.24 32.87
C ALA B 501 23.59 1.95 32.06
N ARG B 502 22.44 1.60 31.52
CA ARG B 502 22.36 0.39 30.70
C ARG B 502 22.78 0.64 29.27
N GLY B 503 23.11 1.87 28.95
CA GLY B 503 23.58 2.24 27.62
C GLY B 503 22.52 2.33 26.53
N PHE B 504 21.27 2.63 26.89
CA PHE B 504 20.18 2.77 25.92
C PHE B 504 20.31 4.08 25.20
N PHE B 505 20.90 5.05 25.86
CA PHE B 505 21.11 6.36 25.25
C PHE B 505 22.11 7.11 26.11
N LYS B 506 22.46 8.31 25.67
CA LYS B 506 23.43 9.16 26.35
C LYS B 506 22.98 10.62 26.32
N LYS B 507 23.67 11.44 27.11
CA LYS B 507 23.43 12.87 27.18
C LYS B 507 23.22 13.47 25.78
N GLY B 508 22.23 14.34 25.66
CA GLY B 508 21.94 15.01 24.40
C GLY B 508 21.09 14.20 23.42
N ASP B 509 21.01 12.88 23.57
CA ASP B 509 20.07 12.08 22.77
C ASP B 509 18.62 12.59 23.05
N VAL B 510 17.67 12.31 22.15
CA VAL B 510 16.27 12.68 22.33
CA VAL B 510 16.29 12.70 22.43
C VAL B 510 15.45 11.49 22.82
N VAL B 511 14.60 11.68 23.82
CA VAL B 511 13.66 10.66 24.27
C VAL B 511 12.25 11.25 24.36
N ILE B 512 11.27 10.35 24.39
CA ILE B 512 9.89 10.73 24.47
C ILE B 512 9.47 10.46 25.91
N VAL B 513 8.75 11.40 26.52
CA VAL B 513 8.30 11.21 27.90
C VAL B 513 6.80 11.37 28.06
N LEU B 514 6.15 10.39 28.68
CA LEU B 514 4.73 10.43 28.89
C LEU B 514 4.34 10.51 30.35
N THR B 515 3.50 11.50 30.62
CA THR B 515 3.02 11.75 31.96
C THR B 515 1.53 12.09 31.87
N GLY B 516 0.91 12.29 33.02
CA GLY B 516 -0.50 12.70 33.09
C GLY B 516 -0.73 14.02 33.75
N TRP B 517 -1.98 14.45 33.78
CA TRP B 517 -2.31 15.80 34.21
C TRP B 517 -2.57 15.86 35.71
N ARG B 518 -2.69 14.71 36.35
CA ARG B 518 -2.87 14.67 37.80
C ARG B 518 -2.45 13.31 38.35
N PRO B 519 -2.25 13.22 39.67
CA PRO B 519 -1.86 11.93 40.24
C PRO B 519 -2.98 10.92 40.12
N GLY B 520 -2.63 9.65 40.24
CA GLY B 520 -3.59 8.58 40.07
C GLY B 520 -3.58 8.01 38.68
N SER B 521 -4.19 6.85 38.57
CA SER B 521 -4.23 6.07 37.37
C SER B 521 -5.31 6.63 36.43
N GLY B 522 -5.06 6.60 35.12
CA GLY B 522 -6.08 6.90 34.13
C GLY B 522 -5.93 8.24 33.39
N PHE B 523 -4.87 9.00 33.69
CA PHE B 523 -4.82 10.40 33.27
C PHE B 523 -3.61 10.75 32.37
N THR B 524 -2.97 9.74 31.82
CA THR B 524 -1.82 9.97 30.90
C THR B 524 -2.34 10.68 29.65
N ASN B 525 -1.90 11.92 29.43
CA ASN B 525 -2.31 12.71 28.31
C ASN B 525 -1.23 13.68 27.77
N THR B 526 -0.01 13.60 28.31
CA THR B 526 1.08 14.55 28.06
C THR B 526 2.28 13.82 27.48
N MET B 527 2.66 14.25 26.30
CA MET B 527 3.80 13.72 25.63
C MET B 527 4.82 14.85 25.49
N ARG B 528 6.07 14.59 25.90
CA ARG B 528 7.15 15.56 25.72
C ARG B 528 8.36 14.96 25.00
N VAL B 529 8.95 15.72 24.10
CA VAL B 529 10.17 15.29 23.45
C VAL B 529 11.31 16.03 24.15
N VAL B 530 12.15 15.28 24.87
CA VAL B 530 13.16 15.89 25.75
C VAL B 530 14.62 15.39 25.53
N PRO B 531 15.62 16.28 25.68
CA PRO B 531 17.01 15.81 25.72
C PRO B 531 17.34 15.00 26.99
N VAL B 532 18.13 13.94 26.83
CA VAL B 532 18.71 13.24 27.97
C VAL B 532 19.68 14.18 28.70
N PRO B 533 19.46 14.48 29.99
CA PRO B 533 20.38 15.33 30.76
C PRO B 533 21.75 14.70 31.05
N THR C 17 9.31 10.39 -21.76
CA THR C 17 8.02 10.58 -22.48
C THR C 17 6.87 10.00 -21.66
N GLN C 18 5.65 10.34 -22.09
CA GLN C 18 4.40 9.93 -21.44
C GLN C 18 4.40 9.94 -19.92
N GLN C 19 5.11 10.90 -19.32
CA GLN C 19 5.18 10.96 -17.86
C GLN C 19 5.57 9.62 -17.22
N LEU C 20 6.45 8.86 -17.88
CA LEU C 20 6.88 7.55 -17.34
C LEU C 20 7.72 7.65 -16.06
N HIS C 21 8.50 8.72 -15.89
CA HIS C 21 9.18 8.96 -14.63
C HIS C 21 8.18 9.10 -13.45
N ALA C 22 7.09 9.85 -13.66
CA ALA C 22 6.03 9.97 -12.65
C ALA C 22 5.33 8.65 -12.43
N ALA C 23 5.18 7.87 -13.50
CA ALA C 23 4.50 6.58 -13.44
C ALA C 23 5.15 5.60 -12.50
N MET C 24 6.45 5.72 -12.29
CA MET C 24 7.22 4.77 -11.50
C MET C 24 7.33 5.20 -10.05
N ALA C 25 6.72 6.33 -9.67
CA ALA C 25 6.81 6.80 -8.31
C ALA C 25 6.10 5.81 -7.35
N ASP C 26 6.73 5.55 -6.19
CA ASP C 26 6.15 4.66 -5.17
C ASP C 26 4.97 5.25 -4.36
N THR C 27 4.77 6.57 -4.47
CA THR C 27 3.70 7.32 -3.74
C THR C 27 2.98 8.27 -4.67
N PHE C 28 1.70 8.53 -4.37
CA PHE C 28 0.92 9.48 -5.16
C PHE C 28 1.58 10.86 -5.07
N LEU C 29 1.96 11.26 -3.87
CA LEU C 29 2.63 12.56 -3.68
C LEU C 29 3.88 12.71 -4.58
N GLU C 30 4.75 11.70 -4.62
CA GLU C 30 5.94 11.78 -5.48
C GLU C 30 5.61 11.71 -6.97
N HIS C 31 4.57 10.97 -7.31
CA HIS C 31 4.04 10.99 -8.67
C HIS C 31 3.70 12.44 -9.09
N MET C 32 2.95 13.15 -8.25
CA MET C 32 2.64 14.57 -8.57
C MET C 32 3.93 15.37 -8.76
N CYS C 33 4.87 15.21 -7.80
CA CYS C 33 6.11 15.98 -7.81
C CYS C 33 6.95 15.75 -9.06
N ARG C 34 6.75 14.61 -9.71
CA ARG C 34 7.48 14.28 -10.93
C ARG C 34 6.75 14.65 -12.23
N LEU C 35 5.53 15.17 -12.14
CA LEU C 35 4.84 15.54 -13.39
C LEU C 35 5.69 16.61 -14.10
N ASP C 36 5.83 16.46 -15.41
CA ASP C 36 6.85 17.16 -16.17
C ASP C 36 6.25 17.70 -17.46
N ILE C 37 6.18 19.02 -17.57
CA ILE C 37 5.63 19.66 -18.77
C ILE C 37 6.51 19.42 -20.01
N ASP C 38 7.78 19.05 -19.80
CA ASP C 38 8.70 18.64 -20.88
C ASP C 38 8.70 17.13 -21.22
N SER C 39 7.69 16.39 -20.73
CA SER C 39 7.52 14.97 -21.08
C SER C 39 6.35 14.82 -22.05
N PRO C 40 6.64 14.62 -23.36
CA PRO C 40 5.52 14.67 -24.29
C PRO C 40 4.65 13.40 -24.23
N PRO C 41 3.35 13.54 -24.42
CA PRO C 41 2.49 12.37 -24.47
C PRO C 41 2.67 11.59 -25.79
N ILE C 42 2.17 10.36 -25.79
CA ILE C 42 2.01 9.57 -27.04
C ILE C 42 0.98 10.30 -27.91
N THR C 43 0.89 9.87 -29.16
CA THR C 43 -0.08 10.41 -30.10
C THR C 43 -1.52 9.99 -29.76
N ALA C 44 -1.68 8.83 -29.12
CA ALA C 44 -3.01 8.26 -28.91
C ALA C 44 -3.81 8.97 -27.80
N ARG C 45 -5.05 9.32 -28.08
CA ARG C 45 -5.90 9.97 -27.08
C ARG C 45 -7.06 9.04 -26.72
N ASN C 46 -7.12 8.57 -25.49
CA ASN C 46 -8.02 7.48 -25.10
C ASN C 46 -9.45 7.95 -24.72
N THR C 47 -9.59 9.20 -24.33
CA THR C 47 -10.85 9.73 -23.84
C THR C 47 -11.72 10.13 -25.00
N GLY C 48 -12.93 9.56 -25.08
CA GLY C 48 -13.86 9.92 -26.14
C GLY C 48 -14.34 11.36 -26.04
N ILE C 49 -14.43 12.03 -27.18
CA ILE C 49 -14.98 13.36 -27.28
C ILE C 49 -16.37 13.35 -27.94
N ILE C 50 -17.34 13.87 -27.20
CA ILE C 50 -18.72 13.97 -27.62
C ILE C 50 -18.99 15.43 -27.97
N CYS C 51 -19.37 15.70 -29.21
CA CYS C 51 -19.68 17.07 -29.60
C CYS C 51 -21.16 17.24 -29.93
N THR C 52 -21.74 18.30 -29.40
CA THR C 52 -23.14 18.62 -29.66
C THR C 52 -23.17 19.32 -31.01
N ILE C 53 -24.01 18.82 -31.90
CA ILE C 53 -24.11 19.44 -33.23
C ILE C 53 -25.21 20.51 -33.19
N GLY C 54 -24.95 21.64 -33.86
CA GLY C 54 -25.95 22.70 -34.00
C GLY C 54 -25.60 23.50 -35.23
N PRO C 55 -26.10 24.73 -35.35
CA PRO C 55 -25.78 25.52 -36.54
C PRO C 55 -24.29 25.82 -36.77
N ALA C 56 -23.49 25.93 -35.70
CA ALA C 56 -22.03 26.12 -35.86
C ALA C 56 -21.32 24.93 -36.54
N SER C 57 -21.91 23.74 -36.47
CA SER C 57 -21.15 22.52 -36.74
C SER C 57 -21.89 21.49 -37.60
N ARG C 58 -22.94 21.91 -38.28
CA ARG C 58 -23.90 20.98 -38.91
C ARG C 58 -23.60 20.62 -40.36
N SER C 59 -22.96 21.53 -41.08
CA SER C 59 -22.59 21.28 -42.47
C SER C 59 -21.64 20.10 -42.59
N VAL C 60 -21.72 19.39 -43.70
CA VAL C 60 -20.79 18.30 -44.01
C VAL C 60 -19.34 18.83 -43.98
N GLU C 61 -19.10 20.00 -44.55
CA GLU C 61 -17.77 20.62 -44.57
C GLU C 61 -17.16 20.67 -43.15
N THR C 62 -17.91 21.29 -42.24
CA THR C 62 -17.50 21.50 -40.88
C THR C 62 -17.48 20.22 -40.08
N LEU C 63 -18.40 19.28 -40.35
CA LEU C 63 -18.36 17.98 -39.69
C LEU C 63 -17.12 17.17 -40.08
N LYS C 64 -16.66 17.29 -41.32
CA LYS C 64 -15.41 16.65 -41.70
C LYS C 64 -14.25 17.17 -40.85
N GLU C 65 -14.13 18.49 -40.72
CA GLU C 65 -13.11 19.10 -39.86
C GLU C 65 -13.26 18.70 -38.39
N MET C 66 -14.50 18.52 -37.91
CA MET C 66 -14.72 18.09 -36.53
C MET C 66 -14.14 16.68 -36.31
N ILE C 67 -14.35 15.81 -37.30
CA ILE C 67 -13.86 14.46 -37.25
C ILE C 67 -12.32 14.44 -37.26
N LYS C 68 -11.74 15.25 -38.13
CA LYS C 68 -10.28 15.37 -38.17
C LYS C 68 -9.73 15.87 -36.84
N SER C 69 -10.43 16.79 -36.20
CA SER C 69 -9.97 17.40 -34.96
C SER C 69 -10.19 16.50 -33.74
N GLY C 70 -10.96 15.43 -33.90
CA GLY C 70 -11.12 14.44 -32.85
C GLY C 70 -12.52 14.13 -32.34
N MET C 71 -13.57 14.65 -32.95
CA MET C 71 -14.94 14.24 -32.57
C MET C 71 -15.14 12.74 -32.78
N ASN C 72 -15.71 12.07 -31.77
CA ASN C 72 -16.02 10.66 -31.85
C ASN C 72 -17.53 10.38 -31.82
N VAL C 73 -18.29 11.24 -31.13
CA VAL C 73 -19.72 11.08 -30.98
C VAL C 73 -20.38 12.42 -31.27
N ALA C 74 -21.37 12.40 -32.16
CA ALA C 74 -22.23 13.55 -32.44
C ALA C 74 -23.49 13.44 -31.59
N ARG C 75 -23.69 14.42 -30.72
CA ARG C 75 -24.86 14.46 -29.86
C ARG C 75 -25.88 15.37 -30.53
N LEU C 76 -27.11 14.90 -30.65
CA LEU C 76 -28.22 15.77 -31.02
C LEU C 76 -29.11 16.04 -29.81
N ASN C 77 -29.34 17.34 -29.55
CA ASN C 77 -30.18 17.78 -28.46
C ASN C 77 -31.61 17.92 -28.91
N PHE C 78 -32.48 17.05 -28.41
CA PHE C 78 -33.92 17.07 -28.77
C PHE C 78 -34.78 18.03 -27.91
N SER C 79 -34.15 18.86 -27.10
CA SER C 79 -34.84 19.98 -26.47
C SER C 79 -35.30 21.00 -27.53
N HIS C 80 -34.67 20.97 -28.71
CA HIS C 80 -35.02 21.86 -29.80
C HIS C 80 -35.02 21.09 -31.13
N GLY C 81 -35.77 21.56 -32.12
CA GLY C 81 -35.70 21.05 -33.50
C GLY C 81 -36.76 20.01 -33.83
N THR C 82 -37.11 19.91 -35.12
CA THR C 82 -38.08 18.91 -35.56
C THR C 82 -37.41 17.59 -35.98
N HIS C 83 -38.21 16.52 -36.07
CA HIS C 83 -37.74 15.22 -36.54
C HIS C 83 -37.08 15.32 -37.93
N GLU C 84 -37.63 16.18 -38.80
CA GLU C 84 -37.04 16.47 -40.12
C GLU C 84 -35.67 17.10 -40.00
N TYR C 85 -35.49 18.01 -39.03
CA TYR C 85 -34.21 18.72 -38.87
C TYR C 85 -33.14 17.76 -38.39
N HIS C 86 -33.48 16.97 -37.38
CA HIS C 86 -32.56 16.02 -36.83
C HIS C 86 -32.17 14.91 -37.83
N ALA C 87 -33.13 14.37 -38.58
CA ALA C 87 -32.81 13.40 -39.66
C ALA C 87 -31.81 13.99 -40.66
N GLU C 88 -31.94 15.26 -40.98
CA GLU C 88 -30.98 15.91 -41.87
C GLU C 88 -29.60 16.02 -41.23
N THR C 89 -29.57 16.31 -39.92
CA THR C 89 -28.30 16.38 -39.22
C THR C 89 -27.62 15.02 -39.26
N ILE C 90 -28.36 13.97 -38.94
CA ILE C 90 -27.88 12.61 -38.98
C ILE C 90 -27.33 12.25 -40.36
N LYS C 91 -28.04 12.62 -41.43
CA LYS C 91 -27.53 12.37 -42.78
C LYS C 91 -26.18 13.06 -42.99
N ASN C 92 -26.06 14.31 -42.57
CA ASN C 92 -24.79 15.03 -42.69
C ASN C 92 -23.65 14.43 -41.89
N VAL C 93 -23.95 13.93 -40.69
CA VAL C 93 -22.93 13.30 -39.89
C VAL C 93 -22.47 12.04 -40.65
N ARG C 94 -23.42 11.28 -41.19
CA ARG C 94 -23.10 10.03 -41.89
C ARG C 94 -22.35 10.26 -43.20
N THR C 95 -22.69 11.31 -43.91
CA THR C 95 -22.00 11.67 -45.14
C THR C 95 -20.55 12.09 -44.83
N ALA C 96 -20.42 12.95 -43.82
CA ALA C 96 -19.12 13.39 -43.30
C ALA C 96 -18.22 12.19 -42.93
N THR C 97 -18.76 11.29 -42.12
CA THR C 97 -18.04 10.11 -41.67
C THR C 97 -17.60 9.25 -42.85
N GLU C 98 -18.49 9.00 -43.81
CA GLU C 98 -18.19 8.09 -44.92
C GLU C 98 -17.30 8.69 -46.02
N SER C 99 -17.03 9.99 -45.98
CA SER C 99 -16.11 10.58 -46.96
C SER C 99 -14.69 10.08 -46.73
N PHE C 100 -14.38 9.64 -45.52
CA PHE C 100 -13.02 9.10 -45.24
C PHE C 100 -12.91 7.60 -45.52
N ALA C 101 -14.02 6.97 -45.94
CA ALA C 101 -14.09 5.52 -46.12
C ALA C 101 -13.29 5.00 -47.33
N SER C 102 -12.90 5.90 -48.24
CA SER C 102 -12.05 5.51 -49.36
C SER C 102 -10.66 5.04 -48.89
N ASP C 103 -10.25 5.46 -47.70
CA ASP C 103 -8.99 4.97 -47.10
C ASP C 103 -9.26 4.28 -45.78
N PRO C 104 -9.39 2.94 -45.79
CA PRO C 104 -9.72 2.24 -44.56
C PRO C 104 -8.74 2.46 -43.42
N ILE C 105 -7.47 2.69 -43.74
CA ILE C 105 -6.49 3.00 -42.71
C ILE C 105 -6.90 4.28 -41.95
N LEU C 106 -7.48 5.26 -42.65
CA LEU C 106 -7.82 6.56 -42.06
C LEU C 106 -9.27 6.75 -41.62
N TYR C 107 -10.15 5.83 -41.98
CA TYR C 107 -11.52 5.91 -41.57
C TYR C 107 -11.64 5.95 -40.04
N ARG C 108 -12.44 6.88 -39.53
CA ARG C 108 -12.79 6.90 -38.12
C ARG C 108 -14.29 6.72 -38.00
N PRO C 109 -14.73 5.69 -37.27
CA PRO C 109 -16.15 5.60 -36.98
C PRO C 109 -16.63 6.75 -36.07
N VAL C 110 -17.81 7.28 -36.36
CA VAL C 110 -18.38 8.37 -35.55
C VAL C 110 -19.75 7.88 -35.14
N ALA C 111 -20.02 7.88 -33.84
CA ALA C 111 -21.34 7.48 -33.33
C ALA C 111 -22.34 8.65 -33.33
N VAL C 112 -23.63 8.30 -33.33
CA VAL C 112 -24.71 9.29 -33.19
C VAL C 112 -25.47 9.02 -31.89
N ALA C 113 -25.65 10.07 -31.08
CA ALA C 113 -26.38 9.95 -29.82
C ALA C 113 -27.56 10.89 -29.81
N LEU C 114 -28.69 10.43 -29.31
CA LEU C 114 -29.89 11.24 -29.21
C LEU C 114 -30.09 11.62 -27.76
N ASP C 115 -30.20 12.92 -27.49
CA ASP C 115 -30.33 13.42 -26.12
C ASP C 115 -31.75 13.93 -25.93
N THR C 116 -32.55 13.26 -25.09
CA THR C 116 -33.98 13.60 -24.97
C THR C 116 -34.18 14.89 -24.19
N LYS C 117 -35.33 15.51 -24.42
CA LYS C 117 -35.72 16.72 -23.69
C LYS C 117 -36.08 16.37 -22.26
N GLY C 118 -36.85 15.30 -22.08
CA GLY C 118 -37.28 14.92 -20.74
C GLY C 118 -38.21 15.96 -20.17
N PRO C 119 -38.50 15.88 -18.86
CA PRO C 119 -39.41 16.78 -18.15
C PRO C 119 -38.78 18.15 -17.80
N GLU C 120 -38.54 18.93 -18.84
CA GLU C 120 -38.01 20.28 -18.66
C GLU C 120 -39.15 21.20 -18.31
N ILE C 121 -38.81 22.36 -17.76
CA ILE C 121 -39.76 23.43 -17.56
C ILE C 121 -39.16 24.67 -18.22
N ARG C 122 -39.98 25.37 -19.00
CA ARG C 122 -39.52 26.49 -19.83
C ARG C 122 -40.44 27.68 -19.61
N THR C 123 -39.86 28.88 -19.69
CA THR C 123 -40.61 30.11 -19.65
C THR C 123 -41.09 30.47 -21.07
N GLY C 124 -41.84 31.55 -21.19
CA GLY C 124 -42.39 31.99 -22.47
C GLY C 124 -41.50 32.98 -23.21
N LEU C 125 -42.14 33.86 -23.99
CA LEU C 125 -41.43 34.77 -24.87
C LEU C 125 -41.52 36.17 -24.34
N ILE C 126 -40.38 36.83 -24.19
CA ILE C 126 -40.38 38.22 -23.73
C ILE C 126 -40.93 39.11 -24.86
N LYS C 127 -42.13 39.62 -24.67
CA LYS C 127 -42.71 40.62 -25.57
C LYS C 127 -42.86 40.12 -27.03
N GLY C 128 -43.07 38.82 -27.19
CA GLY C 128 -43.31 38.21 -28.51
C GLY C 128 -42.06 37.86 -29.30
N SER C 129 -40.91 37.85 -28.60
CA SER C 129 -39.60 37.77 -29.27
C SER C 129 -38.74 36.67 -28.63
N GLY C 130 -37.94 36.00 -29.45
CA GLY C 130 -37.01 34.97 -28.97
C GLY C 130 -35.68 35.51 -28.46
N THR C 131 -35.38 36.77 -28.77
CA THR C 131 -34.11 37.40 -28.40
C THR C 131 -34.29 38.53 -27.38
N ALA C 132 -35.51 39.05 -27.22
CA ALA C 132 -35.73 40.21 -26.34
C ALA C 132 -35.39 39.86 -24.88
N GLU C 133 -34.85 40.84 -24.18
CA GLU C 133 -34.51 40.68 -22.76
C GLU C 133 -35.09 41.84 -21.95
N VAL C 134 -35.27 41.58 -20.65
CA VAL C 134 -35.72 42.59 -19.67
C VAL C 134 -34.84 42.52 -18.44
N GLU C 135 -34.73 43.64 -17.71
CA GLU C 135 -33.94 43.70 -16.49
C GLU C 135 -34.81 43.44 -15.25
N LEU C 136 -34.42 42.42 -14.48
CA LEU C 136 -35.06 42.11 -13.19
C LEU C 136 -34.21 42.73 -12.09
N LYS C 137 -34.82 43.57 -11.25
CA LYS C 137 -34.10 44.20 -10.15
C LYS C 137 -34.32 43.40 -8.85
N LYS C 138 -33.23 43.18 -8.10
CA LYS C 138 -33.31 42.54 -6.76
C LYS C 138 -34.34 43.24 -5.86
N GLY C 139 -35.25 42.46 -5.29
CA GLY C 139 -36.30 43.00 -4.41
C GLY C 139 -37.60 43.39 -5.12
N ALA C 140 -37.56 43.64 -6.43
CA ALA C 140 -38.77 43.92 -7.19
C ALA C 140 -39.65 42.67 -7.30
N THR C 141 -40.91 42.89 -7.69
CA THR C 141 -41.94 41.86 -7.69
C THR C 141 -42.10 41.26 -9.09
N LEU C 142 -42.30 39.95 -9.14
CA LEU C 142 -42.53 39.23 -10.40
C LEU C 142 -43.65 38.20 -10.21
N LYS C 143 -44.76 38.41 -10.93
CA LYS C 143 -45.88 37.47 -10.92
C LYS C 143 -45.68 36.34 -11.94
N ILE C 144 -45.72 35.09 -11.47
CA ILE C 144 -45.69 33.91 -12.35
C ILE C 144 -47.11 33.45 -12.63
N THR C 145 -47.42 33.30 -13.91
CA THR C 145 -48.75 32.93 -14.37
C THR C 145 -48.67 31.65 -15.16
N LEU C 146 -49.75 30.87 -15.13
CA LEU C 146 -49.95 29.75 -16.03
C LEU C 146 -50.99 30.09 -17.09
N ASP C 147 -51.57 31.28 -17.00
CA ASP C 147 -52.53 31.75 -17.99
C ASP C 147 -51.87 31.83 -19.36
N ASN C 148 -52.07 30.76 -20.16
CA ASN C 148 -51.59 30.68 -21.54
C ASN C 148 -51.78 31.93 -22.43
N ALA C 149 -52.65 32.85 -22.03
CA ALA C 149 -52.75 34.13 -22.73
C ALA C 149 -51.49 34.99 -22.59
N TYR C 150 -50.61 34.64 -21.64
CA TYR C 150 -49.34 35.37 -21.43
C TYR C 150 -48.11 34.62 -21.93
N MET C 151 -48.36 33.57 -22.70
CA MET C 151 -47.37 32.65 -23.25
C MET C 151 -46.29 33.35 -24.07
N GLU C 152 -46.66 34.44 -24.74
CA GLU C 152 -45.74 35.21 -25.56
C GLU C 152 -45.70 36.69 -25.17
N LYS C 153 -46.16 37.01 -23.97
CA LYS C 153 -46.13 38.37 -23.43
C LYS C 153 -45.41 38.40 -22.06
N CYS C 154 -44.28 37.69 -21.93
CA CYS C 154 -43.45 37.80 -20.73
C CYS C 154 -42.74 39.19 -20.71
N ASP C 155 -42.64 39.79 -19.52
CA ASP C 155 -41.91 41.04 -19.32
C ASP C 155 -41.45 41.12 -17.85
N GLU C 156 -40.98 42.28 -17.37
CA GLU C 156 -40.43 42.35 -16.01
C GLU C 156 -41.50 42.24 -14.92
N ASN C 157 -42.77 42.31 -15.31
CA ASN C 157 -43.93 42.25 -14.40
C ASN C 157 -44.58 40.87 -14.32
N ILE C 158 -44.52 40.10 -15.41
CA ILE C 158 -45.20 38.81 -15.48
C ILE C 158 -44.39 37.84 -16.31
N LEU C 159 -44.26 36.62 -15.79
CA LEU C 159 -43.52 35.55 -16.47
C LEU C 159 -44.39 34.31 -16.54
N TRP C 160 -44.49 33.70 -17.72
CA TRP C 160 -45.30 32.52 -17.92
C TRP C 160 -44.38 31.31 -17.98
N LEU C 161 -44.87 30.18 -17.48
CA LEU C 161 -44.15 28.91 -17.55
C LEU C 161 -45.07 27.79 -18.01
N ASP C 162 -44.46 26.71 -18.49
CA ASP C 162 -45.17 25.62 -19.15
C ASP C 162 -45.42 24.38 -18.26
N TYR C 163 -45.05 24.46 -17.00
CA TYR C 163 -45.38 23.41 -16.06
C TYR C 163 -46.67 23.83 -15.40
N LYS C 164 -47.77 23.25 -15.84
CA LYS C 164 -49.11 23.64 -15.35
C LYS C 164 -49.33 23.35 -13.83
N ASN C 165 -48.56 22.38 -13.30
CA ASN C 165 -48.66 21.96 -11.90
C ASN C 165 -47.80 22.72 -10.87
N ILE C 166 -47.06 23.72 -11.31
CA ILE C 166 -46.10 24.42 -10.44
C ILE C 166 -46.69 24.89 -9.09
N CYS C 167 -47.98 25.25 -9.07
CA CYS C 167 -48.63 25.73 -7.85
C CYS C 167 -48.84 24.63 -6.77
N LYS C 168 -49.12 23.38 -7.17
CA LYS C 168 -49.41 22.27 -6.23
C LYS C 168 -48.14 21.55 -5.72
N VAL C 169 -46.96 22.09 -6.04
CA VAL C 169 -45.69 21.50 -5.60
C VAL C 169 -44.70 22.49 -4.95
N VAL C 170 -44.91 23.81 -5.09
CA VAL C 170 -44.11 24.81 -4.37
C VAL C 170 -44.91 25.41 -3.21
N GLU C 171 -44.18 25.98 -2.25
CA GLU C 171 -44.78 26.62 -1.06
C GLU C 171 -44.13 27.98 -0.81
N VAL C 172 -44.92 28.88 -0.22
CA VAL C 172 -44.44 30.20 0.21
C VAL C 172 -43.09 30.02 0.93
N GLY C 173 -42.09 30.75 0.45
CA GLY C 173 -40.70 30.56 0.88
C GLY C 173 -39.89 29.83 -0.16
N SER C 174 -40.58 29.13 -1.07
CA SER C 174 -39.89 28.37 -2.09
C SER C 174 -38.98 29.23 -2.95
N LYS C 175 -37.95 28.57 -3.47
CA LYS C 175 -37.07 29.19 -4.42
C LYS C 175 -37.24 28.56 -5.81
N ILE C 176 -37.13 29.43 -6.80
CA ILE C 176 -37.28 29.11 -8.21
C ILE C 176 -36.12 29.77 -8.93
N TYR C 177 -35.45 29.00 -9.76
CA TYR C 177 -34.24 29.45 -10.42
C TYR C 177 -34.52 29.45 -11.90
N VAL C 178 -34.14 30.56 -12.56
CA VAL C 178 -34.37 30.73 -13.97
C VAL C 178 -33.07 31.03 -14.73
N ASP C 179 -32.99 30.48 -15.94
CA ASP C 179 -31.89 30.70 -16.89
C ASP C 179 -30.54 30.18 -16.38
N ASP C 180 -30.36 28.86 -16.41
CA ASP C 180 -29.09 28.27 -15.93
C ASP C 180 -28.80 28.69 -14.49
N GLY C 181 -29.88 28.92 -13.71
CA GLY C 181 -29.78 29.30 -12.29
C GLY C 181 -29.19 30.68 -12.01
N LEU C 182 -29.20 31.56 -13.00
CA LEU C 182 -28.61 32.89 -12.83
C LEU C 182 -29.60 33.88 -12.20
N ILE C 183 -30.90 33.67 -12.41
CA ILE C 183 -31.92 34.48 -11.81
C ILE C 183 -32.59 33.64 -10.75
N SER C 184 -32.78 34.22 -9.57
CA SER C 184 -33.36 33.48 -8.46
C SER C 184 -34.56 34.22 -7.93
N LEU C 185 -35.64 33.47 -7.75
CA LEU C 185 -36.87 34.02 -7.19
C LEU C 185 -37.30 33.32 -5.89
N GLN C 186 -38.00 34.09 -5.07
CA GLN C 186 -38.55 33.62 -3.82
C GLN C 186 -40.06 33.91 -3.80
N VAL C 187 -40.87 32.84 -3.73
CA VAL C 187 -42.34 32.95 -3.58
C VAL C 187 -42.75 33.63 -2.27
N LYS C 188 -43.48 34.74 -2.38
CA LYS C 188 -43.98 35.50 -1.22
C LYS C 188 -45.52 35.53 -1.14
N GLN C 189 -46.20 34.94 -2.12
CA GLN C 189 -47.65 34.70 -2.08
C GLN C 189 -48.03 33.64 -3.13
N LYS C 190 -48.54 32.50 -2.65
CA LYS C 190 -48.88 31.38 -3.53
C LYS C 190 -50.36 31.45 -3.85
N GLY C 191 -50.68 31.46 -5.16
CA GLY C 191 -52.07 31.57 -5.61
C GLY C 191 -52.67 30.26 -6.12
N ALA C 192 -53.82 30.39 -6.77
CA ALA C 192 -54.53 29.26 -7.37
C ALA C 192 -53.83 28.78 -8.66
N ASP C 193 -53.82 29.64 -9.68
CA ASP C 193 -53.06 29.45 -10.92
C ASP C 193 -52.01 30.55 -11.04
N PHE C 194 -51.37 30.88 -9.92
CA PHE C 194 -50.39 31.96 -9.87
C PHE C 194 -49.43 31.84 -8.66
N LEU C 195 -48.33 32.57 -8.74
CA LEU C 195 -47.41 32.73 -7.62
C LEU C 195 -46.98 34.20 -7.65
N VAL C 196 -46.81 34.83 -6.48
CA VAL C 196 -46.15 36.13 -6.43
C VAL C 196 -44.78 35.93 -5.81
N THR C 197 -43.75 36.40 -6.51
CA THR C 197 -42.36 36.27 -6.10
C THR C 197 -41.64 37.63 -5.93
N GLU C 198 -40.49 37.59 -5.25
CA GLU C 198 -39.58 38.73 -5.12
C GLU C 198 -38.24 38.26 -5.72
N VAL C 199 -37.63 39.12 -6.54
CA VAL C 199 -36.38 38.78 -7.24
C VAL C 199 -35.23 38.87 -6.25
N GLU C 200 -34.55 37.73 -6.04
CA GLU C 200 -33.40 37.69 -5.16
C GLU C 200 -32.15 38.02 -6.00
N ASN C 201 -31.81 37.15 -6.95
CA ASN C 201 -30.79 37.48 -7.97
C ASN C 201 -31.47 37.99 -9.24
N GLY C 202 -31.32 39.29 -9.49
CA GLY C 202 -31.84 39.93 -10.68
C GLY C 202 -30.91 39.76 -11.88
N GLY C 203 -31.06 40.63 -12.87
CA GLY C 203 -30.26 40.54 -14.08
C GLY C 203 -31.15 40.50 -15.31
N SER C 204 -30.57 39.99 -16.39
CA SER C 204 -31.20 39.97 -17.72
C SER C 204 -32.07 38.72 -17.94
N LEU C 205 -33.37 38.93 -18.12
CA LEU C 205 -34.31 37.81 -18.39
C LEU C 205 -34.65 37.75 -19.87
N GLY C 206 -34.40 36.59 -20.47
CA GLY C 206 -34.74 36.32 -21.87
C GLY C 206 -35.87 35.31 -22.04
N SER C 207 -36.01 34.82 -23.26
CA SER C 207 -37.11 33.96 -23.65
C SER C 207 -36.78 32.48 -23.53
N LYS C 208 -37.78 31.69 -23.23
CA LYS C 208 -37.69 30.24 -23.25
C LYS C 208 -36.52 29.71 -22.43
N LYS C 209 -36.36 30.27 -21.23
CA LYS C 209 -35.25 29.89 -20.37
C LYS C 209 -35.64 28.71 -19.47
N GLY C 210 -34.64 27.92 -19.10
CA GLY C 210 -34.83 26.81 -18.20
C GLY C 210 -35.16 27.26 -16.79
N VAL C 211 -36.06 26.52 -16.16
CA VAL C 211 -36.50 26.77 -14.79
C VAL C 211 -36.33 25.51 -13.93
N ASN C 212 -35.78 25.69 -12.72
CA ASN C 212 -35.63 24.59 -11.79
C ASN C 212 -36.31 24.89 -10.47
N LEU C 213 -36.71 23.83 -9.80
CA LEU C 213 -37.32 23.89 -8.49
C LEU C 213 -36.65 22.86 -7.55
N PRO C 214 -35.49 23.22 -6.95
N PRO C 214 -35.49 23.21 -6.94
CA PRO C 214 -34.85 22.40 -5.93
CA PRO C 214 -34.63 22.30 -6.12
C PRO C 214 -35.74 22.29 -4.70
C PRO C 214 -35.31 21.52 -4.99
N GLY C 215 -35.79 21.11 -4.11
N GLY C 215 -36.14 22.19 -4.19
CA GLY C 215 -36.71 20.87 -3.00
CA GLY C 215 -36.82 21.55 -3.05
C GLY C 215 -38.13 20.56 -3.42
C GLY C 215 -38.21 21.04 -3.37
N ALA C 216 -38.50 20.90 -4.66
CA ALA C 216 -39.84 20.58 -5.15
C ALA C 216 -39.87 19.14 -5.66
N ALA C 217 -40.98 18.45 -5.44
CA ALA C 217 -41.19 17.11 -6.01
C ALA C 217 -41.99 17.28 -7.31
N VAL C 218 -41.27 17.34 -8.44
CA VAL C 218 -41.89 17.60 -9.74
C VAL C 218 -42.70 16.39 -10.25
N ASP C 219 -43.92 16.68 -10.69
CA ASP C 219 -44.93 15.68 -11.05
C ASP C 219 -44.92 15.30 -12.55
N LEU C 220 -43.87 15.68 -13.28
CA LEU C 220 -43.78 15.44 -14.73
C LEU C 220 -43.40 13.99 -15.04
N PRO C 221 -43.93 13.42 -16.15
CA PRO C 221 -43.57 12.06 -16.52
C PRO C 221 -42.08 11.87 -16.80
N ALA C 222 -41.62 10.67 -16.46
CA ALA C 222 -40.27 10.24 -16.75
C ALA C 222 -40.05 10.23 -18.26
N VAL C 223 -41.02 9.68 -18.98
CA VAL C 223 -40.99 9.68 -20.43
C VAL C 223 -42.33 10.23 -20.95
N SER C 224 -42.28 11.47 -21.45
CA SER C 224 -43.45 12.17 -21.96
C SER C 224 -43.82 11.66 -23.34
N GLU C 225 -44.96 12.13 -23.84
CA GLU C 225 -45.41 11.81 -25.20
C GLU C 225 -44.37 12.14 -26.26
N LYS C 226 -43.89 13.39 -26.22
CA LYS C 226 -42.86 13.80 -27.15
C LYS C 226 -41.61 12.93 -26.99
N ASP C 227 -41.23 12.62 -25.74
CA ASP C 227 -40.08 11.73 -25.48
C ASP C 227 -40.26 10.38 -26.17
N ILE C 228 -41.46 9.82 -26.08
CA ILE C 228 -41.77 8.53 -26.72
C ILE C 228 -41.57 8.64 -28.23
N GLN C 229 -42.06 9.72 -28.83
CA GLN C 229 -41.95 9.90 -30.27
C GLN C 229 -40.51 10.01 -30.71
N ASP C 230 -39.74 10.78 -29.95
CA ASP C 230 -38.31 10.95 -30.18
C ASP C 230 -37.53 9.65 -30.02
N LEU C 231 -37.87 8.84 -29.03
CA LEU C 231 -37.14 7.57 -28.85
C LEU C 231 -37.48 6.61 -29.99
N LYS C 232 -38.73 6.63 -30.47
CA LYS C 232 -39.12 5.80 -31.61
C LYS C 232 -38.41 6.29 -32.88
N PHE C 233 -38.23 7.59 -32.98
CA PHE C 233 -37.46 8.17 -34.05
C PHE C 233 -36.01 7.68 -33.99
N GLY C 234 -35.46 7.59 -32.79
CA GLY C 234 -34.11 7.08 -32.62
C GLY C 234 -33.91 5.70 -33.21
N VAL C 235 -34.81 4.79 -32.83
CA VAL C 235 -34.83 3.42 -33.35
C VAL C 235 -34.83 3.43 -34.88
N GLU C 236 -35.74 4.21 -35.49
CA GLU C 236 -35.80 4.27 -36.95
C GLU C 236 -34.55 4.85 -37.65
N GLN C 237 -33.88 5.78 -37.00
CA GLN C 237 -32.69 6.41 -37.58
C GLN C 237 -31.41 5.62 -37.27
N ASP C 238 -31.55 4.58 -36.45
CA ASP C 238 -30.44 3.68 -36.05
C ASP C 238 -29.34 4.43 -35.32
N VAL C 239 -29.71 5.10 -34.24
CA VAL C 239 -28.74 5.77 -33.41
C VAL C 239 -28.01 4.74 -32.56
N ASP C 240 -26.90 5.18 -31.98
CA ASP C 240 -26.00 4.30 -31.26
C ASP C 240 -26.29 4.30 -29.79
N MET C 241 -26.76 5.44 -29.29
CA MET C 241 -27.07 5.56 -27.90
C MET C 241 -28.05 6.69 -27.68
N VAL C 242 -28.69 6.63 -26.53
CA VAL C 242 -29.63 7.63 -26.09
C VAL C 242 -29.12 8.18 -24.78
N PHE C 243 -29.13 9.51 -24.63
CA PHE C 243 -28.85 10.14 -23.37
C PHE C 243 -30.19 10.56 -22.80
N ALA C 244 -30.61 9.92 -21.71
CA ALA C 244 -31.95 10.08 -21.19
C ALA C 244 -31.95 11.10 -20.07
N SER C 245 -32.69 12.20 -20.27
CA SER C 245 -32.64 13.33 -19.35
C SER C 245 -33.41 13.10 -18.05
N PHE C 246 -32.93 13.75 -16.98
CA PHE C 246 -33.54 13.77 -15.63
C PHE C 246 -33.96 12.39 -15.06
N ILE C 247 -33.11 11.37 -15.20
CA ILE C 247 -33.43 10.08 -14.61
C ILE C 247 -33.35 10.26 -13.10
N ARG C 248 -34.46 9.96 -12.43
CA ARG C 248 -34.58 10.05 -10.97
C ARG C 248 -34.51 8.66 -10.30
N LYS C 249 -34.70 7.58 -11.06
CA LYS C 249 -34.82 6.24 -10.49
C LYS C 249 -34.81 5.15 -11.56
N ALA C 250 -34.61 3.90 -11.11
CA ALA C 250 -34.48 2.77 -12.02
C ALA C 250 -35.66 2.67 -12.96
N SER C 251 -36.86 2.82 -12.41
CA SER C 251 -38.07 2.68 -13.22
C SER C 251 -38.13 3.74 -14.34
N ASP C 252 -37.51 4.90 -14.16
CA ASP C 252 -37.40 5.86 -15.28
C ASP C 252 -36.61 5.23 -16.41
N VAL C 253 -35.51 4.56 -16.09
CA VAL C 253 -34.68 3.90 -17.08
C VAL C 253 -35.42 2.77 -17.78
N HIS C 254 -36.12 1.91 -17.01
CA HIS C 254 -36.90 0.80 -17.59
C HIS C 254 -37.98 1.34 -18.52
N GLU C 255 -38.56 2.50 -18.22
CA GLU C 255 -39.50 3.14 -19.13
C GLU C 255 -38.84 3.47 -20.49
N VAL C 256 -37.61 3.97 -20.50
CA VAL C 256 -36.93 4.29 -21.78
C VAL C 256 -36.60 3.03 -22.56
N ARG C 257 -36.07 2.03 -21.85
CA ARG C 257 -35.84 0.69 -22.37
C ARG C 257 -37.09 0.06 -23.05
N LYS C 258 -38.25 0.23 -22.42
CA LYS C 258 -39.54 -0.30 -22.92
C LYS C 258 -39.93 0.36 -24.25
N VAL C 259 -39.74 1.67 -24.36
CA VAL C 259 -40.08 2.41 -25.59
C VAL C 259 -39.12 2.03 -26.72
N LEU C 260 -37.84 1.91 -26.40
CA LEU C 260 -36.88 1.41 -27.36
C LEU C 260 -37.26 0.02 -27.88
N GLY C 261 -37.89 -0.79 -27.02
CA GLY C 261 -38.40 -2.11 -27.40
C GLY C 261 -37.36 -3.15 -27.76
N GLU C 262 -37.83 -4.26 -28.34
CA GLU C 262 -36.94 -5.29 -28.89
C GLU C 262 -36.12 -4.76 -30.08
N LYS C 263 -36.76 -3.95 -30.92
CA LYS C 263 -36.09 -3.41 -32.11
C LYS C 263 -34.89 -2.52 -31.77
N GLY C 264 -34.96 -1.82 -30.64
CA GLY C 264 -33.87 -0.92 -30.22
C GLY C 264 -33.06 -1.45 -29.06
N LYS C 265 -33.11 -2.78 -28.88
CA LYS C 265 -32.48 -3.42 -27.74
C LYS C 265 -30.98 -3.25 -27.67
N ASN C 266 -30.34 -3.03 -28.83
CA ASN C 266 -28.89 -2.84 -28.88
C ASN C 266 -28.47 -1.40 -28.73
N ILE C 267 -29.43 -0.49 -28.53
CA ILE C 267 -29.09 0.92 -28.37
C ILE C 267 -28.70 1.13 -26.91
N LYS C 268 -27.55 1.76 -26.71
CA LYS C 268 -27.07 2.10 -25.35
C LYS C 268 -27.85 3.25 -24.68
N ILE C 269 -28.41 3.01 -23.50
CA ILE C 269 -29.05 4.06 -22.72
C ILE C 269 -28.06 4.62 -21.69
N ILE C 270 -27.75 5.91 -21.82
CA ILE C 270 -26.94 6.62 -20.88
C ILE C 270 -27.86 7.49 -20.02
N SER C 271 -27.96 7.18 -18.74
CA SER C 271 -28.79 7.95 -17.82
C SER C 271 -28.09 9.24 -17.40
N LYS C 272 -28.74 10.37 -17.65
CA LYS C 272 -28.22 11.68 -17.28
C LYS C 272 -28.68 11.93 -15.89
N ILE C 273 -27.72 12.14 -14.97
CA ILE C 273 -28.00 12.44 -13.55
C ILE C 273 -27.97 13.95 -13.37
N GLU C 274 -29.11 14.55 -13.04
CA GLU C 274 -29.27 15.99 -13.03
C GLU C 274 -30.00 16.56 -11.83
N ASN C 275 -30.32 15.73 -10.82
CA ASN C 275 -30.94 16.25 -9.61
C ASN C 275 -30.59 15.44 -8.39
N HIS C 276 -31.09 15.88 -7.26
CA HIS C 276 -30.78 15.24 -5.99
C HIS C 276 -31.24 13.78 -5.96
N GLU C 277 -32.50 13.52 -6.30
CA GLU C 277 -33.01 12.16 -6.30
C GLU C 277 -32.16 11.19 -7.13
N GLY C 278 -31.69 11.63 -8.30
CA GLY C 278 -30.83 10.80 -9.15
C GLY C 278 -29.55 10.40 -8.44
N VAL C 279 -28.94 11.37 -7.75
CA VAL C 279 -27.73 11.11 -7.00
C VAL C 279 -28.04 10.14 -5.85
N ARG C 280 -29.09 10.41 -5.10
CA ARG C 280 -29.47 9.55 -3.99
CA ARG C 280 -29.47 9.54 -3.98
C ARG C 280 -29.73 8.11 -4.44
N ARG C 281 -30.37 7.96 -5.60
CA ARG C 281 -30.74 6.65 -6.08
C ARG C 281 -29.79 6.16 -7.14
N PHE C 282 -28.57 6.73 -7.20
CA PHE C 282 -27.58 6.35 -8.19
C PHE C 282 -27.36 4.85 -8.41
N ASP C 283 -27.24 4.08 -7.34
CA ASP C 283 -26.88 2.67 -7.50
C ASP C 283 -27.95 1.87 -8.26
N GLU C 284 -29.20 2.06 -7.91
CA GLU C 284 -30.26 1.37 -8.64
C GLU C 284 -30.33 1.86 -10.12
N ILE C 285 -30.03 3.14 -10.35
CA ILE C 285 -30.01 3.74 -11.70
C ILE C 285 -28.86 3.20 -12.55
N LEU C 286 -27.67 3.12 -11.97
CA LEU C 286 -26.55 2.53 -12.69
C LEU C 286 -26.77 1.04 -13.06
N GLU C 287 -27.36 0.25 -12.17
CA GLU C 287 -27.58 -1.18 -12.44
C GLU C 287 -28.58 -1.39 -13.59
N ALA C 288 -29.40 -0.37 -13.82
CA ALA C 288 -30.43 -0.42 -14.85
C ALA C 288 -29.94 0.11 -16.20
N SER C 289 -28.86 0.91 -16.19
CA SER C 289 -28.39 1.60 -17.37
C SER C 289 -27.19 0.93 -17.98
N ASP C 290 -26.82 1.41 -19.17
CA ASP C 290 -25.64 0.98 -19.85
C ASP C 290 -24.53 1.98 -19.60
N GLY C 291 -24.86 3.13 -19.01
CA GLY C 291 -23.89 4.17 -18.73
C GLY C 291 -24.52 5.38 -18.04
N ILE C 292 -23.68 6.37 -17.75
CA ILE C 292 -24.05 7.53 -16.98
C ILE C 292 -23.45 8.81 -17.57
N MET C 293 -24.26 9.86 -17.61
CA MET C 293 -23.74 11.20 -17.85
C MET C 293 -23.93 12.03 -16.57
N VAL C 294 -22.82 12.61 -16.12
CA VAL C 294 -22.85 13.58 -15.08
C VAL C 294 -23.25 14.89 -15.80
N ALA C 295 -24.54 15.20 -15.67
CA ALA C 295 -25.15 16.33 -16.37
C ALA C 295 -25.03 17.54 -15.45
N ARG C 296 -23.86 18.16 -15.45
CA ARG C 296 -23.53 19.13 -14.41
C ARG C 296 -24.28 20.47 -14.47
N GLY C 297 -24.80 20.82 -15.64
CA GLY C 297 -25.60 22.03 -15.79
C GLY C 297 -26.78 22.03 -14.84
N ASP C 298 -27.70 21.10 -15.04
CA ASP C 298 -28.90 21.06 -14.18
C ASP C 298 -28.55 20.64 -12.76
N LEU C 299 -27.54 19.79 -12.63
CA LEU C 299 -27.13 19.28 -11.35
C LEU C 299 -26.71 20.39 -10.40
N GLY C 300 -25.90 21.34 -10.88
CA GLY C 300 -25.43 22.47 -10.06
C GLY C 300 -26.44 23.57 -9.78
N ILE C 301 -27.66 23.39 -10.26
CA ILE C 301 -28.81 24.22 -9.90
C ILE C 301 -29.67 23.43 -8.90
N GLU C 302 -29.85 22.14 -9.15
CA GLU C 302 -30.70 21.33 -8.28
C GLU C 302 -30.07 21.11 -6.91
N ILE C 303 -28.75 20.99 -6.91
CA ILE C 303 -28.00 20.93 -5.67
C ILE C 303 -27.01 22.13 -5.57
N PRO C 304 -26.51 22.43 -4.37
CA PRO C 304 -25.57 23.57 -4.25
C PRO C 304 -24.39 23.39 -5.18
N ALA C 305 -24.01 24.44 -5.88
CA ALA C 305 -22.93 24.36 -6.89
C ALA C 305 -21.62 23.81 -6.27
N GLU C 306 -21.37 24.13 -5.01
CA GLU C 306 -20.16 23.71 -4.34
C GLU C 306 -20.08 22.20 -4.05
N LYS C 307 -21.17 21.48 -4.28
CA LYS C 307 -21.26 20.02 -4.07
C LYS C 307 -21.17 19.21 -5.35
N VAL C 308 -21.19 19.88 -6.51
CA VAL C 308 -21.16 19.16 -7.78
C VAL C 308 -19.93 18.26 -7.97
N PHE C 309 -18.74 18.74 -7.55
CA PHE C 309 -17.52 17.93 -7.72
C PHE C 309 -17.61 16.66 -6.91
N LEU C 310 -18.30 16.69 -5.78
CA LEU C 310 -18.48 15.50 -4.98
C LEU C 310 -19.25 14.48 -5.79
N ALA C 311 -20.38 14.91 -6.33
CA ALA C 311 -21.26 14.06 -7.13
C ALA C 311 -20.56 13.53 -8.38
N GLN C 312 -19.85 14.41 -9.07
CA GLN C 312 -19.04 13.99 -10.20
C GLN C 312 -18.06 12.88 -9.82
N LYS C 313 -17.32 13.07 -8.75
CA LYS C 313 -16.31 12.07 -8.38
C LYS C 313 -16.90 10.77 -7.85
N MET C 314 -17.98 10.85 -7.08
CA MET C 314 -18.71 9.68 -6.64
C MET C 314 -19.19 8.88 -7.84
N MET C 315 -19.72 9.58 -8.84
CA MET C 315 -20.33 8.90 -9.97
C MET C 315 -19.31 8.30 -10.90
N ILE C 316 -18.23 9.02 -11.16
CA ILE C 316 -17.16 8.47 -11.97
C ILE C 316 -16.52 7.25 -11.31
N GLY C 317 -16.31 7.30 -10.01
CA GLY C 317 -15.72 6.19 -9.29
C GLY C 317 -16.63 4.97 -9.28
N ARG C 318 -17.92 5.18 -9.05
CA ARG C 318 -18.85 4.05 -9.04
C ARG C 318 -18.99 3.40 -10.41
N CYS C 319 -18.96 4.21 -11.46
CA CYS C 319 -18.98 3.68 -12.82
C CYS C 319 -17.69 2.92 -13.17
N ASN C 320 -16.54 3.49 -12.78
CA ASN C 320 -15.28 2.82 -13.03
C ASN C 320 -15.31 1.48 -12.26
N ARG C 321 -15.93 1.44 -11.10
CA ARG C 321 -15.96 0.22 -10.28
C ARG C 321 -16.94 -0.82 -10.88
N ALA C 322 -18.02 -0.33 -11.52
CA ALA C 322 -18.96 -1.21 -12.20
C ALA C 322 -18.50 -1.56 -13.60
N GLY C 323 -17.45 -0.93 -14.09
CA GLY C 323 -17.07 -1.07 -15.51
C GLY C 323 -18.10 -0.54 -16.51
N LYS C 324 -18.80 0.53 -16.18
CA LYS C 324 -19.74 1.16 -17.14
C LYS C 324 -19.30 2.55 -17.61
N PRO C 325 -19.57 2.91 -18.87
CA PRO C 325 -19.10 4.22 -19.32
C PRO C 325 -19.67 5.37 -18.51
N VAL C 326 -18.87 6.43 -18.37
CA VAL C 326 -19.32 7.64 -17.72
C VAL C 326 -18.78 8.85 -18.46
N ILE C 327 -19.70 9.77 -18.78
CA ILE C 327 -19.41 11.00 -19.48
C ILE C 327 -19.55 12.18 -18.54
N CYS C 328 -18.53 13.03 -18.56
CA CYS C 328 -18.55 14.32 -17.88
C CYS C 328 -18.99 15.37 -18.90
N ALA C 329 -19.99 16.15 -18.51
CA ALA C 329 -20.64 17.07 -19.43
C ALA C 329 -20.91 18.43 -18.85
N THR C 330 -20.89 19.43 -19.74
CA THR C 330 -21.49 20.75 -19.50
C THR C 330 -20.51 21.78 -18.94
N GLN C 331 -20.33 22.85 -19.71
CA GLN C 331 -19.50 24.02 -19.38
C GLN C 331 -18.00 23.74 -19.21
N MET C 332 -17.52 22.67 -19.85
CA MET C 332 -16.12 22.30 -19.73
C MET C 332 -15.22 23.34 -20.36
N LEU C 333 -15.61 23.87 -21.50
CA LEU C 333 -14.79 24.89 -22.19
C LEU C 333 -15.69 26.06 -22.55
N GLU C 334 -16.51 26.47 -21.58
CA GLU C 334 -17.60 27.45 -21.81
C GLU C 334 -17.18 28.75 -22.48
N SER C 335 -16.13 29.38 -21.97
CA SER C 335 -15.68 30.67 -22.53
C SER C 335 -15.29 30.57 -24.00
N MET C 336 -15.04 29.35 -24.50
CA MET C 336 -14.68 29.21 -25.90
C MET C 336 -15.86 29.39 -26.86
N ILE C 337 -17.08 29.53 -26.31
CA ILE C 337 -18.24 29.98 -27.12
C ILE C 337 -17.93 31.30 -27.81
N LYS C 338 -17.23 32.22 -27.13
CA LYS C 338 -16.90 33.55 -27.69
C LYS C 338 -15.40 33.78 -27.98
N LYS C 339 -14.52 32.97 -27.38
CA LYS C 339 -13.07 33.19 -27.39
C LYS C 339 -12.32 31.98 -27.95
N PRO C 340 -11.23 32.21 -28.71
CA PRO C 340 -10.54 31.08 -29.31
C PRO C 340 -9.64 30.27 -28.35
N ARG C 341 -9.46 30.73 -27.12
CA ARG C 341 -8.71 30.03 -26.07
C ARG C 341 -9.58 29.93 -24.80
N PRO C 342 -9.39 28.87 -24.00
CA PRO C 342 -10.12 28.65 -22.73
C PRO C 342 -9.52 29.40 -21.52
N THR C 343 -10.27 29.48 -20.44
CA THR C 343 -9.73 30.03 -19.20
C THR C 343 -8.84 28.93 -18.56
N ARG C 344 -8.10 29.31 -17.53
CA ARG C 344 -7.30 28.32 -16.78
C ARG C 344 -8.19 27.33 -16.04
N ALA C 345 -9.38 27.76 -15.64
CA ALA C 345 -10.28 26.89 -14.90
C ALA C 345 -10.82 25.80 -15.82
N GLU C 346 -10.91 26.13 -17.11
CA GLU C 346 -11.45 25.21 -18.07
C GLU C 346 -10.42 24.15 -18.50
N GLY C 347 -9.17 24.57 -18.73
CA GLY C 347 -8.07 23.63 -18.90
C GLY C 347 -8.01 22.66 -17.73
N SER C 348 -7.97 23.18 -16.52
CA SER C 348 -7.97 22.34 -15.30
C SER C 348 -9.14 21.33 -15.21
N ASP C 349 -10.35 21.79 -15.55
CA ASP C 349 -11.55 20.95 -15.46
C ASP C 349 -11.54 19.77 -16.42
N VAL C 350 -11.18 20.02 -17.68
CA VAL C 350 -11.07 18.90 -18.64
C VAL C 350 -10.02 17.88 -18.13
N ALA C 351 -8.83 18.35 -17.78
CA ALA C 351 -7.78 17.47 -17.28
C ALA C 351 -8.25 16.67 -16.08
N ASN C 352 -8.87 17.34 -15.12
CA ASN C 352 -9.28 16.64 -13.90
C ASN C 352 -10.44 15.66 -14.09
N ALA C 353 -11.26 15.88 -15.12
CA ALA C 353 -12.28 14.90 -15.49
C ALA C 353 -11.63 13.60 -15.94
N VAL C 354 -10.59 13.74 -16.76
CA VAL C 354 -9.82 12.61 -17.28
C VAL C 354 -9.11 11.89 -16.14
N LEU C 355 -8.50 12.64 -15.21
CA LEU C 355 -7.83 12.05 -14.05
C LEU C 355 -8.84 11.43 -13.07
N ASP C 356 -10.04 12.00 -12.98
CA ASP C 356 -11.05 11.38 -12.11
C ASP C 356 -11.35 9.97 -12.65
N GLY C 357 -11.23 9.78 -13.97
CA GLY C 357 -11.58 8.51 -14.66
C GLY C 357 -12.79 8.53 -15.62
N ALA C 358 -13.21 9.71 -16.09
CA ALA C 358 -14.29 9.81 -17.09
C ALA C 358 -13.91 9.12 -18.40
N ASP C 359 -14.82 8.31 -18.94
CA ASP C 359 -14.56 7.66 -20.23
C ASP C 359 -14.62 8.65 -21.36
N CYS C 360 -15.61 9.55 -21.29
CA CYS C 360 -15.81 10.60 -22.29
C CYS C 360 -16.01 11.97 -21.67
N ILE C 361 -15.68 12.98 -22.46
CA ILE C 361 -15.90 14.37 -22.12
C ILE C 361 -16.72 14.97 -23.25
N MET C 362 -17.49 16.01 -22.92
CA MET C 362 -18.51 16.52 -23.82
C MET C 362 -18.38 18.01 -24.03
N LEU C 363 -18.85 18.48 -25.18
CA LEU C 363 -19.03 19.88 -25.45
C LEU C 363 -20.49 20.10 -25.85
N SER C 364 -21.05 21.23 -25.39
CA SER C 364 -22.43 21.61 -25.72
C SER C 364 -22.39 22.88 -26.57
N GLY C 365 -22.66 24.04 -25.99
CA GLY C 365 -22.66 25.31 -26.74
C GLY C 365 -21.38 25.55 -27.51
N GLU C 366 -20.28 24.98 -27.02
CA GLU C 366 -18.99 25.25 -27.58
C GLU C 366 -18.95 24.79 -29.02
N THR C 367 -19.61 23.66 -29.32
CA THR C 367 -19.67 23.14 -30.70
C THR C 367 -21.00 23.40 -31.44
N ALA C 368 -22.08 23.51 -30.69
CA ALA C 368 -23.43 23.68 -31.24
C ALA C 368 -23.65 25.08 -31.81
N LYS C 369 -23.36 26.08 -30.99
CA LYS C 369 -23.69 27.46 -31.27
C LYS C 369 -22.48 28.39 -31.40
N GLY C 370 -21.35 28.06 -30.80
CA GLY C 370 -20.29 29.04 -30.54
C GLY C 370 -19.44 29.42 -31.73
N ASP C 371 -18.54 30.38 -31.56
CA ASP C 371 -17.74 30.92 -32.68
C ASP C 371 -16.50 30.12 -33.02
N TYR C 372 -16.11 29.17 -32.16
CA TYR C 372 -14.83 28.47 -32.34
C TYR C 372 -14.97 26.96 -32.11
N PRO C 373 -15.84 26.30 -32.90
CA PRO C 373 -16.12 24.89 -32.60
C PRO C 373 -14.92 23.94 -32.83
N LEU C 374 -14.15 24.17 -33.90
CA LEU C 374 -12.98 23.31 -34.15
C LEU C 374 -11.89 23.51 -33.08
N GLU C 375 -11.76 24.73 -32.58
CA GLU C 375 -10.81 25.04 -31.52
C GLU C 375 -11.21 24.38 -30.21
N ALA C 376 -12.51 24.35 -29.91
CA ALA C 376 -12.95 23.66 -28.70
C ALA C 376 -12.63 22.15 -28.79
N VAL C 377 -12.95 21.51 -29.90
CA VAL C 377 -12.64 20.06 -30.06
C VAL C 377 -11.11 19.79 -29.94
N ARG C 378 -10.31 20.63 -30.60
CA ARG C 378 -8.86 20.49 -30.64
C ARG C 378 -8.31 20.63 -29.23
N MET C 379 -8.85 21.57 -28.47
CA MET C 379 -8.40 21.79 -27.11
C MET C 379 -8.72 20.60 -26.27
N GLN C 380 -9.94 20.08 -26.35
CA GLN C 380 -10.28 18.89 -25.58
C GLN C 380 -9.31 17.74 -25.88
N HIS C 381 -9.01 17.57 -27.16
CA HIS C 381 -8.03 16.57 -27.60
C HIS C 381 -6.67 16.74 -26.95
N LEU C 382 -6.07 17.92 -27.09
CA LEU C 382 -4.78 18.21 -26.49
C LEU C 382 -4.78 18.01 -24.97
N ILE C 383 -5.79 18.53 -24.27
CA ILE C 383 -5.81 18.41 -22.84
C ILE C 383 -5.97 16.93 -22.43
N ALA C 384 -6.93 16.22 -23.04
CA ALA C 384 -7.13 14.82 -22.67
C ALA C 384 -5.88 13.97 -22.87
N ARG C 385 -5.17 14.22 -23.95
CA ARG C 385 -3.98 13.46 -24.22
C ARG C 385 -2.90 13.64 -23.14
N GLU C 386 -2.65 14.87 -22.70
CA GLU C 386 -1.74 15.15 -21.57
C GLU C 386 -2.20 14.53 -20.26
N ALA C 387 -3.49 14.58 -19.96
CA ALA C 387 -3.98 14.10 -18.68
C ALA C 387 -3.93 12.57 -18.56
N GLU C 388 -4.14 11.88 -19.68
CA GLU C 388 -4.08 10.40 -19.68
C GLU C 388 -2.69 9.93 -19.28
N ALA C 389 -1.65 10.60 -19.78
CA ALA C 389 -0.30 10.23 -19.41
C ALA C 389 -0.02 10.47 -17.88
N ALA C 390 -0.65 11.52 -17.33
CA ALA C 390 -0.52 11.88 -15.91
C ALA C 390 -1.31 11.02 -14.90
N ILE C 391 -2.07 10.05 -15.36
CA ILE C 391 -2.78 9.16 -14.47
C ILE C 391 -1.77 8.26 -13.75
N TYR C 392 -2.04 7.98 -12.48
CA TYR C 392 -1.22 7.11 -11.68
C TYR C 392 -1.73 5.65 -11.82
N HIS C 393 -1.39 5.04 -12.95
CA HIS C 393 -1.86 3.69 -13.30
C HIS C 393 -1.39 2.64 -12.32
N LEU C 394 -0.20 2.81 -11.78
CA LEU C 394 0.35 1.89 -10.76
C LEU C 394 -0.66 1.58 -9.65
N GLN C 395 -1.27 2.62 -9.07
CA GLN C 395 -2.30 2.43 -8.03
C GLN C 395 -3.66 2.09 -8.62
N LEU C 396 -4.02 2.72 -9.72
CA LEU C 396 -5.32 2.49 -10.35
C LEU C 396 -5.52 1.01 -10.71
N PHE C 397 -4.52 0.46 -11.39
CA PHE C 397 -4.60 -0.91 -11.86
C PHE C 397 -4.65 -1.87 -10.66
N GLU C 398 -3.87 -1.56 -9.65
CA GLU C 398 -3.82 -2.37 -8.41
C GLU C 398 -5.18 -2.38 -7.70
N GLU C 399 -5.84 -1.22 -7.65
CA GLU C 399 -7.17 -1.13 -7.01
C GLU C 399 -8.27 -1.81 -7.83
N LEU C 400 -8.24 -1.64 -9.14
CA LEU C 400 -9.22 -2.24 -10.04
C LEU C 400 -9.13 -3.76 -9.97
N ARG C 401 -7.91 -4.28 -10.00
CA ARG C 401 -7.70 -5.69 -9.83
C ARG C 401 -8.25 -6.21 -8.50
N ARG C 402 -7.91 -5.53 -7.41
CA ARG C 402 -8.31 -5.95 -6.08
C ARG C 402 -9.81 -5.88 -5.91
N LEU C 403 -10.42 -4.86 -6.52
CA LEU C 403 -11.87 -4.68 -6.43
C LEU C 403 -12.59 -5.50 -7.50
N ALA C 404 -11.93 -6.54 -7.99
CA ALA C 404 -12.44 -7.36 -9.08
C ALA C 404 -12.61 -8.79 -8.56
N PRO C 405 -13.78 -9.41 -8.79
CA PRO C 405 -13.96 -10.78 -8.28
C PRO C 405 -13.11 -11.84 -9.01
N ILE C 406 -12.73 -12.89 -8.28
CA ILE C 406 -12.11 -14.07 -8.89
C ILE C 406 -13.24 -14.77 -9.64
N THR C 407 -13.17 -14.79 -10.97
CA THR C 407 -14.24 -15.37 -11.79
C THR C 407 -13.81 -16.53 -12.67
N SER C 408 -14.79 -17.33 -13.08
CA SER C 408 -14.56 -18.46 -13.97
C SER C 408 -14.61 -18.05 -15.44
N ASP C 409 -14.75 -16.77 -15.73
CA ASP C 409 -14.95 -16.31 -17.09
C ASP C 409 -13.59 -16.17 -17.81
N PRO C 410 -13.29 -17.08 -18.75
CA PRO C 410 -11.98 -17.04 -19.42
C PRO C 410 -11.61 -15.74 -20.12
N THR C 411 -12.59 -15.04 -20.64
CA THR C 411 -12.39 -13.78 -21.34
CA THR C 411 -12.35 -13.77 -21.35
C THR C 411 -11.89 -12.68 -20.38
N GLU C 412 -12.38 -12.72 -19.15
CA GLU C 412 -11.96 -11.77 -18.11
C GLU C 412 -10.53 -12.04 -17.71
N ALA C 413 -10.21 -13.30 -17.46
CA ALA C 413 -8.84 -13.72 -17.17
C ALA C 413 -7.89 -13.23 -18.27
N THR C 414 -8.26 -13.43 -19.54
CA THR C 414 -7.44 -13.06 -20.69
C THR C 414 -7.29 -11.58 -20.71
N ALA C 415 -8.36 -10.87 -20.38
CA ALA C 415 -8.32 -9.42 -20.42
C ALA C 415 -7.37 -8.84 -19.39
N VAL C 416 -7.45 -9.31 -18.14
CA VAL C 416 -6.60 -8.76 -17.10
C VAL C 416 -5.14 -9.20 -17.38
N GLY C 417 -4.97 -10.38 -17.94
CA GLY C 417 -3.65 -10.85 -18.31
C GLY C 417 -2.97 -9.95 -19.34
N ALA C 418 -3.76 -9.53 -20.33
CA ALA C 418 -3.30 -8.69 -21.45
C ALA C 418 -2.92 -7.30 -20.96
N VAL C 419 -3.68 -6.78 -20.01
CA VAL C 419 -3.39 -5.44 -19.44
C VAL C 419 -2.12 -5.54 -18.61
N GLU C 420 -2.00 -6.60 -17.83
CA GLU C 420 -0.77 -6.81 -17.08
C GLU C 420 0.46 -6.88 -18.02
N ALA C 421 0.33 -7.67 -19.09
CA ALA C 421 1.44 -7.81 -20.03
C ALA C 421 1.75 -6.49 -20.73
N SER C 422 0.74 -5.65 -20.92
CA SER C 422 0.93 -4.38 -21.59
C SER C 422 1.74 -3.43 -20.74
N PHE C 423 1.61 -3.52 -19.41
CA PHE C 423 2.41 -2.70 -18.51
C PHE C 423 3.85 -3.22 -18.44
N LYS C 424 3.98 -4.54 -18.33
CA LYS C 424 5.29 -5.16 -18.32
C LYS C 424 6.20 -4.79 -19.50
N CYS C 425 5.69 -4.75 -20.72
CA CYS C 425 6.53 -4.33 -21.85
C CYS C 425 6.20 -2.95 -22.41
N CYS C 426 5.46 -2.15 -21.67
CA CYS C 426 5.04 -0.82 -22.15
CA CYS C 426 5.05 -0.82 -22.15
C CYS C 426 4.63 -0.94 -23.62
N SER C 427 3.59 -1.72 -23.87
CA SER C 427 3.24 -2.06 -25.23
C SER C 427 2.71 -0.85 -26.00
N GLY C 428 2.97 -0.83 -27.31
CA GLY C 428 2.43 0.24 -28.16
C GLY C 428 0.91 0.23 -28.27
N ALA C 429 0.28 -0.93 -28.09
CA ALA C 429 -1.16 -1.07 -28.13
C ALA C 429 -1.58 -2.45 -27.63
N ILE C 430 -2.84 -2.56 -27.20
CA ILE C 430 -3.49 -3.84 -27.10
C ILE C 430 -4.50 -3.96 -28.27
N ILE C 431 -4.24 -4.89 -29.18
CA ILE C 431 -5.12 -5.12 -30.32
C ILE C 431 -6.12 -6.21 -29.96
N VAL C 432 -7.41 -5.92 -30.15
CA VAL C 432 -8.48 -6.84 -29.78
C VAL C 432 -9.43 -7.02 -30.95
N LEU C 433 -9.64 -8.27 -31.36
CA LEU C 433 -10.63 -8.60 -32.38
C LEU C 433 -11.94 -8.79 -31.63
N THR C 434 -12.99 -8.09 -32.04
CA THR C 434 -14.25 -8.17 -31.34
C THR C 434 -15.39 -8.02 -32.34
N LYS C 435 -16.39 -8.89 -32.21
CA LYS C 435 -17.64 -8.80 -32.96
C LYS C 435 -18.65 -7.90 -32.22
N SER C 436 -18.91 -8.18 -30.94
CA SER C 436 -19.91 -7.42 -30.17
C SER C 436 -19.33 -6.27 -29.40
N GLY C 437 -17.99 -6.24 -29.30
CA GLY C 437 -17.26 -5.22 -28.55
C GLY C 437 -16.98 -5.64 -27.12
N ARG C 438 -17.66 -6.66 -26.62
CA ARG C 438 -17.56 -7.04 -25.19
C ARG C 438 -16.08 -7.30 -24.77
N SER C 439 -15.34 -8.01 -25.62
CA SER C 439 -13.93 -8.34 -25.31
C SER C 439 -13.09 -7.10 -25.14
N ALA C 440 -13.25 -6.15 -26.03
CA ALA C 440 -12.55 -4.87 -25.92
C ALA C 440 -13.00 -4.07 -24.68
N HIS C 441 -14.29 -4.15 -24.34
CA HIS C 441 -14.80 -3.47 -23.16
C HIS C 441 -14.16 -4.05 -21.91
N GLN C 442 -13.97 -5.36 -21.90
CA GLN C 442 -13.42 -6.06 -20.72
C GLN C 442 -11.99 -5.61 -20.46
N VAL C 443 -11.25 -5.32 -21.53
CA VAL C 443 -9.90 -4.76 -21.40
C VAL C 443 -9.94 -3.30 -20.91
N ALA C 444 -10.87 -2.51 -21.44
CA ALA C 444 -10.96 -1.08 -21.11
C ALA C 444 -11.19 -0.83 -19.61
N ARG C 445 -11.93 -1.74 -19.00
CA ARG C 445 -12.33 -1.67 -17.59
C ARG C 445 -11.16 -1.76 -16.64
N TYR C 446 -10.02 -2.29 -17.10
CA TYR C 446 -8.79 -2.31 -16.30
C TYR C 446 -7.88 -1.14 -16.63
N ARG C 447 -8.31 -0.23 -17.49
CA ARG C 447 -7.62 1.03 -17.68
C ARG C 447 -6.12 0.92 -17.97
N PRO C 448 -5.75 0.18 -19.02
CA PRO C 448 -4.34 0.18 -19.42
C PRO C 448 -3.87 1.52 -19.94
N ARG C 449 -2.59 1.77 -19.87
CA ARG C 449 -2.01 2.95 -20.51
CA ARG C 449 -1.96 2.93 -20.51
C ARG C 449 -2.05 2.79 -22.02
N ALA C 450 -1.76 1.58 -22.51
CA ALA C 450 -1.70 1.37 -23.97
C ALA C 450 -3.10 1.53 -24.56
N PRO C 451 -3.20 2.15 -25.73
CA PRO C 451 -4.44 2.23 -26.48
C PRO C 451 -4.94 0.84 -26.91
N ILE C 452 -6.25 0.65 -26.85
CA ILE C 452 -6.92 -0.59 -27.22
C ILE C 452 -7.47 -0.42 -28.60
N ILE C 453 -6.80 -1.02 -29.57
CA ILE C 453 -7.24 -0.93 -30.96
C ILE C 453 -8.22 -2.05 -31.14
N ALA C 454 -9.50 -1.74 -31.20
CA ALA C 454 -10.52 -2.79 -31.34
C ALA C 454 -10.91 -2.94 -32.81
N VAL C 455 -10.57 -4.09 -33.39
CA VAL C 455 -10.89 -4.38 -34.76
C VAL C 455 -12.18 -5.17 -34.81
N THR C 456 -13.17 -4.60 -35.49
CA THR C 456 -14.48 -5.23 -35.68
C THR C 456 -14.92 -5.10 -37.16
N ARG C 457 -15.74 -6.03 -37.62
CA ARG C 457 -16.47 -5.85 -38.87
C ARG C 457 -17.89 -5.28 -38.68
N ASN C 458 -18.32 -5.14 -37.43
CA ASN C 458 -19.65 -4.71 -37.10
C ASN C 458 -19.71 -3.19 -36.90
N PRO C 459 -20.39 -2.45 -37.82
CA PRO C 459 -20.33 -0.99 -37.77
C PRO C 459 -20.87 -0.37 -36.46
N GLN C 460 -21.92 -0.96 -35.90
CA GLN C 460 -22.51 -0.44 -34.65
C GLN C 460 -21.53 -0.66 -33.46
N THR C 461 -20.93 -1.87 -33.37
CA THR C 461 -19.89 -2.14 -32.36
C THR C 461 -18.80 -1.08 -32.44
N ALA C 462 -18.30 -0.79 -33.63
CA ALA C 462 -17.26 0.22 -33.77
C ALA C 462 -17.73 1.61 -33.30
N ARG C 463 -18.99 1.94 -33.53
CA ARG C 463 -19.47 3.26 -33.13
C ARG C 463 -19.66 3.34 -31.63
N GLN C 464 -20.24 2.29 -31.05
CA GLN C 464 -20.50 2.26 -29.62
C GLN C 464 -19.21 2.13 -28.76
N ALA C 465 -18.12 1.67 -29.38
CA ALA C 465 -16.84 1.49 -28.69
C ALA C 465 -16.33 2.77 -28.11
N HIS C 466 -16.65 3.90 -28.74
CA HIS C 466 -16.14 5.21 -28.30
C HIS C 466 -16.55 5.58 -26.89
N LEU C 467 -17.58 4.93 -26.33
CA LEU C 467 -18.00 5.17 -24.97
C LEU C 467 -17.02 4.66 -23.89
N TYR C 468 -16.04 3.84 -24.29
CA TYR C 468 -15.12 3.23 -23.33
C TYR C 468 -13.75 3.85 -23.44
N ARG C 469 -13.26 4.34 -22.31
CA ARG C 469 -11.91 4.87 -22.22
C ARG C 469 -10.91 3.89 -22.85
N GLY C 470 -10.08 4.42 -23.73
CA GLY C 470 -8.96 3.65 -24.21
C GLY C 470 -9.20 2.99 -25.55
N ILE C 471 -10.47 2.85 -25.93
CA ILE C 471 -10.79 2.11 -27.15
C ILE C 471 -10.77 3.00 -28.38
N PHE C 472 -9.97 2.56 -29.34
CA PHE C 472 -9.83 3.20 -30.62
C PHE C 472 -10.35 2.18 -31.63
N PRO C 473 -11.65 2.25 -31.97
CA PRO C 473 -12.26 1.26 -32.84
C PRO C 473 -11.85 1.42 -34.30
N VAL C 474 -11.61 0.31 -34.98
CA VAL C 474 -11.37 0.36 -36.43
C VAL C 474 -12.29 -0.65 -37.09
N LEU C 475 -12.87 -0.23 -38.19
CA LEU C 475 -13.84 -1.05 -38.89
C LEU C 475 -13.13 -1.74 -40.04
N CYS C 476 -13.09 -3.07 -39.98
CA CYS C 476 -12.52 -3.86 -41.05
C CYS C 476 -13.62 -4.12 -42.06
N LYS C 477 -13.34 -3.80 -43.33
CA LYS C 477 -14.31 -4.03 -44.43
C LYS C 477 -13.85 -5.06 -45.46
N ASP C 478 -12.62 -5.57 -45.34
CA ASP C 478 -12.13 -6.63 -46.27
C ASP C 478 -13.05 -7.86 -46.11
N PRO C 479 -13.24 -8.63 -47.20
CA PRO C 479 -14.11 -9.81 -47.07
C PRO C 479 -13.47 -10.87 -46.18
N VAL C 480 -14.31 -11.66 -45.51
CA VAL C 480 -13.87 -12.77 -44.65
C VAL C 480 -13.02 -13.77 -45.46
N GLN C 481 -11.78 -14.02 -45.04
CA GLN C 481 -10.91 -14.97 -45.72
C GLN C 481 -11.29 -16.36 -45.27
N GLU C 482 -11.30 -17.30 -46.22
CA GLU C 482 -11.73 -18.66 -45.97
C GLU C 482 -10.91 -19.31 -44.86
N ALA C 483 -9.60 -19.12 -44.91
CA ALA C 483 -8.71 -19.66 -43.90
C ALA C 483 -8.75 -18.75 -42.68
N TRP C 484 -9.22 -19.29 -41.56
CA TRP C 484 -9.48 -18.46 -40.40
C TRP C 484 -8.21 -17.83 -39.84
N ALA C 485 -7.13 -18.60 -39.76
CA ALA C 485 -5.86 -18.03 -39.25
C ALA C 485 -5.44 -16.85 -40.11
N GLU C 486 -5.65 -16.93 -41.42
CA GLU C 486 -5.30 -15.83 -42.29
C GLU C 486 -6.28 -14.66 -42.15
N ASP C 487 -7.52 -14.93 -41.78
CA ASP C 487 -8.50 -13.86 -41.55
C ASP C 487 -8.17 -13.09 -40.29
N VAL C 488 -7.70 -13.81 -39.28
CA VAL C 488 -7.28 -13.18 -38.05
C VAL C 488 -6.02 -12.34 -38.29
N ASP C 489 -5.06 -12.92 -39.01
CA ASP C 489 -3.84 -12.23 -39.40
C ASP C 489 -4.13 -10.96 -40.22
N LEU C 490 -5.07 -11.05 -41.16
CA LEU C 490 -5.50 -9.89 -41.95
C LEU C 490 -5.89 -8.73 -41.08
N ARG C 491 -6.71 -8.98 -40.06
CA ARG C 491 -7.20 -7.92 -39.20
C ARG C 491 -6.13 -7.41 -38.26
N VAL C 492 -5.27 -8.30 -37.80
CA VAL C 492 -4.18 -7.91 -36.95
C VAL C 492 -3.20 -7.03 -37.73
N ASN C 493 -2.87 -7.41 -38.96
CA ASN C 493 -2.06 -6.54 -39.83
C ASN C 493 -2.74 -5.22 -40.13
N PHE C 494 -4.06 -5.21 -40.19
CA PHE C 494 -4.79 -3.99 -40.40
C PHE C 494 -4.61 -3.04 -39.22
N ALA C 495 -4.80 -3.58 -38.02
CA ALA C 495 -4.56 -2.81 -36.80
C ALA C 495 -3.11 -2.30 -36.70
N MET C 496 -2.16 -3.10 -37.13
CA MET C 496 -0.76 -2.68 -37.17
C MET C 496 -0.54 -1.51 -38.13
N ASN C 497 -1.17 -1.59 -39.30
CA ASN C 497 -1.08 -0.52 -40.30
C ASN C 497 -1.75 0.78 -39.83
N VAL C 498 -2.93 0.70 -39.23
CA VAL C 498 -3.54 1.89 -38.61
C VAL C 498 -2.64 2.55 -37.57
N GLY C 499 -2.19 1.76 -36.59
CA GLY C 499 -1.33 2.27 -35.54
C GLY C 499 -0.05 2.93 -36.03
N LYS C 500 0.60 2.30 -37.02
CA LYS C 500 1.76 2.89 -37.69
C LYS C 500 1.47 4.25 -38.33
N ALA C 501 0.40 4.29 -39.11
CA ALA C 501 0.03 5.50 -39.84
C ALA C 501 -0.32 6.65 -38.88
N ARG C 502 -0.90 6.34 -37.72
CA ARG C 502 -1.29 7.33 -36.73
C ARG C 502 -0.18 7.68 -35.75
N GLY C 503 0.97 7.03 -35.87
CA GLY C 503 2.07 7.23 -34.95
C GLY C 503 1.87 6.64 -33.56
N PHE C 504 0.97 5.66 -33.37
CA PHE C 504 0.87 5.01 -32.05
C PHE C 504 2.11 4.14 -31.76
N PHE C 505 2.76 3.61 -32.78
CA PHE C 505 3.97 2.79 -32.62
C PHE C 505 4.66 2.62 -33.95
N LYS C 506 5.85 2.02 -33.93
CA LYS C 506 6.63 1.80 -35.16
C LYS C 506 7.16 0.38 -35.20
N LYS C 507 7.75 -0.01 -36.33
CA LYS C 507 8.38 -1.32 -36.50
C LYS C 507 9.34 -1.63 -35.37
N GLY C 508 9.30 -2.86 -34.85
CA GLY C 508 10.17 -3.24 -33.73
C GLY C 508 9.57 -3.04 -32.35
N ASP C 509 8.56 -2.20 -32.22
CA ASP C 509 7.80 -2.09 -30.96
C ASP C 509 7.00 -3.39 -30.68
N VAL C 510 6.64 -3.60 -29.43
CA VAL C 510 5.88 -4.79 -29.01
C VAL C 510 4.41 -4.44 -28.78
N VAL C 511 3.50 -5.25 -29.33
CA VAL C 511 2.08 -5.08 -29.08
C VAL C 511 1.46 -6.37 -28.55
N ILE C 512 0.33 -6.23 -27.86
CA ILE C 512 -0.42 -7.36 -27.33
C ILE C 512 -1.62 -7.62 -28.25
N VAL C 513 -1.84 -8.87 -28.62
CA VAL C 513 -2.96 -9.24 -29.46
C VAL C 513 -3.91 -10.23 -28.77
N LEU C 514 -5.19 -9.88 -28.73
CA LEU C 514 -6.20 -10.73 -28.11
C LEU C 514 -7.19 -11.23 -29.15
N THR C 515 -7.36 -12.53 -29.21
CA THR C 515 -8.28 -13.17 -30.12
C THR C 515 -8.88 -14.35 -29.38
N GLY C 516 -9.82 -15.03 -30.05
CA GLY C 516 -10.36 -16.30 -29.58
C GLY C 516 -9.71 -17.47 -30.28
N TRP C 517 -10.20 -18.66 -29.93
CA TRP C 517 -9.65 -19.90 -30.45
C TRP C 517 -10.44 -20.38 -31.68
N ARG C 518 -11.52 -19.68 -32.01
CA ARG C 518 -12.32 -19.93 -33.21
C ARG C 518 -13.12 -18.67 -33.59
N PRO C 519 -13.73 -18.65 -34.79
CA PRO C 519 -14.57 -17.51 -35.17
C PRO C 519 -15.91 -17.48 -34.42
N GLY C 520 -16.51 -16.29 -34.35
CA GLY C 520 -17.77 -16.09 -33.63
C GLY C 520 -17.53 -15.37 -32.31
N SER C 521 -18.60 -14.83 -31.75
CA SER C 521 -18.56 -14.05 -30.51
C SER C 521 -18.34 -14.94 -29.28
N GLY C 522 -17.66 -14.41 -28.26
CA GLY C 522 -17.60 -15.04 -26.94
C GLY C 522 -16.47 -16.06 -26.71
N PHE C 523 -15.48 -16.09 -27.61
CA PHE C 523 -14.45 -17.14 -27.56
C PHE C 523 -13.07 -16.55 -27.24
N THR C 524 -13.03 -15.27 -26.88
CA THR C 524 -11.74 -14.60 -26.58
C THR C 524 -11.01 -15.27 -25.40
N ASN C 525 -9.90 -15.92 -25.71
CA ASN C 525 -9.14 -16.64 -24.70
C ASN C 525 -7.63 -16.64 -24.96
N THR C 526 -7.16 -15.90 -25.95
CA THR C 526 -5.79 -16.04 -26.43
C THR C 526 -5.09 -14.71 -26.39
N MET C 527 -3.95 -14.65 -25.72
CA MET C 527 -3.14 -13.44 -25.73
C MET C 527 -1.77 -13.74 -26.34
N ARG C 528 -1.34 -12.89 -27.25
CA ARG C 528 -0.04 -13.04 -27.88
C ARG C 528 0.72 -11.75 -27.84
N VAL C 529 2.02 -11.86 -27.57
CA VAL C 529 2.90 -10.72 -27.51
C VAL C 529 3.72 -10.75 -28.78
N VAL C 530 3.52 -9.74 -29.63
CA VAL C 530 4.10 -9.76 -30.96
C VAL C 530 4.79 -8.42 -31.31
N PRO C 531 5.90 -8.49 -32.06
CA PRO C 531 6.55 -7.29 -32.59
C PRO C 531 5.76 -6.72 -33.74
N VAL C 532 5.84 -5.40 -33.86
CA VAL C 532 5.24 -4.71 -34.99
C VAL C 532 6.17 -4.95 -36.19
N PRO C 533 5.63 -5.48 -37.30
CA PRO C 533 6.39 -5.75 -38.50
C PRO C 533 6.50 -4.53 -39.44
N ILE D 15 -19.76 9.74 11.39
CA ILE D 15 -19.83 8.70 10.30
C ILE D 15 -20.55 9.28 9.08
N GLN D 16 -21.67 9.95 9.32
CA GLN D 16 -22.37 10.71 8.31
C GLN D 16 -21.62 12.03 7.96
N THR D 17 -21.11 12.79 8.94
CA THR D 17 -20.57 14.13 8.65
C THR D 17 -19.16 14.12 8.03
N GLN D 18 -18.72 15.29 7.58
CA GLN D 18 -17.38 15.53 6.99
C GLN D 18 -16.75 14.40 6.16
N GLN D 19 -17.56 13.78 5.31
CA GLN D 19 -17.14 12.65 4.50
C GLN D 19 -16.37 11.61 5.29
N LEU D 20 -16.79 11.31 6.50
CA LEU D 20 -16.05 10.33 7.30
C LEU D 20 -16.23 8.91 6.77
N HIS D 21 -17.35 8.61 6.12
CA HIS D 21 -17.47 7.29 5.49
C HIS D 21 -16.42 7.13 4.38
N ALA D 22 -16.34 8.11 3.49
CA ALA D 22 -15.27 8.13 2.48
C ALA D 22 -13.87 8.13 3.11
N ALA D 23 -13.70 8.79 4.25
CA ALA D 23 -12.42 8.85 4.94
C ALA D 23 -11.86 7.47 5.31
N MET D 24 -12.76 6.52 5.56
CA MET D 24 -12.38 5.20 6.08
CA MET D 24 -12.40 5.20 6.08
C MET D 24 -12.11 4.17 4.98
N ALA D 25 -12.32 4.55 3.72
CA ALA D 25 -12.09 3.63 2.59
C ALA D 25 -10.65 3.13 2.56
N ASP D 26 -10.50 1.85 2.28
CA ASP D 26 -9.18 1.21 2.14
C ASP D 26 -8.50 1.53 0.79
N THR D 27 -9.24 1.93 -0.23
CA THR D 27 -8.63 2.30 -1.53
C THR D 27 -9.07 3.69 -1.93
N PHE D 28 -8.28 4.34 -2.78
CA PHE D 28 -8.66 5.63 -3.30
C PHE D 28 -9.93 5.53 -4.15
N LEU D 29 -10.02 4.50 -4.98
CA LEU D 29 -11.24 4.28 -5.76
C LEU D 29 -12.48 4.14 -4.87
N GLU D 30 -12.42 3.32 -3.81
CA GLU D 30 -13.57 3.24 -2.91
C GLU D 30 -13.80 4.57 -2.18
N HIS D 31 -12.75 5.33 -1.91
CA HIS D 31 -12.93 6.64 -1.33
C HIS D 31 -13.77 7.55 -2.23
N MET D 32 -13.42 7.60 -3.51
CA MET D 32 -14.20 8.34 -4.49
C MET D 32 -15.67 7.90 -4.44
N CYS D 33 -15.89 6.59 -4.44
CA CYS D 33 -17.23 6.01 -4.47
C CYS D 33 -18.12 6.41 -3.29
N ARG D 34 -17.51 6.82 -2.19
CA ARG D 34 -18.28 7.12 -0.99
C ARG D 34 -18.51 8.58 -0.75
N LEU D 35 -17.87 9.45 -1.53
CA LEU D 35 -18.16 10.89 -1.47
C LEU D 35 -19.66 11.15 -1.59
N ASP D 36 -20.16 11.97 -0.69
CA ASP D 36 -21.58 12.06 -0.43
C ASP D 36 -21.98 13.52 -0.33
N ILE D 37 -22.85 13.97 -1.23
CA ILE D 37 -23.30 15.36 -1.22
C ILE D 37 -24.18 15.68 0.02
N ASP D 38 -24.72 14.65 0.65
CA ASP D 38 -25.50 14.82 1.88
C ASP D 38 -24.67 14.67 3.16
N SER D 39 -23.35 14.59 3.05
CA SER D 39 -22.48 14.60 4.25
C SER D 39 -21.96 16.02 4.53
N PRO D 40 -22.44 16.66 5.60
CA PRO D 40 -22.06 18.07 5.73
C PRO D 40 -20.66 18.30 6.24
N PRO D 41 -19.98 19.31 5.70
CA PRO D 41 -18.67 19.65 6.23
C PRO D 41 -18.74 20.34 7.59
N ILE D 42 -17.61 20.38 8.29
CA ILE D 42 -17.50 21.18 9.52
C ILE D 42 -17.54 22.67 9.18
N THR D 43 -17.64 23.49 10.23
CA THR D 43 -17.65 24.93 10.08
C THR D 43 -16.36 25.45 9.48
N ALA D 44 -15.26 24.86 9.90
CA ALA D 44 -13.96 25.50 9.70
C ALA D 44 -13.46 25.31 8.27
N ARG D 45 -13.04 26.37 7.65
CA ARG D 45 -12.51 26.30 6.30
C ARG D 45 -11.03 26.52 6.43
N ASN D 46 -10.23 25.54 6.02
CA ASN D 46 -8.78 25.54 6.18
C ASN D 46 -7.96 26.32 5.12
N THR D 47 -8.52 26.51 3.94
CA THR D 47 -7.76 27.04 2.80
C THR D 47 -7.90 28.55 2.82
N GLY D 48 -6.79 29.27 2.83
CA GLY D 48 -6.83 30.74 2.77
C GLY D 48 -7.36 31.29 1.45
N ILE D 49 -8.04 32.44 1.52
CA ILE D 49 -8.58 33.14 0.39
C ILE D 49 -7.94 34.51 0.29
N ILE D 50 -7.30 34.72 -0.85
CA ILE D 50 -6.58 35.92 -1.17
C ILE D 50 -7.44 36.65 -2.19
N CYS D 51 -7.86 37.87 -1.88
CA CYS D 51 -8.71 38.67 -2.76
C CYS D 51 -7.93 39.87 -3.21
N THR D 52 -7.94 40.13 -4.51
CA THR D 52 -7.34 41.33 -5.08
C THR D 52 -8.33 42.46 -4.89
N ILE D 53 -7.84 43.57 -4.31
CA ILE D 53 -8.65 44.74 -4.08
C ILE D 53 -8.51 45.71 -5.25
N GLY D 54 -9.61 46.36 -5.61
CA GLY D 54 -9.66 47.37 -6.71
C GLY D 54 -10.94 48.18 -6.59
N PRO D 55 -11.34 48.90 -7.67
CA PRO D 55 -12.50 49.78 -7.56
C PRO D 55 -13.77 49.11 -7.03
N ALA D 56 -13.98 47.81 -7.30
CA ALA D 56 -15.16 47.12 -6.79
C ALA D 56 -15.15 46.77 -5.26
N SER D 57 -13.96 46.77 -4.62
CA SER D 57 -13.81 46.14 -3.28
C SER D 57 -13.07 47.01 -2.29
N ARG D 58 -12.90 48.26 -2.65
CA ARG D 58 -11.93 49.12 -2.03
C ARG D 58 -12.51 50.01 -0.93
N SER D 59 -13.83 50.19 -0.93
CA SER D 59 -14.49 50.98 0.12
C SER D 59 -14.43 50.26 1.47
N VAL D 60 -14.40 51.01 2.58
CA VAL D 60 -14.39 50.40 3.92
C VAL D 60 -15.61 49.50 4.14
N GLU D 61 -16.75 49.93 3.62
CA GLU D 61 -18.00 49.16 3.80
C GLU D 61 -17.99 47.84 3.00
N THR D 62 -17.41 47.83 1.82
CA THR D 62 -17.31 46.58 1.07
C THR D 62 -16.25 45.67 1.72
N LEU D 63 -15.16 46.26 2.19
CA LEU D 63 -14.09 45.47 2.84
C LEU D 63 -14.57 44.77 4.09
N LYS D 64 -15.46 45.44 4.84
CA LYS D 64 -16.09 44.81 6.01
C LYS D 64 -16.80 43.55 5.61
N GLU D 65 -17.56 43.64 4.52
CA GLU D 65 -18.31 42.49 4.03
C GLU D 65 -17.43 41.39 3.44
N MET D 66 -16.33 41.80 2.78
CA MET D 66 -15.34 40.85 2.26
C MET D 66 -14.75 40.00 3.39
N ILE D 67 -14.48 40.64 4.52
CA ILE D 67 -13.94 39.97 5.67
C ILE D 67 -14.95 38.96 6.25
N LYS D 68 -16.18 39.41 6.45
CA LYS D 68 -17.24 38.51 6.95
C LYS D 68 -17.53 37.36 5.96
N SER D 69 -17.31 37.61 4.66
CA SER D 69 -17.45 36.57 3.63
C SER D 69 -16.30 35.57 3.59
N GLY D 70 -15.16 35.93 4.17
CA GLY D 70 -14.07 35.00 4.30
C GLY D 70 -12.71 35.40 3.79
N MET D 71 -12.55 36.64 3.34
CA MET D 71 -11.23 37.11 2.88
C MET D 71 -10.23 37.03 4.01
N ASN D 72 -9.06 36.45 3.75
CA ASN D 72 -7.96 36.36 4.74
C ASN D 72 -6.76 37.25 4.37
N VAL D 73 -6.58 37.50 3.07
CA VAL D 73 -5.49 38.35 2.55
C VAL D 73 -6.02 39.27 1.50
N ALA D 74 -5.63 40.55 1.59
CA ALA D 74 -5.90 41.56 0.62
C ALA D 74 -4.64 41.77 -0.24
N ARG D 75 -4.77 41.45 -1.51
CA ARG D 75 -3.69 41.63 -2.46
C ARG D 75 -3.82 42.94 -3.21
N LEU D 76 -2.73 43.70 -3.29
CA LEU D 76 -2.67 44.90 -4.14
C LEU D 76 -1.74 44.62 -5.31
N ASN D 77 -2.29 44.76 -6.51
CA ASN D 77 -1.56 44.53 -7.71
C ASN D 77 -0.97 45.88 -8.11
N PHE D 78 0.35 45.97 -8.07
CA PHE D 78 1.04 47.20 -8.42
C PHE D 78 1.33 47.37 -9.91
N SER D 79 0.75 46.54 -10.76
CA SER D 79 0.82 46.80 -12.21
C SER D 79 0.25 48.16 -12.62
N HIS D 80 -0.77 48.63 -11.90
CA HIS D 80 -1.28 49.99 -12.10
C HIS D 80 -1.45 50.64 -10.73
N GLY D 81 -1.66 51.95 -10.73
CA GLY D 81 -1.92 52.69 -9.50
C GLY D 81 -0.73 53.42 -8.87
N THR D 82 -0.99 54.63 -8.40
CA THR D 82 0.01 55.38 -7.65
C THR D 82 0.16 54.87 -6.22
N HIS D 83 1.24 55.31 -5.57
CA HIS D 83 1.48 54.99 -4.16
C HIS D 83 0.47 55.59 -3.20
N GLU D 84 0.06 56.82 -3.49
CA GLU D 84 -1.03 57.46 -2.75
C GLU D 84 -2.32 56.61 -2.75
N TYR D 85 -2.70 56.15 -3.95
CA TYR D 85 -3.90 55.31 -4.17
C TYR D 85 -3.83 54.02 -3.39
N HIS D 86 -2.70 53.33 -3.52
CA HIS D 86 -2.46 52.09 -2.80
C HIS D 86 -2.45 52.29 -1.26
N ALA D 87 -1.92 53.42 -0.81
CA ALA D 87 -1.87 53.72 0.62
C ALA D 87 -3.27 53.90 1.19
N GLU D 88 -4.13 54.57 0.43
CA GLU D 88 -5.53 54.72 0.81
C GLU D 88 -6.27 53.38 0.83
N THR D 89 -5.99 52.47 -0.12
CA THR D 89 -6.53 51.08 -0.07
C THR D 89 -6.13 50.31 1.22
N ILE D 90 -4.83 50.34 1.54
CA ILE D 90 -4.29 49.67 2.73
C ILE D 90 -4.91 50.26 4.00
N LYS D 91 -5.05 51.58 4.01
CA LYS D 91 -5.70 52.28 5.09
C LYS D 91 -7.12 51.78 5.28
N ASN D 92 -7.85 51.68 4.16
CA ASN D 92 -9.24 51.21 4.19
C ASN D 92 -9.33 49.76 4.64
N VAL D 93 -8.34 48.95 4.24
CA VAL D 93 -8.30 47.54 4.62
C VAL D 93 -8.13 47.43 6.13
N ARG D 94 -7.22 48.23 6.68
CA ARG D 94 -7.00 48.24 8.12
C ARG D 94 -8.16 48.87 8.89
N THR D 95 -8.77 49.92 8.35
CA THR D 95 -9.98 50.45 8.99
C THR D 95 -11.02 49.33 9.14
N ALA D 96 -11.26 48.60 8.05
CA ALA D 96 -12.24 47.52 8.05
C ALA D 96 -11.88 46.38 9.02
N THR D 97 -10.62 45.98 8.99
CA THR D 97 -10.14 44.89 9.84
C THR D 97 -10.30 45.22 11.29
N GLU D 98 -9.97 46.45 11.64
CA GLU D 98 -9.93 46.81 13.04
C GLU D 98 -11.30 47.14 13.59
N SER D 99 -12.30 47.30 12.74
CA SER D 99 -13.68 47.51 13.19
C SER D 99 -14.23 46.29 14.00
N PHE D 100 -13.54 45.16 13.88
CA PHE D 100 -13.86 43.90 14.56
C PHE D 100 -12.94 43.62 15.77
N ALA D 101 -11.98 44.51 16.05
CA ALA D 101 -11.00 44.28 17.14
C ALA D 101 -11.61 44.35 18.55
N SER D 102 -12.75 45.00 18.67
CA SER D 102 -13.48 45.10 19.95
C SER D 102 -13.60 43.76 20.69
N ASP D 103 -13.86 42.67 19.94
CA ASP D 103 -13.95 41.31 20.52
C ASP D 103 -12.88 40.44 19.92
N PRO D 104 -11.78 40.22 20.67
CA PRO D 104 -10.67 39.46 20.10
C PRO D 104 -10.98 37.99 19.94
N ILE D 105 -12.05 37.53 20.60
CA ILE D 105 -12.53 36.18 20.44
C ILE D 105 -12.98 35.97 18.98
N LEU D 106 -13.63 36.97 18.40
CA LEU D 106 -14.20 36.90 17.07
C LEU D 106 -13.34 37.61 16.02
N TYR D 107 -12.26 38.27 16.45
CA TYR D 107 -11.42 39.06 15.56
C TYR D 107 -10.70 38.18 14.56
N ARG D 108 -10.85 38.51 13.28
CA ARG D 108 -10.14 37.77 12.25
C ARG D 108 -9.02 38.67 11.71
N PRO D 109 -7.76 38.26 11.86
CA PRO D 109 -6.65 39.04 11.25
C PRO D 109 -6.69 39.02 9.74
N VAL D 110 -6.30 40.11 9.08
CA VAL D 110 -6.30 40.13 7.66
C VAL D 110 -4.92 40.58 7.17
N ALA D 111 -4.31 39.79 6.29
CA ALA D 111 -2.99 40.13 5.80
C ALA D 111 -3.07 41.10 4.64
N VAL D 112 -1.98 41.83 4.42
CA VAL D 112 -1.82 42.70 3.26
C VAL D 112 -0.66 42.16 2.41
N ALA D 113 -0.92 41.93 1.13
CA ALA D 113 0.05 41.38 0.17
C ALA D 113 0.33 42.40 -0.94
N LEU D 114 1.59 42.60 -1.27
CA LEU D 114 2.00 43.48 -2.34
C LEU D 114 2.48 42.62 -3.51
N ASP D 115 1.83 42.76 -4.66
CA ASP D 115 2.12 41.95 -5.84
C ASP D 115 2.76 42.90 -6.84
N THR D 116 4.02 42.64 -7.17
CA THR D 116 4.81 43.56 -7.99
C THR D 116 4.42 43.48 -9.48
N LYS D 117 4.55 44.61 -10.17
CA LYS D 117 4.36 44.66 -11.62
C LYS D 117 5.38 43.72 -12.26
N GLY D 118 6.65 43.84 -11.86
CA GLY D 118 7.67 42.91 -12.34
C GLY D 118 8.31 43.40 -13.63
N PRO D 119 9.36 42.71 -14.08
CA PRO D 119 9.97 43.03 -15.38
C PRO D 119 9.00 42.74 -16.54
N GLU D 120 9.03 43.60 -17.55
CA GLU D 120 8.13 43.50 -18.69
C GLU D 120 8.88 43.74 -19.98
N ILE D 121 8.32 43.17 -21.05
CA ILE D 121 8.72 43.50 -22.39
C ILE D 121 7.50 44.09 -23.09
N ARG D 122 7.67 45.28 -23.66
CA ARG D 122 6.58 46.02 -24.30
C ARG D 122 6.99 46.44 -25.72
N THR D 123 6.00 46.54 -26.59
CA THR D 123 6.19 47.09 -27.92
C THR D 123 5.95 48.59 -27.88
N GLY D 124 6.30 49.29 -28.96
CA GLY D 124 6.09 50.74 -29.07
C GLY D 124 4.71 51.12 -29.62
N LEU D 125 4.62 52.30 -30.24
CA LEU D 125 3.36 52.85 -30.74
C LEU D 125 3.11 52.60 -32.24
N ILE D 126 1.89 52.17 -32.55
CA ILE D 126 1.43 51.93 -33.91
C ILE D 126 1.21 53.27 -34.62
N LYS D 127 1.84 53.42 -35.80
CA LYS D 127 1.70 54.57 -36.72
C LYS D 127 0.96 55.79 -36.15
N GLU D 133 -4.58 50.26 -34.52
CA GLU D 133 -4.35 48.84 -34.75
C GLU D 133 -3.95 48.52 -36.22
N VAL D 134 -3.12 47.49 -36.38
CA VAL D 134 -2.73 46.95 -37.68
C VAL D 134 -3.00 45.46 -37.70
N GLU D 135 -3.31 44.92 -38.88
CA GLU D 135 -3.71 43.51 -39.00
C GLU D 135 -2.51 42.67 -39.43
N LEU D 136 -2.04 41.80 -38.54
CA LEU D 136 -0.94 40.91 -38.89
C LEU D 136 -1.49 39.67 -39.57
N LYS D 137 -1.05 39.43 -40.81
CA LYS D 137 -1.51 38.31 -41.62
C LYS D 137 -0.60 37.08 -41.42
N LYS D 138 -1.21 35.90 -41.22
CA LYS D 138 -0.45 34.64 -41.11
C LYS D 138 0.38 34.40 -42.37
N GLY D 139 1.59 33.87 -42.16
CA GLY D 139 2.56 33.69 -43.25
C GLY D 139 3.37 34.92 -43.62
N ALA D 140 2.98 36.11 -43.14
CA ALA D 140 3.69 37.35 -43.50
C ALA D 140 4.91 37.60 -42.62
N THR D 141 5.78 38.48 -43.12
CA THR D 141 7.10 38.72 -42.55
C THR D 141 7.06 39.99 -41.71
N LEU D 142 7.62 39.92 -40.52
CA LEU D 142 7.59 41.03 -39.58
C LEU D 142 8.96 41.16 -38.91
N LYS D 143 9.64 42.26 -39.22
CA LYS D 143 10.90 42.59 -38.59
C LYS D 143 10.61 43.14 -37.20
N ILE D 144 11.20 42.51 -36.18
CA ILE D 144 11.27 43.12 -34.85
C ILE D 144 12.53 43.99 -34.85
N THR D 145 12.40 45.23 -34.39
CA THR D 145 13.53 46.15 -34.32
C THR D 145 13.78 46.59 -32.89
N LEU D 146 15.00 47.01 -32.63
CA LEU D 146 15.36 47.67 -31.38
C LEU D 146 15.88 49.08 -31.64
N ASP D 147 15.98 49.46 -32.90
CA ASP D 147 16.41 50.81 -33.27
C ASP D 147 15.41 51.83 -32.70
N ASN D 148 15.76 52.40 -31.53
CA ASN D 148 15.00 53.46 -30.86
C ASN D 148 14.50 54.61 -31.75
N ALA D 149 15.02 54.73 -32.96
CA ALA D 149 14.48 55.71 -33.92
C ALA D 149 13.06 55.34 -34.38
N TYR D 150 12.66 54.08 -34.16
CA TYR D 150 11.33 53.59 -34.58
C TYR D 150 10.32 53.39 -33.43
N MET D 151 10.61 53.88 -32.22
CA MET D 151 9.75 53.54 -31.07
C MET D 151 8.28 54.01 -31.17
N GLU D 152 8.02 55.08 -31.92
CA GLU D 152 6.66 55.60 -32.06
C GLU D 152 6.07 55.39 -33.46
N LYS D 153 6.68 54.49 -34.25
CA LYS D 153 6.24 54.17 -35.62
C LYS D 153 6.19 52.66 -35.93
N CYS D 154 5.69 51.84 -35.00
CA CYS D 154 5.46 50.42 -35.30
C CYS D 154 4.35 50.30 -36.34
N ASP D 155 4.39 49.23 -37.15
CA ASP D 155 3.38 49.00 -38.18
C ASP D 155 3.33 47.54 -38.60
N GLU D 156 2.52 47.25 -39.61
CA GLU D 156 2.46 45.94 -40.26
C GLU D 156 3.85 45.32 -40.56
N ASN D 157 4.86 46.15 -40.84
CA ASN D 157 6.20 45.68 -41.29
C ASN D 157 7.38 45.79 -40.33
N ILE D 158 7.37 46.81 -39.47
CA ILE D 158 8.45 47.04 -38.51
C ILE D 158 7.79 47.15 -37.14
N LEU D 159 8.37 46.50 -36.13
CA LEU D 159 7.83 46.49 -34.78
C LEU D 159 8.95 46.68 -33.76
N TRP D 160 8.98 47.83 -33.11
CA TRP D 160 9.93 48.10 -32.03
C TRP D 160 9.53 47.40 -30.72
N LEU D 161 10.51 47.04 -29.91
CA LEU D 161 10.25 46.64 -28.51
C LEU D 161 11.46 46.95 -27.65
N ASP D 162 11.25 47.01 -26.34
CA ASP D 162 12.15 47.70 -25.39
C ASP D 162 13.15 46.84 -24.61
N TYR D 163 13.10 45.52 -24.79
CA TYR D 163 14.10 44.62 -24.22
C TYR D 163 15.33 44.65 -25.14
N LYS D 164 16.40 45.34 -24.70
CA LYS D 164 17.56 45.58 -25.58
C LYS D 164 18.36 44.29 -25.90
N ASN D 165 18.27 43.28 -25.02
CA ASN D 165 19.05 42.03 -25.15
C ASN D 165 18.30 40.86 -25.79
N ILE D 166 17.21 41.13 -26.50
CA ILE D 166 16.31 40.09 -26.99
C ILE D 166 16.99 39.15 -28.00
N CYS D 167 17.87 39.69 -28.85
CA CYS D 167 18.63 38.87 -29.80
C CYS D 167 19.51 37.82 -29.12
N LYS D 168 20.19 38.24 -28.06
CA LYS D 168 21.04 37.32 -27.31
C LYS D 168 20.26 36.12 -26.72
N VAL D 169 18.95 36.26 -26.46
CA VAL D 169 18.21 35.18 -25.74
C VAL D 169 17.26 34.34 -26.61
N VAL D 170 17.22 34.59 -27.90
CA VAL D 170 16.44 33.74 -28.80
C VAL D 170 17.28 33.30 -30.01
N GLU D 171 16.83 32.20 -30.63
CA GLU D 171 17.53 31.57 -31.77
C GLU D 171 16.53 31.47 -32.94
N VAL D 172 17.03 31.31 -34.17
CA VAL D 172 16.17 30.95 -35.32
C VAL D 172 15.28 29.77 -34.92
N GLY D 173 13.98 29.85 -35.20
CA GLY D 173 13.02 28.84 -34.71
C GLY D 173 12.35 29.19 -33.37
N SER D 174 12.87 30.20 -32.67
CA SER D 174 12.25 30.70 -31.42
C SER D 174 10.89 31.33 -31.68
N LYS D 175 9.95 31.09 -30.76
CA LYS D 175 8.62 31.70 -30.80
C LYS D 175 8.58 33.02 -29.99
N ILE D 176 7.80 33.98 -30.48
CA ILE D 176 7.59 35.27 -29.80
C ILE D 176 6.08 35.56 -29.81
N TYR D 177 5.51 35.66 -28.63
CA TYR D 177 4.09 35.96 -28.49
C TYR D 177 3.91 37.46 -28.18
N VAL D 178 2.87 38.05 -28.77
CA VAL D 178 2.60 39.48 -28.63
C VAL D 178 1.14 39.68 -28.18
N ASP D 179 0.94 40.63 -27.25
CA ASP D 179 -0.36 40.94 -26.61
C ASP D 179 -1.06 39.76 -25.93
N ASP D 180 -0.55 39.38 -24.76
CA ASP D 180 -1.08 38.24 -24.01
C ASP D 180 -1.28 37.01 -24.88
N GLY D 181 -0.33 36.75 -25.75
CA GLY D 181 -0.34 35.57 -26.58
C GLY D 181 -1.33 35.54 -27.74
N LEU D 182 -1.94 36.67 -28.06
CA LEU D 182 -2.89 36.77 -29.20
C LEU D 182 -2.20 36.44 -30.52
N ILE D 183 -1.06 37.07 -30.72
CA ILE D 183 -0.29 36.97 -31.95
C ILE D 183 0.97 36.16 -31.66
N SER D 184 1.30 35.24 -32.58
CA SER D 184 2.46 34.39 -32.48
C SER D 184 3.39 34.65 -33.66
N LEU D 185 4.67 34.88 -33.37
CA LEU D 185 5.70 35.07 -34.38
C LEU D 185 6.79 34.02 -34.23
N GLN D 186 7.40 33.59 -35.34
CA GLN D 186 8.54 32.66 -35.28
C GLN D 186 9.80 33.32 -35.82
N VAL D 187 10.94 33.13 -35.15
CA VAL D 187 12.19 33.79 -35.56
C VAL D 187 12.87 33.10 -36.75
N LYS D 188 13.26 33.89 -37.75
CA LYS D 188 13.90 33.40 -38.99
C LYS D 188 15.31 33.97 -39.26
N GLN D 189 15.61 35.15 -38.74
CA GLN D 189 16.98 35.70 -38.79
C GLN D 189 17.26 36.51 -37.54
N LYS D 190 18.47 36.40 -37.02
CA LYS D 190 18.89 37.14 -35.81
C LYS D 190 20.06 38.09 -36.10
N GLY D 191 19.78 39.20 -36.77
CA GLY D 191 20.73 40.30 -36.87
C GLY D 191 20.99 40.94 -35.53
N ASP D 193 20.88 43.54 -32.95
CA ASP D 193 20.24 44.72 -33.52
C ASP D 193 18.76 44.47 -33.87
N PHE D 194 18.50 43.44 -34.68
CA PHE D 194 17.14 43.13 -35.16
C PHE D 194 16.85 41.63 -35.22
N LEU D 195 15.59 41.32 -35.54
CA LEU D 195 15.17 39.96 -35.85
C LEU D 195 14.22 40.01 -37.05
N VAL D 196 14.30 39.01 -37.92
CA VAL D 196 13.30 38.85 -38.98
C VAL D 196 12.46 37.66 -38.58
N THR D 197 11.16 37.86 -38.52
CA THR D 197 10.25 36.82 -38.05
C THR D 197 9.10 36.61 -39.04
N GLU D 198 8.40 35.48 -38.89
CA GLU D 198 7.21 35.20 -39.66
C GLU D 198 6.03 35.05 -38.71
N VAL D 199 4.88 35.64 -39.06
CA VAL D 199 3.63 35.49 -38.30
C VAL D 199 3.06 34.09 -38.46
N GLU D 200 2.70 33.46 -37.33
CA GLU D 200 2.14 32.10 -37.33
C GLU D 200 0.66 32.11 -36.90
N ASN D 201 0.36 32.89 -35.87
CA ASN D 201 -1.02 33.19 -35.47
C ASN D 201 -1.18 34.70 -35.57
N GLY D 202 -2.08 35.14 -36.45
CA GLY D 202 -2.24 36.55 -36.78
C GLY D 202 -3.34 37.19 -35.96
N GLY D 203 -3.61 38.46 -36.25
CA GLY D 203 -4.55 39.24 -35.45
C GLY D 203 -4.23 40.71 -35.47
N SER D 204 -5.06 41.48 -34.76
CA SER D 204 -4.90 42.92 -34.60
C SER D 204 -3.79 43.29 -33.64
N LEU D 205 -2.72 43.88 -34.16
CA LEU D 205 -1.64 44.40 -33.31
C LEU D 205 -1.94 45.82 -32.86
N GLY D 206 -1.91 46.03 -31.55
CA GLY D 206 -2.10 47.35 -30.95
C GLY D 206 -0.79 47.99 -30.54
N SER D 207 -0.90 49.08 -29.78
CA SER D 207 0.24 49.84 -29.24
C SER D 207 0.59 49.36 -27.81
N LYS D 208 1.88 49.44 -27.46
CA LYS D 208 2.34 49.18 -26.08
C LYS D 208 1.90 47.83 -25.52
N LYS D 209 2.05 46.78 -26.33
CA LYS D 209 1.53 45.49 -25.97
C LYS D 209 2.59 44.57 -25.37
N GLY D 210 2.15 43.62 -24.52
CA GLY D 210 3.05 42.74 -23.76
C GLY D 210 3.65 41.61 -24.59
N VAL D 211 4.94 41.37 -24.40
CA VAL D 211 5.66 40.40 -25.22
C VAL D 211 6.13 39.26 -24.31
N ASN D 212 5.84 38.04 -24.69
CA ASN D 212 6.42 36.86 -24.06
C ASN D 212 7.31 36.06 -24.99
N LEU D 213 8.36 35.47 -24.42
CA LEU D 213 9.31 34.66 -25.17
C LEU D 213 9.34 33.22 -24.60
N PRO D 214 8.45 32.34 -25.10
CA PRO D 214 8.36 30.99 -24.52
C PRO D 214 9.67 30.26 -24.59
N GLY D 215 10.09 29.67 -23.48
CA GLY D 215 11.22 28.76 -23.48
C GLY D 215 12.58 29.43 -23.33
N ALA D 216 12.64 30.75 -23.56
CA ALA D 216 13.89 31.50 -23.50
C ALA D 216 14.36 31.77 -22.05
N ALA D 217 15.66 31.90 -21.86
CA ALA D 217 16.22 32.35 -20.58
C ALA D 217 16.28 33.89 -20.63
N VAL D 218 15.28 34.56 -20.07
CA VAL D 218 15.20 36.03 -20.15
C VAL D 218 16.13 36.70 -19.11
N ASP D 219 17.01 37.59 -19.56
CA ASP D 219 18.02 38.18 -18.68
C ASP D 219 17.61 39.54 -18.10
N LEU D 220 16.31 39.86 -18.12
CA LEU D 220 15.82 41.07 -17.45
C LEU D 220 16.13 40.99 -15.96
N PRO D 221 16.47 42.14 -15.35
CA PRO D 221 16.78 42.23 -13.93
C PRO D 221 15.67 41.64 -13.06
N ALA D 222 16.04 41.04 -11.96
CA ALA D 222 15.07 40.39 -11.06
C ALA D 222 13.96 41.37 -10.66
N VAL D 223 14.35 42.61 -10.39
CA VAL D 223 13.40 43.66 -10.03
C VAL D 223 13.62 44.89 -10.90
N SER D 224 12.55 45.48 -11.43
CA SER D 224 12.65 46.77 -12.19
C SER D 224 12.81 47.94 -11.23
N GLU D 225 13.21 49.09 -11.76
CA GLU D 225 13.39 50.28 -10.95
C GLU D 225 12.08 50.63 -10.25
N LYS D 226 10.94 50.42 -10.92
CA LYS D 226 9.63 50.65 -10.29
C LYS D 226 9.37 49.66 -9.16
N ASP D 227 9.72 48.39 -9.37
CA ASP D 227 9.62 47.35 -8.33
C ASP D 227 10.40 47.72 -7.05
N ILE D 228 11.63 48.18 -7.22
CA ILE D 228 12.46 48.66 -6.10
C ILE D 228 11.69 49.70 -5.28
N GLN D 229 11.16 50.70 -5.97
CA GLN D 229 10.41 51.78 -5.33
CA GLN D 229 10.45 51.77 -5.28
C GLN D 229 9.17 51.22 -4.63
N ASP D 230 8.47 50.34 -5.34
CA ASP D 230 7.28 49.68 -4.81
C ASP D 230 7.57 48.79 -3.60
N LEU D 231 8.62 47.97 -3.66
CA LEU D 231 9.02 47.16 -2.51
C LEU D 231 9.39 47.97 -1.28
N LYS D 232 10.13 49.06 -1.47
CA LYS D 232 10.49 49.94 -0.36
C LYS D 232 9.23 50.56 0.23
N PHE D 233 8.28 50.94 -0.62
CA PHE D 233 6.96 51.41 -0.16
C PHE D 233 6.21 50.35 0.64
N GLY D 234 6.33 49.09 0.21
CA GLY D 234 5.72 47.99 0.93
C GLY D 234 6.25 47.86 2.34
N VAL D 235 7.56 48.09 2.48
CA VAL D 235 8.21 48.12 3.78
C VAL D 235 7.68 49.30 4.63
N GLU D 236 7.59 50.50 4.05
CA GLU D 236 6.99 51.65 4.76
C GLU D 236 5.61 51.31 5.32
N GLN D 237 4.80 50.64 4.51
CA GLN D 237 3.40 50.39 4.82
C GLN D 237 3.17 49.12 5.66
N ASP D 238 4.24 48.42 6.01
CA ASP D 238 4.15 47.28 6.92
C ASP D 238 3.36 46.12 6.34
N VAL D 239 3.56 45.85 5.05
CA VAL D 239 2.88 44.71 4.41
C VAL D 239 3.44 43.40 4.98
N ASP D 240 2.64 42.35 4.89
CA ASP D 240 3.01 41.04 5.43
C ASP D 240 3.73 40.14 4.47
N MET D 241 3.53 40.37 3.18
CA MET D 241 4.12 39.52 2.15
C MET D 241 4.19 40.21 0.82
N VAL D 242 5.15 39.75 0.03
CA VAL D 242 5.36 40.18 -1.33
C VAL D 242 5.20 39.00 -2.28
N PHE D 243 4.42 39.18 -3.33
CA PHE D 243 4.33 38.25 -4.43
C PHE D 243 5.22 38.81 -5.51
N ALA D 244 6.39 38.21 -5.68
CA ALA D 244 7.40 38.71 -6.61
C ALA D 244 7.13 38.13 -8.01
N SER D 245 6.99 39.03 -8.96
CA SER D 245 6.64 38.67 -10.33
C SER D 245 7.83 38.12 -11.11
N PHE D 246 7.53 37.15 -11.96
CA PHE D 246 8.47 36.69 -13.00
C PHE D 246 9.76 36.14 -12.40
N ILE D 247 9.63 35.36 -11.33
CA ILE D 247 10.81 34.74 -10.71
C ILE D 247 11.25 33.56 -11.56
N ARG D 248 12.53 33.60 -11.98
CA ARG D 248 13.13 32.64 -12.91
C ARG D 248 14.20 31.69 -12.30
N LYS D 249 14.78 32.09 -11.17
CA LYS D 249 15.95 31.41 -10.61
C LYS D 249 16.11 31.87 -9.17
N ALA D 250 16.90 31.13 -8.38
CA ALA D 250 17.10 31.50 -6.97
C ALA D 250 17.69 32.91 -6.82
N SER D 251 18.59 33.32 -7.70
CA SER D 251 19.22 34.64 -7.54
C SER D 251 18.18 35.76 -7.66
N ASP D 252 17.09 35.56 -8.40
CA ASP D 252 16.00 36.56 -8.44
C ASP D 252 15.34 36.77 -7.05
N VAL D 253 15.08 35.67 -6.35
CA VAL D 253 14.59 35.71 -4.98
C VAL D 253 15.59 36.42 -4.04
N HIS D 254 16.87 36.12 -4.20
CA HIS D 254 17.89 36.78 -3.37
C HIS D 254 17.90 38.29 -3.61
N GLU D 255 17.75 38.70 -4.85
CA GLU D 255 17.73 40.12 -5.18
C GLU D 255 16.49 40.83 -4.58
N VAL D 256 15.33 40.17 -4.55
CA VAL D 256 14.14 40.78 -3.91
C VAL D 256 14.33 40.90 -2.40
N ARG D 257 14.90 39.86 -1.79
CA ARG D 257 15.20 39.83 -0.37
C ARG D 257 16.19 40.93 0.06
N LYS D 258 17.28 41.09 -0.71
CA LYS D 258 18.22 42.21 -0.56
C LYS D 258 17.46 43.54 -0.50
N VAL D 259 16.63 43.79 -1.51
CA VAL D 259 15.90 45.05 -1.65
C VAL D 259 14.96 45.30 -0.47
N LEU D 260 14.29 44.25 0.02
CA LEU D 260 13.50 44.36 1.27
C LEU D 260 14.41 44.71 2.46
N GLY D 261 15.67 44.29 2.39
CA GLY D 261 16.68 44.66 3.40
C GLY D 261 16.35 44.13 4.79
N GLU D 262 17.07 44.66 5.77
CA GLU D 262 16.93 44.24 7.17
C GLU D 262 15.58 44.63 7.72
N LYS D 263 15.12 45.85 7.41
CA LYS D 263 13.82 46.34 7.90
C LYS D 263 12.65 45.48 7.36
N GLY D 264 12.84 44.88 6.19
CA GLY D 264 11.85 44.05 5.58
C GLY D 264 12.08 42.56 5.74
N LYS D 265 12.99 42.17 6.64
CA LYS D 265 13.44 40.81 6.72
C LYS D 265 12.35 39.84 7.16
N ASN D 266 11.33 40.30 7.88
CA ASN D 266 10.21 39.38 8.28
C ASN D 266 9.07 39.29 7.27
N ILE D 267 9.14 40.08 6.19
CA ILE D 267 8.14 40.02 5.13
C ILE D 267 8.35 38.73 4.29
N LYS D 268 7.32 37.91 4.15
CA LYS D 268 7.39 36.68 3.33
C LYS D 268 7.48 36.96 1.84
N ILE D 269 8.42 36.29 1.19
CA ILE D 269 8.54 36.38 -0.25
C ILE D 269 7.89 35.14 -0.90
N ILE D 270 6.86 35.38 -1.69
CA ILE D 270 6.16 34.35 -2.41
C ILE D 270 6.60 34.53 -3.85
N SER D 271 7.32 33.56 -4.40
CA SER D 271 7.75 33.65 -5.80
C SER D 271 6.64 33.26 -6.78
N LYS D 272 6.36 34.14 -7.73
CA LYS D 272 5.44 33.85 -8.81
C LYS D 272 6.15 33.12 -9.96
N ILE D 273 5.69 31.90 -10.22
CA ILE D 273 6.20 31.07 -11.31
C ILE D 273 5.34 31.31 -12.52
N GLU D 274 5.94 31.92 -13.53
CA GLU D 274 5.23 32.49 -14.67
C GLU D 274 5.74 32.10 -16.04
N ASN D 275 6.83 31.33 -16.12
CA ASN D 275 7.37 30.88 -17.42
C ASN D 275 8.10 29.55 -17.32
N HIS D 276 8.56 29.03 -18.46
CA HIS D 276 9.17 27.71 -18.51
CA HIS D 276 9.21 27.73 -18.56
C HIS D 276 10.42 27.62 -17.61
N GLU D 277 11.29 28.64 -17.65
CA GLU D 277 12.51 28.58 -16.84
C GLU D 277 12.23 28.43 -15.34
N GLY D 278 11.24 29.17 -14.85
CA GLY D 278 10.84 29.10 -13.45
C GLY D 278 10.33 27.73 -13.06
N VAL D 279 9.60 27.07 -13.97
CA VAL D 279 9.19 25.69 -13.74
C VAL D 279 10.42 24.80 -13.69
N ARG D 280 11.36 24.99 -14.61
CA ARG D 280 12.51 24.10 -14.69
C ARG D 280 13.49 24.24 -13.54
N ARG D 281 13.58 25.44 -12.99
CA ARG D 281 14.48 25.70 -11.86
C ARG D 281 13.67 25.77 -10.60
N PHE D 282 12.49 25.12 -10.64
CA PHE D 282 11.58 25.21 -9.52
C PHE D 282 12.20 24.84 -8.16
N ASP D 283 13.03 23.79 -8.11
CA ASP D 283 13.56 23.36 -6.78
C ASP D 283 14.40 24.47 -6.14
N GLU D 284 15.27 25.09 -6.91
CA GLU D 284 16.12 26.14 -6.34
C GLU D 284 15.33 27.40 -5.97
N ILE D 285 14.23 27.66 -6.69
CA ILE D 285 13.39 28.82 -6.41
C ILE D 285 12.65 28.61 -5.08
N LEU D 286 12.03 27.45 -4.96
CA LEU D 286 11.36 27.02 -3.72
C LEU D 286 12.27 27.04 -2.50
N GLU D 287 13.50 26.57 -2.66
CA GLU D 287 14.41 26.51 -1.53
C GLU D 287 14.66 27.94 -1.04
N ALA D 288 14.84 28.87 -1.99
CA ALA D 288 15.15 30.28 -1.68
C ALA D 288 13.96 31.09 -1.13
N SER D 289 12.73 30.62 -1.37
CA SER D 289 11.49 31.41 -1.12
C SER D 289 10.80 31.01 0.16
N ASP D 290 9.84 31.82 0.61
CA ASP D 290 8.98 31.40 1.70
C ASP D 290 7.76 30.62 1.21
N GLY D 291 7.42 30.82 -0.06
CA GLY D 291 6.33 30.06 -0.69
C GLY D 291 6.24 30.43 -2.15
N ILE D 292 5.20 29.89 -2.80
CA ILE D 292 5.06 29.89 -4.24
C ILE D 292 3.66 30.29 -4.64
N MET D 293 3.58 31.08 -5.70
CA MET D 293 2.36 31.26 -6.43
C MET D 293 2.47 30.65 -7.82
N VAL D 294 1.54 29.73 -8.09
CA VAL D 294 1.35 29.19 -9.40
C VAL D 294 0.58 30.25 -10.22
N ALA D 295 1.33 31.03 -11.01
CA ALA D 295 0.72 32.19 -11.70
C ALA D 295 0.13 31.77 -13.05
N ARG D 296 -0.99 31.06 -13.00
CA ARG D 296 -1.51 30.35 -14.17
C ARG D 296 -1.75 31.25 -15.38
N GLY D 297 -2.05 32.52 -15.13
CA GLY D 297 -2.37 33.47 -16.18
C GLY D 297 -1.21 33.60 -17.17
N ASP D 298 -0.10 34.20 -16.71
CA ASP D 298 1.10 34.29 -17.55
C ASP D 298 1.70 32.92 -17.90
N LEU D 299 1.58 31.94 -17.00
CA LEU D 299 2.18 30.63 -17.29
C LEU D 299 1.54 30.02 -18.50
N GLY D 300 0.22 30.19 -18.61
CA GLY D 300 -0.52 29.67 -19.72
C GLY D 300 -0.35 30.47 -21.01
N ILE D 301 0.25 31.65 -20.94
CA ILE D 301 0.69 32.35 -22.16
C ILE D 301 2.05 31.79 -22.60
N GLU D 302 2.91 31.47 -21.63
CA GLU D 302 4.30 31.05 -21.90
C GLU D 302 4.42 29.60 -22.31
N ILE D 303 3.69 28.71 -21.63
CA ILE D 303 3.66 27.28 -21.99
C ILE D 303 2.29 26.89 -22.56
N PRO D 304 2.22 25.78 -23.28
CA PRO D 304 0.92 25.43 -23.86
C PRO D 304 -0.13 25.27 -22.77
N ALA D 305 -1.34 25.74 -23.04
CA ALA D 305 -2.37 25.81 -22.01
C ALA D 305 -2.77 24.42 -21.51
N GLU D 306 -2.68 23.42 -22.39
CA GLU D 306 -2.93 22.05 -22.03
C GLU D 306 -1.94 21.48 -21.02
N LYS D 307 -0.79 22.16 -20.82
CA LYS D 307 0.23 21.70 -19.86
C LYS D 307 0.16 22.34 -18.47
N VAL D 308 -0.66 23.37 -18.31
CA VAL D 308 -0.70 24.14 -17.07
C VAL D 308 -1.08 23.28 -15.87
N PHE D 309 -2.04 22.36 -16.04
CA PHE D 309 -2.44 21.54 -14.91
C PHE D 309 -1.25 20.69 -14.43
N LEU D 310 -0.33 20.33 -15.34
CA LEU D 310 0.81 19.50 -14.94
C LEU D 310 1.78 20.33 -14.13
N ALA D 311 2.06 21.54 -14.60
CA ALA D 311 2.87 22.49 -13.83
C ALA D 311 2.24 22.76 -12.48
N GLN D 312 0.92 22.92 -12.43
CA GLN D 312 0.23 23.18 -11.17
C GLN D 312 0.39 22.02 -10.21
N LYS D 313 0.13 20.82 -10.70
CA LYS D 313 0.16 19.64 -9.78
C LYS D 313 1.58 19.36 -9.29
N MET D 314 2.57 19.53 -10.17
CA MET D 314 3.99 19.43 -9.82
C MET D 314 4.40 20.41 -8.71
N MET D 315 4.05 21.67 -8.85
CA MET D 315 4.49 22.68 -7.90
C MET D 315 3.74 22.57 -6.59
N ILE D 316 2.46 22.25 -6.63
CA ILE D 316 1.74 22.01 -5.39
C ILE D 316 2.31 20.77 -4.70
N GLY D 317 2.56 19.72 -5.47
CA GLY D 317 3.15 18.51 -4.90
C GLY D 317 4.46 18.82 -4.17
N ARG D 318 5.40 19.49 -4.85
CA ARG D 318 6.71 19.76 -4.24
C ARG D 318 6.63 20.72 -3.05
N CYS D 319 5.76 21.73 -3.13
CA CYS D 319 5.54 22.60 -1.98
C CYS D 319 5.01 21.80 -0.78
N ASN D 320 4.10 20.87 -1.04
CA ASN D 320 3.55 20.04 0.03
C ASN D 320 4.67 19.20 0.67
N ARG D 321 5.58 18.70 -0.16
CA ARG D 321 6.69 17.87 0.27
C ARG D 321 7.64 18.74 1.13
N ALA D 322 7.90 19.98 0.68
CA ALA D 322 8.78 20.87 1.42
C ALA D 322 8.16 21.57 2.65
N GLY D 323 6.84 21.53 2.83
CA GLY D 323 6.20 22.27 3.91
C GLY D 323 6.11 23.79 3.69
N LYS D 324 6.13 24.25 2.43
CA LYS D 324 6.01 25.66 2.10
C LYS D 324 4.63 25.97 1.49
N PRO D 325 4.08 27.16 1.78
CA PRO D 325 2.80 27.48 1.21
C PRO D 325 2.84 27.58 -0.30
N VAL D 326 1.76 27.15 -0.93
CA VAL D 326 1.58 27.36 -2.33
C VAL D 326 0.17 27.96 -2.58
N ILE D 327 0.15 28.96 -3.45
CA ILE D 327 -1.06 29.66 -3.88
C ILE D 327 -1.44 29.29 -5.32
N CYS D 328 -2.71 28.97 -5.52
CA CYS D 328 -3.22 28.73 -6.86
C CYS D 328 -3.97 29.99 -7.30
N ALA D 329 -3.60 30.51 -8.45
CA ALA D 329 -4.05 31.83 -8.82
C ALA D 329 -4.56 31.85 -10.26
N THR D 330 -5.57 32.70 -10.49
CA THR D 330 -5.94 33.25 -11.81
C THR D 330 -7.06 32.49 -12.53
N GLN D 331 -8.14 33.21 -12.84
CA GLN D 331 -9.31 32.69 -13.53
C GLN D 331 -10.04 31.54 -12.80
N MET D 332 -9.87 31.45 -11.49
CA MET D 332 -10.54 30.39 -10.76
C MET D 332 -12.08 30.50 -10.85
N LEU D 333 -12.61 31.73 -10.70
CA LEU D 333 -14.05 32.01 -10.86
C LEU D 333 -14.33 33.13 -11.87
N GLU D 334 -13.64 33.08 -13.00
CA GLU D 334 -13.61 34.19 -13.95
C GLU D 334 -15.00 34.70 -14.37
N SER D 335 -15.95 33.80 -14.59
CA SER D 335 -17.27 34.20 -15.12
C SER D 335 -17.99 35.08 -14.10
N MET D 336 -17.59 34.97 -12.83
CA MET D 336 -18.23 35.74 -11.78
C MET D 336 -17.88 37.23 -11.79
N ILE D 337 -16.95 37.64 -12.64
CA ILE D 337 -16.80 39.06 -12.96
C ILE D 337 -18.14 39.66 -13.39
N LYS D 338 -18.88 38.93 -14.23
CA LYS D 338 -20.10 39.44 -14.82
C LYS D 338 -21.37 38.68 -14.36
N LYS D 339 -21.24 37.54 -13.67
CA LYS D 339 -22.41 36.74 -13.22
C LYS D 339 -22.34 36.34 -11.74
N PRO D 340 -23.50 36.17 -11.06
CA PRO D 340 -23.55 35.87 -9.62
C PRO D 340 -23.32 34.40 -9.25
N ARG D 341 -23.22 33.53 -10.25
CA ARG D 341 -22.90 32.11 -10.05
C ARG D 341 -21.77 31.71 -11.00
N PRO D 342 -20.87 30.83 -10.55
CA PRO D 342 -19.81 30.37 -11.47
C PRO D 342 -20.26 29.28 -12.46
N THR D 343 -19.48 29.07 -13.52
CA THR D 343 -19.66 27.91 -14.38
C THR D 343 -19.23 26.62 -13.66
N ARG D 344 -19.60 25.47 -14.20
CA ARG D 344 -19.24 24.21 -13.53
C ARG D 344 -17.72 23.92 -13.56
N ALA D 345 -17.07 24.34 -14.63
CA ALA D 345 -15.60 24.25 -14.73
C ALA D 345 -14.93 24.96 -13.58
N GLU D 346 -15.48 26.12 -13.23
CA GLU D 346 -14.92 26.98 -12.20
C GLU D 346 -15.12 26.37 -10.82
N GLY D 347 -16.30 25.86 -10.53
CA GLY D 347 -16.49 25.14 -9.26
C GLY D 347 -15.44 24.03 -9.14
N SER D 348 -15.32 23.27 -10.21
CA SER D 348 -14.39 22.14 -10.28
C SER D 348 -12.93 22.55 -10.06
N ASP D 349 -12.53 23.70 -10.59
CA ASP D 349 -11.13 24.18 -10.55
C ASP D 349 -10.75 24.54 -9.14
N VAL D 350 -11.63 25.26 -8.47
CA VAL D 350 -11.43 25.56 -7.08
C VAL D 350 -11.37 24.26 -6.26
N ALA D 351 -12.34 23.35 -6.42
CA ALA D 351 -12.33 22.13 -5.58
C ALA D 351 -11.07 21.31 -5.82
N ASN D 352 -10.67 21.22 -7.07
CA ASN D 352 -9.46 20.47 -7.44
C ASN D 352 -8.14 21.09 -7.00
N ALA D 353 -8.04 22.42 -6.91
CA ALA D 353 -6.84 23.04 -6.30
C ALA D 353 -6.72 22.66 -4.81
N VAL D 354 -7.83 22.60 -4.10
CA VAL D 354 -7.81 22.22 -2.69
C VAL D 354 -7.44 20.75 -2.57
N LEU D 355 -8.07 19.88 -3.37
CA LEU D 355 -7.67 18.47 -3.38
C LEU D 355 -6.21 18.19 -3.78
N ASP D 356 -5.68 18.97 -4.76
CA ASP D 356 -4.28 18.87 -5.17
C ASP D 356 -3.39 19.16 -3.96
N GLY D 357 -3.81 20.07 -3.08
CA GLY D 357 -3.07 20.42 -1.87
C GLY D 357 -2.68 21.89 -1.74
N ALA D 358 -3.32 22.80 -2.48
CA ALA D 358 -3.00 24.23 -2.40
C ALA D 358 -3.34 24.78 -1.02
N ASP D 359 -2.44 25.59 -0.49
CA ASP D 359 -2.61 26.24 0.80
C ASP D 359 -3.61 27.36 0.67
N CYS D 360 -3.50 28.13 -0.41
CA CYS D 360 -4.38 29.26 -0.67
C CYS D 360 -4.90 29.24 -2.08
N ILE D 361 -6.04 29.86 -2.22
CA ILE D 361 -6.68 30.12 -3.51
C ILE D 361 -6.90 31.63 -3.61
N MET D 362 -6.94 32.10 -4.84
CA MET D 362 -6.88 33.52 -5.10
C MET D 362 -7.94 33.97 -6.09
N LEU D 363 -8.41 35.20 -5.90
CA LEU D 363 -9.37 35.87 -6.79
C LEU D 363 -8.70 37.15 -7.32
N SER D 364 -8.80 37.41 -8.62
CA SER D 364 -8.23 38.67 -9.18
C SER D 364 -9.35 39.61 -9.62
N GLY D 365 -9.67 39.67 -10.92
CA GLY D 365 -10.73 40.57 -11.39
C GLY D 365 -12.09 40.34 -10.72
N GLU D 366 -12.34 39.10 -10.28
CA GLU D 366 -13.59 38.74 -9.57
C GLU D 366 -13.88 39.65 -8.37
N THR D 367 -12.85 39.97 -7.60
CA THR D 367 -13.00 40.87 -6.46
C THR D 367 -12.49 42.28 -6.76
N ALA D 368 -11.59 42.44 -7.73
CA ALA D 368 -11.03 43.76 -8.01
C ALA D 368 -11.99 44.66 -8.82
N LYS D 369 -12.60 44.11 -9.88
CA LYS D 369 -13.45 44.94 -10.75
C LYS D 369 -14.85 44.37 -11.08
N GLY D 370 -15.15 43.12 -10.72
CA GLY D 370 -16.37 42.50 -11.19
C GLY D 370 -17.60 42.99 -10.45
N ASP D 371 -18.75 42.51 -10.88
CA ASP D 371 -19.99 43.01 -10.32
C ASP D 371 -20.44 42.23 -9.08
N TYR D 372 -19.72 41.17 -8.72
CA TYR D 372 -20.14 40.28 -7.65
C TYR D 372 -18.95 39.82 -6.76
N PRO D 373 -18.18 40.78 -6.21
CA PRO D 373 -17.04 40.43 -5.39
C PRO D 373 -17.42 39.64 -4.15
N LEU D 374 -18.52 40.00 -3.48
CA LEU D 374 -18.89 39.29 -2.26
C LEU D 374 -19.29 37.85 -2.59
N GLU D 375 -20.06 37.66 -3.66
CA GLU D 375 -20.48 36.33 -4.10
C GLU D 375 -19.28 35.47 -4.49
N ALA D 376 -18.27 36.07 -5.13
CA ALA D 376 -17.02 35.34 -5.45
C ALA D 376 -16.33 34.83 -4.20
N VAL D 377 -16.15 35.69 -3.20
CA VAL D 377 -15.51 35.25 -1.95
C VAL D 377 -16.31 34.16 -1.24
N ARG D 378 -17.61 34.36 -1.12
CA ARG D 378 -18.47 33.35 -0.50
C ARG D 378 -18.37 32.02 -1.21
N MET D 379 -18.32 32.02 -2.54
CA MET D 379 -18.28 30.77 -3.26
C MET D 379 -16.96 30.04 -3.04
N GLN D 380 -15.84 30.77 -3.00
CA GLN D 380 -14.59 30.14 -2.71
C GLN D 380 -14.62 29.49 -1.34
N HIS D 381 -15.16 30.20 -0.37
CA HIS D 381 -15.33 29.63 0.98
C HIS D 381 -16.16 28.33 0.98
N LEU D 382 -17.28 28.34 0.29
CA LEU D 382 -18.18 27.20 0.29
C LEU D 382 -17.56 25.96 -0.34
N ILE D 383 -16.87 26.16 -1.46
CA ILE D 383 -16.26 25.07 -2.25
C ILE D 383 -15.07 24.55 -1.48
N ALA D 384 -14.21 25.46 -1.03
CA ALA D 384 -13.03 25.06 -0.23
C ALA D 384 -13.41 24.15 0.91
N ARG D 385 -14.42 24.53 1.66
CA ARG D 385 -14.85 23.77 2.82
C ARG D 385 -15.31 22.36 2.43
N GLU D 386 -16.02 22.24 1.32
CA GLU D 386 -16.49 20.94 0.87
C GLU D 386 -15.35 20.07 0.42
N ALA D 387 -14.42 20.69 -0.30
CA ALA D 387 -13.29 19.98 -0.87
C ALA D 387 -12.34 19.47 0.23
N GLU D 388 -12.15 20.24 1.29
CA GLU D 388 -11.24 19.86 2.35
C GLU D 388 -11.72 18.60 3.07
N ALA D 389 -13.02 18.45 3.20
CA ALA D 389 -13.60 17.26 3.81
C ALA D 389 -13.40 16.01 2.89
N ALA D 390 -13.29 16.21 1.58
CA ALA D 390 -13.15 15.13 0.60
C ALA D 390 -11.73 14.64 0.34
N ILE D 391 -10.79 15.22 1.05
CA ILE D 391 -9.39 14.83 0.94
C ILE D 391 -9.22 13.42 1.52
N TYR D 392 -8.38 12.60 0.88
CA TYR D 392 -8.12 11.22 1.35
C TYR D 392 -6.95 11.23 2.34
N HIS D 393 -7.25 11.70 3.56
CA HIS D 393 -6.21 11.90 4.58
C HIS D 393 -5.41 10.64 4.91
N LEU D 394 -6.08 9.50 4.90
CA LEU D 394 -5.48 8.20 5.20
C LEU D 394 -4.23 7.96 4.37
N GLN D 395 -4.30 8.18 3.06
CA GLN D 395 -3.13 8.06 2.21
C GLN D 395 -2.24 9.27 2.29
N LEU D 396 -2.82 10.46 2.34
CA LEU D 396 -2.03 11.69 2.37
C LEU D 396 -1.12 11.71 3.61
N PHE D 397 -1.68 11.44 4.77
CA PHE D 397 -0.87 11.46 5.99
C PHE D 397 0.21 10.35 5.96
N GLU D 398 -0.15 9.16 5.49
CA GLU D 398 0.83 8.09 5.31
C GLU D 398 2.00 8.49 4.43
N GLU D 399 1.72 9.12 3.30
CA GLU D 399 2.76 9.48 2.37
C GLU D 399 3.64 10.64 2.88
N LEU D 400 3.02 11.62 3.52
CA LEU D 400 3.78 12.73 4.13
C LEU D 400 4.76 12.23 5.22
N ARG D 401 4.32 11.28 6.04
CA ARG D 401 5.22 10.58 6.99
C ARG D 401 6.42 9.90 6.31
N ARG D 402 6.11 9.08 5.30
CA ARG D 402 7.12 8.26 4.63
C ARG D 402 8.11 9.16 3.91
N LEU D 403 7.65 10.28 3.39
CA LEU D 403 8.54 11.15 2.64
C LEU D 403 9.34 12.14 3.50
N ALA D 404 8.95 12.34 4.76
CA ALA D 404 9.62 13.33 5.61
C ALA D 404 10.78 12.67 6.37
N PRO D 405 11.95 13.33 6.33
CA PRO D 405 13.14 12.74 6.89
C PRO D 405 13.01 12.53 8.39
N ILE D 406 13.76 11.54 8.86
CA ILE D 406 13.96 11.33 10.27
C ILE D 406 14.97 12.38 10.76
N THR D 407 14.51 13.32 11.59
CA THR D 407 15.35 14.38 12.21
C THR D 407 15.33 14.35 13.72
N SER D 408 16.11 15.23 14.33
CA SER D 408 16.19 15.31 15.78
C SER D 408 15.58 16.61 16.32
N ASP D 409 14.88 17.35 15.46
CA ASP D 409 14.16 18.54 15.87
C ASP D 409 12.96 18.14 16.74
N PRO D 410 12.97 18.53 18.02
CA PRO D 410 11.84 18.21 18.89
C PRO D 410 10.51 18.72 18.38
N THR D 411 10.50 19.92 17.79
CA THR D 411 9.24 20.48 17.38
C THR D 411 8.64 19.66 16.25
N GLU D 412 9.48 19.15 15.35
CA GLU D 412 8.95 18.39 14.22
CA GLU D 412 8.98 18.37 14.22
C GLU D 412 8.39 17.05 14.71
N ALA D 413 9.08 16.39 15.62
CA ALA D 413 8.57 15.15 16.22
C ALA D 413 7.27 15.41 17.01
N THR D 414 7.19 16.54 17.70
CA THR D 414 6.00 16.88 18.47
C THR D 414 4.84 17.17 17.50
N ALA D 415 5.15 17.84 16.40
CA ALA D 415 4.18 18.15 15.36
C ALA D 415 3.57 16.92 14.71
N VAL D 416 4.38 16.01 14.19
CA VAL D 416 3.82 14.75 13.65
C VAL D 416 3.08 13.94 14.71
N GLY D 417 3.55 13.93 15.96
CA GLY D 417 2.84 13.28 17.09
C GLY D 417 1.47 13.89 17.35
N ALA D 418 1.38 15.21 17.29
CA ALA D 418 0.10 15.93 17.38
C ALA D 418 -0.89 15.60 16.29
N VAL D 419 -0.43 15.50 15.04
CA VAL D 419 -1.32 15.24 13.91
C VAL D 419 -1.85 13.80 13.98
N GLU D 420 -0.95 12.87 14.23
CA GLU D 420 -1.33 11.50 14.48
C GLU D 420 -2.37 11.35 15.59
N ALA D 421 -2.09 11.93 16.77
CA ALA D 421 -3.06 12.03 17.85
C ALA D 421 -4.42 12.63 17.39
N SER D 422 -4.38 13.70 16.58
CA SER D 422 -5.63 14.33 16.13
C SER D 422 -6.46 13.37 15.26
N PHE D 423 -5.81 12.46 14.56
CA PHE D 423 -6.51 11.50 13.72
C PHE D 423 -7.07 10.41 14.57
N LYS D 424 -6.34 9.97 15.58
CA LYS D 424 -6.81 8.87 16.44
C LYS D 424 -8.06 9.23 17.27
N CYS D 425 -8.20 10.47 17.68
CA CYS D 425 -9.39 10.89 18.44
C CYS D 425 -10.32 11.82 17.64
N CYS D 426 -10.07 11.99 16.34
CA CYS D 426 -10.88 12.86 15.52
C CYS D 426 -11.11 14.16 16.32
N SER D 427 -10.03 14.88 16.58
CA SER D 427 -10.11 15.99 17.49
C SER D 427 -10.78 17.19 16.85
N GLY D 428 -11.37 18.04 17.69
CA GLY D 428 -11.96 19.30 17.22
C GLY D 428 -10.95 20.30 16.72
N ALA D 429 -9.71 20.18 17.18
CA ALA D 429 -8.64 21.09 16.74
C ALA D 429 -7.30 20.71 17.34
N ILE D 430 -6.25 21.27 16.75
CA ILE D 430 -4.92 21.32 17.29
C ILE D 430 -4.65 22.77 17.65
N ILE D 431 -4.55 23.04 18.95
CA ILE D 431 -4.20 24.35 19.46
C ILE D 431 -2.68 24.42 19.63
N VAL D 432 -2.07 25.45 19.06
CA VAL D 432 -0.62 25.62 19.08
C VAL D 432 -0.29 27.04 19.53
N LEU D 433 0.51 27.21 20.59
CA LEU D 433 1.12 28.51 20.91
C LEU D 433 2.32 28.75 20.02
N THR D 434 2.45 29.96 19.49
CA THR D 434 3.52 30.24 18.54
C THR D 434 3.82 31.75 18.49
N LYS D 435 5.10 32.09 18.51
CA LYS D 435 5.53 33.48 18.42
C LYS D 435 5.79 33.84 16.98
N SER D 436 6.49 32.97 16.25
CA SER D 436 6.88 33.25 14.85
C SER D 436 5.94 32.59 13.83
N GLY D 437 5.10 31.67 14.28
CA GLY D 437 4.27 30.89 13.37
C GLY D 437 4.85 29.52 13.12
N ARG D 438 6.16 29.34 13.34
CA ARG D 438 6.83 28.14 12.83
CA ARG D 438 6.86 28.13 12.87
C ARG D 438 6.27 26.84 13.41
N SER D 439 5.96 26.81 14.70
CA SER D 439 5.41 25.55 15.26
C SER D 439 4.07 25.20 14.59
N ALA D 440 3.25 26.20 14.32
CA ALA D 440 2.01 25.97 13.62
C ALA D 440 2.21 25.56 12.14
N HIS D 441 3.19 26.14 11.46
CA HIS D 441 3.57 25.69 10.10
C HIS D 441 3.96 24.21 10.08
N GLN D 442 4.65 23.78 11.12
CA GLN D 442 5.13 22.41 11.18
C GLN D 442 4.00 21.40 11.38
N VAL D 443 2.92 21.79 12.07
CA VAL D 443 1.72 20.96 12.16
C VAL D 443 1.01 20.94 10.81
N ALA D 444 0.92 22.14 10.19
CA ALA D 444 0.26 22.32 8.92
C ALA D 444 0.79 21.42 7.83
N ARG D 445 2.12 21.22 7.78
CA ARG D 445 2.69 20.45 6.69
C ARG D 445 2.28 18.96 6.72
N TYR D 446 1.75 18.47 7.84
CA TYR D 446 1.24 17.09 7.92
C TYR D 446 -0.25 16.96 7.66
N ARG D 447 -0.90 18.10 7.36
CA ARG D 447 -2.24 18.11 6.77
C ARG D 447 -3.29 17.39 7.60
N PRO D 448 -3.44 17.80 8.87
CA PRO D 448 -4.48 17.24 9.68
C PRO D 448 -5.87 17.62 9.14
N ARG D 449 -6.86 16.85 9.45
CA ARG D 449 -8.22 17.24 9.11
CA ARG D 449 -8.24 17.21 9.16
C ARG D 449 -8.64 18.35 10.09
N ALA D 450 -8.20 18.26 11.33
CA ALA D 450 -8.61 19.21 12.37
C ALA D 450 -8.04 20.59 12.11
N PRO D 451 -8.83 21.64 12.38
CA PRO D 451 -8.26 22.99 12.27
C PRO D 451 -7.15 23.22 13.30
N ILE D 452 -6.19 24.05 12.92
CA ILE D 452 -5.05 24.38 13.77
C ILE D 452 -5.27 25.82 14.21
N ILE D 453 -5.60 26.03 15.47
CA ILE D 453 -5.79 27.35 16.06
C ILE D 453 -4.40 27.80 16.56
N ALA D 454 -3.79 28.72 15.84
CA ALA D 454 -2.48 29.24 16.20
C ALA D 454 -2.66 30.51 17.05
N VAL D 455 -2.34 30.42 18.34
CA VAL D 455 -2.48 31.53 19.29
C VAL D 455 -1.15 32.20 19.43
N THR D 456 -1.14 33.49 19.07
CA THR D 456 0.06 34.34 19.10
C THR D 456 -0.30 35.73 19.65
N ARG D 457 0.68 36.37 20.27
CA ARG D 457 0.59 37.77 20.64
C ARG D 457 1.13 38.67 19.51
N ASN D 458 1.70 38.08 18.48
CA ASN D 458 2.41 38.84 17.46
C ASN D 458 1.45 39.11 16.29
N PRO D 459 1.05 40.39 16.07
CA PRO D 459 0.05 40.71 15.04
C PRO D 459 0.48 40.28 13.63
N GLN D 460 1.74 40.49 13.28
CA GLN D 460 2.27 40.06 11.99
C GLN D 460 2.23 38.53 11.80
N THR D 461 2.66 37.79 12.80
CA THR D 461 2.54 36.36 12.79
C THR D 461 1.09 35.95 12.51
N ALA D 462 0.14 36.62 13.16
CA ALA D 462 -1.28 36.27 13.05
C ALA D 462 -1.77 36.46 11.60
N ARG D 463 -1.26 37.51 10.96
CA ARG D 463 -1.62 37.80 9.56
C ARG D 463 -0.98 36.84 8.54
N GLN D 464 0.30 36.57 8.76
CA GLN D 464 1.07 35.74 7.87
C GLN D 464 0.64 34.24 7.91
N ALA D 465 0.03 33.80 9.02
CA ALA D 465 -0.33 32.40 9.16
C ALA D 465 -1.40 31.96 8.16
N HIS D 466 -2.12 32.93 7.57
CA HIS D 466 -3.17 32.64 6.61
C HIS D 466 -2.66 31.95 5.35
N LEU D 467 -1.36 32.04 5.12
CA LEU D 467 -0.73 31.43 3.99
C LEU D 467 -0.73 29.89 4.07
N TYR D 468 -0.94 29.33 5.27
CA TYR D 468 -0.78 27.90 5.51
C TYR D 468 -2.12 27.20 5.67
N ARG D 469 -2.29 26.11 4.91
CA ARG D 469 -3.50 25.32 4.98
C ARG D 469 -3.74 24.89 6.42
N GLY D 470 -4.95 25.14 6.90
CA GLY D 470 -5.41 24.61 8.19
C GLY D 470 -5.25 25.56 9.37
N ILE D 471 -4.47 26.62 9.21
CA ILE D 471 -4.16 27.51 10.31
C ILE D 471 -5.19 28.62 10.41
N PHE D 472 -5.78 28.69 11.61
CA PHE D 472 -6.74 29.72 11.96
CA PHE D 472 -6.73 29.76 11.96
C PHE D 472 -6.04 30.59 13.01
N PRO D 473 -5.40 31.67 12.58
CA PRO D 473 -4.67 32.47 13.56
C PRO D 473 -5.54 33.29 14.49
N VAL D 474 -5.19 33.31 15.78
CA VAL D 474 -5.90 34.17 16.70
C VAL D 474 -4.87 35.01 17.47
N LEU D 475 -5.23 36.27 17.67
CA LEU D 475 -4.37 37.25 18.27
C LEU D 475 -4.81 37.49 19.71
N CYS D 476 -4.04 36.97 20.64
CA CYS D 476 -4.34 37.15 22.04
C CYS D 476 -3.94 38.57 22.45
N LYS D 477 -4.85 39.29 23.08
CA LYS D 477 -4.58 40.67 23.52
C LYS D 477 -4.54 40.73 25.07
N ASP D 478 -4.67 39.57 25.74
CA ASP D 478 -4.71 39.55 27.19
C ASP D 478 -3.37 39.98 27.79
N PRO D 479 -3.41 40.56 29.00
CA PRO D 479 -2.14 40.92 29.62
C PRO D 479 -1.37 39.66 30.02
N VAL D 480 -0.05 39.72 29.88
CA VAL D 480 0.83 38.65 30.32
C VAL D 480 0.59 38.33 31.80
N GLN D 481 0.30 37.08 32.15
CA GLN D 481 0.11 36.71 33.57
C GLN D 481 1.45 36.57 34.26
N GLU D 482 1.44 36.52 35.58
CA GLU D 482 2.67 36.68 36.36
C GLU D 482 3.51 35.39 36.45
N ALA D 483 2.83 34.23 36.46
CA ALA D 483 3.53 32.98 36.34
C ALA D 483 3.41 32.54 34.86
N TRP D 484 4.56 32.20 34.26
CA TRP D 484 4.61 31.77 32.88
C TRP D 484 3.62 30.64 32.56
N ALA D 485 3.57 29.60 33.40
CA ALA D 485 2.64 28.47 33.21
C ALA D 485 1.18 28.92 33.15
N GLU D 486 0.82 29.88 33.98
CA GLU D 486 -0.50 30.51 33.93
C GLU D 486 -0.71 31.37 32.68
N ASP D 487 0.32 32.03 32.18
CA ASP D 487 0.21 32.77 30.92
C ASP D 487 0.05 31.82 29.73
N VAL D 488 0.69 30.66 29.80
CA VAL D 488 0.51 29.61 28.80
C VAL D 488 -0.95 29.11 28.79
N ASP D 489 -1.47 28.74 29.94
CA ASP D 489 -2.84 28.28 30.11
C ASP D 489 -3.92 29.30 29.76
N LEU D 490 -3.70 30.58 30.07
CA LEU D 490 -4.62 31.63 29.64
C LEU D 490 -4.74 31.69 28.11
N ARG D 491 -3.61 31.58 27.40
CA ARG D 491 -3.64 31.51 25.92
C ARG D 491 -4.32 30.24 25.36
N VAL D 492 -4.08 29.11 26.01
CA VAL D 492 -4.78 27.88 25.69
C VAL D 492 -6.28 28.10 25.86
N ASN D 493 -6.68 28.63 27.00
CA ASN D 493 -8.09 28.87 27.24
C ASN D 493 -8.69 29.88 26.23
N PHE D 494 -7.90 30.88 25.86
CA PHE D 494 -8.36 31.78 24.83
C PHE D 494 -8.70 31.02 23.54
N ALA D 495 -7.86 30.06 23.16
CA ALA D 495 -8.13 29.27 21.97
C ALA D 495 -9.34 28.37 22.15
N MET D 496 -9.56 27.86 23.36
CA MET D 496 -10.83 27.16 23.64
C MET D 496 -12.05 28.06 23.43
N ASN D 497 -11.97 29.31 23.87
CA ASN D 497 -13.08 30.23 23.71
C ASN D 497 -13.31 30.61 22.24
N VAL D 498 -12.25 30.73 21.45
CA VAL D 498 -12.39 31.00 20.02
C VAL D 498 -13.09 29.83 19.29
N GLY D 499 -12.61 28.62 19.53
CA GLY D 499 -13.21 27.42 18.94
C GLY D 499 -14.69 27.22 19.28
N LYS D 500 -15.04 27.47 20.53
CA LYS D 500 -16.45 27.37 20.96
C LYS D 500 -17.33 28.49 20.37
N ALA D 501 -16.76 29.68 20.26
CA ALA D 501 -17.49 30.83 19.74
C ALA D 501 -17.72 30.68 18.25
N ARG D 502 -16.78 30.08 17.56
CA ARG D 502 -16.90 29.93 16.11
CA ARG D 502 -16.87 29.95 16.11
C ARG D 502 -17.48 28.61 15.69
N GLY D 503 -17.96 27.81 16.67
CA GLY D 503 -18.59 26.54 16.38
C GLY D 503 -17.67 25.42 15.88
N PHE D 504 -16.38 25.49 16.15
CA PHE D 504 -15.45 24.44 15.71
C PHE D 504 -15.56 23.21 16.60
N PHE D 505 -15.96 23.41 17.86
CA PHE D 505 -16.09 22.34 18.81
C PHE D 505 -16.88 22.86 19.98
N LYS D 506 -17.16 22.00 20.95
CA LYS D 506 -17.89 22.38 22.11
C LYS D 506 -17.37 21.61 23.29
N LYS D 507 -17.87 21.97 24.45
CA LYS D 507 -17.50 21.33 25.71
C LYS D 507 -17.58 19.80 25.63
N GLY D 508 -16.55 19.13 26.14
CA GLY D 508 -16.43 17.69 26.02
C GLY D 508 -15.73 17.16 24.77
N ASP D 509 -15.64 17.94 23.70
CA ASP D 509 -14.80 17.55 22.56
C ASP D 509 -13.30 17.47 22.97
N VAL D 510 -12.52 16.64 22.29
CA VAL D 510 -11.13 16.52 22.66
C VAL D 510 -10.34 17.30 21.65
N VAL D 511 -9.38 18.06 22.14
CA VAL D 511 -8.45 18.83 21.33
C VAL D 511 -7.00 18.50 21.71
N ILE D 512 -6.07 18.73 20.77
CA ILE D 512 -4.66 18.54 20.97
C ILE D 512 -4.07 19.91 21.21
N VAL D 513 -3.19 20.01 22.19
CA VAL D 513 -2.62 21.29 22.57
C VAL D 513 -1.11 21.19 22.55
N LEU D 514 -0.50 22.09 21.81
CA LEU D 514 0.92 22.12 21.66
C LEU D 514 1.56 23.34 22.33
N THR D 515 2.52 23.08 23.22
CA THR D 515 3.24 24.12 23.92
C THR D 515 4.74 23.75 24.03
N GLY D 516 5.53 24.68 24.58
CA GLY D 516 6.96 24.44 24.81
C GLY D 516 7.36 24.44 26.28
N TRP D 517 8.63 24.15 26.55
CA TRP D 517 9.07 23.93 27.93
C TRP D 517 9.65 25.22 28.56
N ARG D 518 9.88 26.23 27.72
CA ARG D 518 10.35 27.54 28.15
C ARG D 518 9.89 28.63 27.16
N PRO D 519 9.85 29.89 27.60
CA PRO D 519 9.47 30.94 26.67
C PRO D 519 10.43 31.17 25.49
N GLY D 520 9.97 31.91 24.50
CA GLY D 520 10.77 32.23 23.33
C GLY D 520 10.62 31.20 22.23
N SER D 521 10.97 31.55 20.99
CA SER D 521 10.79 30.65 19.84
C SER D 521 11.73 29.47 19.84
N GLY D 522 11.26 28.33 19.29
CA GLY D 522 12.14 27.21 18.97
C GLY D 522 12.05 26.09 20.01
N PHE D 523 11.16 26.20 20.99
CA PHE D 523 11.14 25.22 22.08
C PHE D 523 9.87 24.37 22.21
N THR D 524 9.06 24.32 21.17
CA THR D 524 7.79 23.53 21.22
C THR D 524 8.14 22.03 21.29
N ASN D 525 7.67 21.35 22.33
CA ASN D 525 8.05 19.94 22.61
C ASN D 525 7.02 19.14 23.43
N THR D 526 5.84 19.73 23.63
CA THR D 526 4.86 19.25 24.58
C THR D 526 3.51 19.21 23.85
N MET D 527 2.95 18.01 23.81
CA MET D 527 1.69 17.77 23.19
C MET D 527 0.80 17.20 24.28
N ARG D 528 -0.38 17.77 24.46
CA ARG D 528 -1.36 17.17 25.41
C ARG D 528 -2.71 16.97 24.76
N VAL D 529 -3.43 15.96 25.21
CA VAL D 529 -4.77 15.67 24.72
C VAL D 529 -5.74 16.06 25.85
N VAL D 530 -6.57 17.05 25.59
CA VAL D 530 -7.42 17.60 26.63
C VAL D 530 -8.87 17.78 26.17
N PRO D 531 -9.84 17.54 27.06
CA PRO D 531 -11.23 17.89 26.81
C PRO D 531 -11.44 19.40 26.77
N VAL D 532 -12.33 19.88 25.92
CA VAL D 532 -12.72 21.28 25.91
C VAL D 532 -13.58 21.49 27.17
N PRO D 533 -13.32 22.57 27.96
CA PRO D 533 -14.13 22.78 29.19
C PRO D 533 -15.47 23.52 28.92
#